data_5C3J
#
_entry.id   5C3J
#
_cell.length_a   123.750
_cell.length_b   126.827
_cell.length_c   220.449
_cell.angle_alpha   90.00
_cell.angle_beta   90.00
_cell.angle_gamma   90.00
#
_symmetry.space_group_name_H-M   'P 21 21 21'
#
loop_
_entity.id
_entity.type
_entity.pdbx_description
1 polymer 'Succinate dehydrogenase [ubiquinone] flavoprotein subunit, mitochondrial'
2 polymer 'Succinate dehydrogenase [ubiquinone] iron-sulfur subunit, mitochondrial'
3 polymer 'Cytochrome b-large subunit'
4 polymer 'Succinate dehydrogenase [ubiquinone] cytochrome b small subunit, mitochondrial'
5 non-polymer 'MALONATE ION'
6 non-polymer 'FLAVIN-ADENINE DINUCLEOTIDE'
7 non-polymer 'FE2/S2 (INORGANIC) CLUSTER'
8 non-polymer 'IRON/SULFUR CLUSTER'
9 non-polymer 'FE3-S4 CLUSTER'
10 non-polymer 'PROTOPORPHYRIN IX CONTAINING FE'
11 non-polymer UBIQUINONE-1
12 non-polymer L-ALPHA-PHOSPHATIDYL-BETA-OLEOYL-GAMMA-PALMITOYL-PHOSPHATIDYLETHANOLAMINE
#
loop_
_entity_poly.entity_id
_entity_poly.type
_entity_poly.pdbx_seq_one_letter_code
_entity_poly.pdbx_strand_id
1 'polypeptide(L)'
;MLRAVRALICRIGARRTLSVSSSRLDVSTSNIAQYKVIDHAYDVVIIGAGGAGLRAAMGLGEAGFKTAVVTKMFPTRSHT
TAAQGGINAALGSMNPDDWKWHFYDTVKGSDWLGDQNAMHYLTRNAVEAVTELENFGMPFSRTPEGKIYQRSFGGQSNNY
GKGGVAKRTCCVADRTGHSMLHTLYGNSLRCHCTFFIEYFALDLLMDKGRCVGVIALCLEDGTIHRFRSKRTIVATGGYG
RAYFSCTTAHMNTGDGTALATRAGIALEDLEFIQFHPTGIYGVGCLITEGSRGEGGFLVNSEGERFMERYAPKAKDLASR
DVVSRAETIEIMEGRGVGPEKDHIYLQLHHLPAEQLHQRLPGISETAKIFAGVDVTKEPIPVIPTVHYNMGGIPTNYKAQ
VIKYTKEGGDKIVPGLYACGECACHSVHGANRLGANSLLDAVVFGRACSINIKEELKPDEKIPELPEGAGEESIANLDAV
RYANGDVPTAELRLTMQKTMQKHAGVFRRGDILAEGVKKMMDLFKELKRLKTTDRSLIWNSDLTESLELQNLMLNATQTI
VAAENRKESRGAHARDDFPKREDEYDYSKPIEGQTKRPFEKHWRKHTLTKQDPRTGHITLDYRPVIDKTLDPAEVDWIPP
IIRSY
;
A,E
2 'polypeptide(L)'
;MLRGSTSVCRSLELVTQAARYASAATAAAPTGKRIKTFEIYRFNPEEPGAKPKLQKFDVDLDKCGTMVLDALIKIKNEVD
PTLTFRRSCREGICGSCAMNIAGENTLACICNIDQNTSKTTKIYPLPHMFVIKDLVPDMNLFYAQYASIQPWLQKKTKIN
LGEKQQYQSIKEQEKLDGLYECILCACCSASCPSYWWNADKYLGPAVLMQAYRWIIDSRDDSAAERLARMQDGFSAFKCH
TIMNCTKTCPKHLNPARAIGEIKMLLTKMKTKPAPLPTPANF
;
B,F
3 'polypeptide(L)'
;MSLLPYNATLCRVLRHNVKFIRSVQTSAARVSAEKTPIQVWGWDYLMRQRALKRPIAPHLTIYKPQMTWMVSGLHRVTGC
AMAGTLLIGGVGFSVLPLDFTTFVEFIRGLGIPWVILDTFKFIIAFPIAFHTLNGIRFIGFDMAKGTDIPSIYRGAYLVL
GLAALISLAVVVYPRWERHKKATLPTNH
;
C,G
4 'polypeptide(L)'
;MLSAVRRAIPLSARILRTSLIQRCAGATSAAVTGAAPPQFDPIAAEKGFKPLHSHGTLFKIERYFAAAMVPLIPAAYFIH
GREMDLCLALALTLHVHWGVWGVVNDYGRPFVLGDTLAAAVRVGAYIFTACLLAGLLYFNEHDVGLTRAFEMVWEL
;
D,H
#
loop_
_chem_comp.id
_chem_comp.type
_chem_comp.name
_chem_comp.formula
EPH non-polymer L-ALPHA-PHOSPHATIDYL-BETA-OLEOYL-GAMMA-PALMITOYL-PHOSPHATIDYLETHANOLAMINE 'C39 H68 N O8 P'
F3S non-polymer 'FE3-S4 CLUSTER' 'Fe3 S4'
FAD non-polymer 'FLAVIN-ADENINE DINUCLEOTIDE' 'C27 H33 N9 O15 P2'
FES non-polymer 'FE2/S2 (INORGANIC) CLUSTER' 'Fe2 S2'
HEM non-polymer 'PROTOPORPHYRIN IX CONTAINING FE' 'C34 H32 Fe N4 O4'
MLI non-polymer 'MALONATE ION' 'C3 H2 O4 -2'
SF4 non-polymer 'IRON/SULFUR CLUSTER' 'Fe4 S4'
UQ1 non-polymer UBIQUINONE-1 'C14 H18 O4'
#
# COMPACT_ATOMS: atom_id res chain seq x y z
N SER A 30 -14.29 18.76 34.54
CA SER A 30 -12.90 18.82 35.06
C SER A 30 -12.85 19.49 36.43
N ASN A 31 -14.00 19.63 37.10
CA ASN A 31 -14.17 20.67 38.11
C ASN A 31 -13.43 20.55 39.44
N ILE A 32 -13.41 19.36 40.06
CA ILE A 32 -12.67 19.23 41.35
C ILE A 32 -11.16 19.07 41.09
N ALA A 33 -10.75 17.97 40.45
CA ALA A 33 -9.32 17.64 40.31
C ALA A 33 -8.70 18.13 38.99
N GLN A 34 -7.39 17.89 38.85
CA GLN A 34 -6.63 18.28 37.67
C GLN A 34 -6.30 17.05 36.81
N TYR A 35 -6.34 17.24 35.49
CA TYR A 35 -6.20 16.13 34.52
C TYR A 35 -5.22 16.50 33.43
N LYS A 36 -4.26 15.62 33.17
CA LYS A 36 -3.21 15.90 32.19
C LYS A 36 -3.69 15.36 30.86
N VAL A 37 -3.94 16.26 29.91
CA VAL A 37 -4.49 15.85 28.62
C VAL A 37 -3.40 15.78 27.56
N ILE A 38 -3.32 14.65 26.88
CA ILE A 38 -2.29 14.45 25.87
C ILE A 38 -2.94 14.22 24.49
N ASP A 39 -2.42 14.89 23.46
CA ASP A 39 -3.03 14.86 22.15
C ASP A 39 -2.20 14.07 21.16
N HIS A 40 -2.89 13.24 20.37
CA HIS A 40 -2.28 12.37 19.39
C HIS A 40 -2.92 12.58 18.04
N ALA A 41 -2.22 12.18 16.98
CA ALA A 41 -2.70 12.40 15.62
C ALA A 41 -2.43 11.20 14.71
N TYR A 42 -3.49 10.43 14.44
CA TYR A 42 -3.37 9.22 13.65
C TYR A 42 -4.32 9.28 12.46
N ASP A 43 -3.97 8.56 11.40
CA ASP A 43 -4.86 8.42 10.26
C ASP A 43 -6.14 7.75 10.73
N VAL A 44 -5.98 6.54 11.29
CA VAL A 44 -7.11 5.78 11.81
C VAL A 44 -6.82 5.24 13.22
N VAL A 45 -7.90 5.10 13.99
CA VAL A 45 -7.85 4.69 15.39
C VAL A 45 -8.84 3.55 15.60
N ILE A 46 -8.32 2.38 15.96
CA ILE A 46 -9.15 1.22 16.18
C ILE A 46 -9.39 1.11 17.67
N ILE A 47 -10.66 1.15 18.09
CA ILE A 47 -10.99 0.79 19.48
C ILE A 47 -11.28 -0.71 19.57
N GLY A 48 -10.28 -1.43 20.06
CA GLY A 48 -10.43 -2.83 20.39
C GLY A 48 -9.35 -3.62 19.73
N ALA A 49 -8.99 -4.73 20.35
CA ALA A 49 -7.95 -5.61 19.78
C ALA A 49 -8.28 -7.08 19.99
N GLY A 50 -9.53 -7.44 19.75
CA GLY A 50 -9.90 -8.83 19.57
C GLY A 50 -9.67 -9.23 18.13
N GLY A 51 -10.37 -10.26 17.68
CA GLY A 51 -10.26 -10.68 16.28
C GLY A 51 -10.56 -9.53 15.33
N ALA A 52 -11.69 -8.88 15.52
CA ALA A 52 -12.09 -7.88 14.57
C ALA A 52 -11.06 -6.78 14.52
N GLY A 53 -10.79 -6.16 15.68
CA GLY A 53 -9.92 -5.00 15.77
C GLY A 53 -8.53 -5.24 15.24
N LEU A 54 -7.94 -6.38 15.59
CA LEU A 54 -6.59 -6.68 15.15
C LEU A 54 -6.54 -6.89 13.66
N ARG A 55 -7.58 -7.50 13.10
CA ARG A 55 -7.61 -7.73 11.68
C ARG A 55 -7.64 -6.40 10.92
N ALA A 56 -8.48 -5.47 11.34
CA ALA A 56 -8.50 -4.13 10.73
C ALA A 56 -7.11 -3.53 10.83
N ALA A 57 -6.53 -3.63 12.01
CA ALA A 57 -5.20 -3.08 12.26
C ALA A 57 -4.14 -3.64 11.30
N MET A 58 -4.20 -4.93 11.00
CA MET A 58 -3.25 -5.52 10.04
C MET A 58 -3.38 -4.92 8.65
N GLY A 59 -4.55 -5.05 8.03
CA GLY A 59 -4.82 -4.49 6.71
C GLY A 59 -4.40 -3.04 6.58
N LEU A 60 -4.79 -2.21 7.55
CA LEU A 60 -4.42 -0.79 7.57
C LEU A 60 -2.94 -0.54 7.79
N GLY A 61 -2.31 -1.40 8.58
CA GLY A 61 -0.92 -1.24 8.93
C GLY A 61 -0.08 -1.50 7.71
N GLU A 62 -0.34 -2.61 7.04
CA GLU A 62 0.45 -3.00 5.87
C GLU A 62 0.04 -2.19 4.63
N ALA A 63 -1.06 -1.44 4.71
CA ALA A 63 -1.40 -0.45 3.69
C ALA A 63 -0.88 0.96 4.07
N GLY A 64 0.22 0.99 4.82
CA GLY A 64 0.92 2.24 5.09
C GLY A 64 0.30 3.27 6.02
N PHE A 65 -0.92 3.05 6.52
CA PHE A 65 -1.58 4.04 7.37
C PHE A 65 -0.99 4.12 8.76
N LYS A 66 -0.95 5.32 9.31
CA LYS A 66 -0.55 5.53 10.70
C LYS A 66 -1.74 5.11 11.56
N THR A 67 -1.61 3.98 12.25
CA THR A 67 -2.73 3.33 12.89
C THR A 67 -2.52 3.19 14.38
N ALA A 68 -3.42 3.76 15.17
CA ALA A 68 -3.41 3.59 16.63
C ALA A 68 -4.39 2.49 17.07
N VAL A 69 -3.91 1.55 17.89
CA VAL A 69 -4.83 0.59 18.51
C VAL A 69 -5.01 0.87 20.01
N VAL A 70 -6.22 1.27 20.37
CA VAL A 70 -6.59 1.57 21.73
C VAL A 70 -7.40 0.40 22.27
N THR A 71 -6.95 -0.16 23.38
CA THR A 71 -7.63 -1.29 23.99
C THR A 71 -7.46 -1.26 25.48
N LYS A 72 -8.51 -1.62 26.19
CA LYS A 72 -8.50 -1.51 27.64
C LYS A 72 -7.84 -2.70 28.31
N MET A 73 -7.43 -3.69 27.53
CA MET A 73 -6.59 -4.76 28.07
C MET A 73 -5.57 -5.18 27.02
N PHE A 74 -4.57 -5.93 27.42
CA PHE A 74 -3.58 -6.41 26.45
C PHE A 74 -4.34 -7.32 25.49
N PRO A 75 -4.06 -7.26 24.16
CA PRO A 75 -4.98 -7.78 23.14
C PRO A 75 -5.28 -9.26 23.25
N THR A 76 -4.30 -10.01 23.71
CA THR A 76 -4.45 -11.43 23.90
C THR A 76 -5.52 -11.75 24.93
N ARG A 77 -5.80 -10.84 25.84
CA ARG A 77 -6.77 -11.09 26.90
C ARG A 77 -8.22 -10.95 26.40
N SER A 78 -8.41 -10.24 25.29
CA SER A 78 -9.72 -10.07 24.65
C SER A 78 -10.47 -11.39 24.59
N HIS A 79 -11.79 -11.29 24.47
CA HIS A 79 -12.65 -12.45 24.54
C HIS A 79 -12.59 -13.42 23.36
N THR A 80 -12.32 -12.91 22.16
CA THR A 80 -11.99 -13.78 21.04
C THR A 80 -11.14 -14.97 21.49
N THR A 81 -10.26 -14.75 22.46
CA THR A 81 -9.32 -15.79 22.94
C THR A 81 -10.00 -16.94 23.65
N ALA A 82 -11.19 -16.70 24.19
CA ALA A 82 -11.98 -17.75 24.83
C ALA A 82 -12.73 -18.63 23.84
N ALA A 83 -12.88 -18.14 22.61
CA ALA A 83 -13.63 -18.90 21.62
C ALA A 83 -13.07 -20.30 21.42
N GLN A 84 -13.96 -21.28 21.39
CA GLN A 84 -13.60 -22.69 21.42
C GLN A 84 -13.86 -23.40 20.11
N GLY A 85 -15.11 -23.36 19.66
CA GLY A 85 -15.63 -24.32 18.68
C GLY A 85 -15.11 -24.29 17.25
N GLY A 86 -14.94 -23.12 16.67
CA GLY A 86 -14.50 -23.06 15.29
C GLY A 86 -14.87 -21.79 14.55
N ILE A 87 -14.49 -21.78 13.27
CA ILE A 87 -14.75 -20.66 12.38
C ILE A 87 -15.25 -21.23 11.07
N ASN A 88 -16.35 -20.70 10.56
CA ASN A 88 -17.00 -21.32 9.43
C ASN A 88 -16.45 -20.89 8.08
N ALA A 89 -16.20 -21.87 7.24
CA ALA A 89 -15.91 -21.61 5.84
C ALA A 89 -16.04 -22.90 5.06
N ALA A 90 -16.63 -22.78 3.87
CA ALA A 90 -16.86 -23.90 2.97
C ALA A 90 -15.55 -24.29 2.25
N LEU A 91 -14.64 -24.91 3.00
CA LEU A 91 -13.36 -25.34 2.45
C LEU A 91 -13.52 -26.64 1.69
N GLY A 92 -14.46 -27.46 2.15
CA GLY A 92 -14.63 -28.79 1.62
C GLY A 92 -13.46 -29.69 1.96
N SER A 93 -12.86 -29.52 3.12
CA SER A 93 -11.82 -30.42 3.58
C SER A 93 -12.34 -31.85 3.82
N MET A 94 -13.54 -31.97 4.40
CA MET A 94 -14.09 -33.26 4.82
C MET A 94 -15.08 -33.89 3.81
N ASN A 95 -15.66 -33.05 2.96
CA ASN A 95 -16.67 -33.46 1.97
C ASN A 95 -16.95 -32.26 1.09
N PRO A 96 -17.62 -32.46 -0.06
CA PRO A 96 -17.85 -31.26 -0.90
C PRO A 96 -18.72 -30.18 -0.21
N ASP A 97 -18.59 -28.94 -0.66
CA ASP A 97 -19.32 -27.83 -0.02
C ASP A 97 -19.39 -26.66 -0.98
N ASP A 98 -20.31 -25.75 -0.72
CA ASP A 98 -20.53 -24.61 -1.57
C ASP A 98 -20.76 -23.41 -0.63
N TRP A 99 -20.10 -22.30 -0.89
CA TRP A 99 -20.28 -21.14 -0.04
C TRP A 99 -21.74 -20.67 -0.03
N LYS A 100 -22.50 -21.00 -1.07
CA LYS A 100 -23.91 -20.64 -1.13
C LYS A 100 -24.75 -21.41 -0.10
N TRP A 101 -24.41 -22.67 0.15
CA TRP A 101 -25.14 -23.48 1.15
C TRP A 101 -24.92 -22.92 2.56
N HIS A 102 -23.76 -22.29 2.73
CA HIS A 102 -23.40 -21.60 3.94
C HIS A 102 -24.13 -20.25 4.00
N PHE A 103 -24.23 -19.56 2.87
CA PHE A 103 -25.02 -18.34 2.83
C PHE A 103 -26.48 -18.67 3.20
N TYR A 104 -27.03 -19.74 2.62
CA TYR A 104 -28.39 -20.17 2.96
C TYR A 104 -28.56 -20.33 4.46
N ASP A 105 -27.71 -21.20 5.02
CA ASP A 105 -27.80 -21.55 6.44
C ASP A 105 -27.70 -20.36 7.36
N THR A 106 -26.86 -19.39 6.99
CA THR A 106 -26.77 -18.14 7.73
C THR A 106 -28.11 -17.42 7.72
N VAL A 107 -28.75 -17.31 6.55
CA VAL A 107 -29.96 -16.51 6.43
C VAL A 107 -31.12 -17.14 7.21
N LYS A 108 -31.37 -18.42 6.97
CA LYS A 108 -32.36 -19.17 7.76
C LYS A 108 -32.07 -19.05 9.27
N GLY A 109 -30.80 -19.12 9.64
CA GLY A 109 -30.42 -18.92 11.03
C GLY A 109 -30.88 -17.57 11.54
N SER A 110 -30.74 -16.54 10.71
CA SER A 110 -31.05 -15.20 11.14
C SER A 110 -32.56 -14.95 11.25
N ASP A 111 -33.36 -15.95 10.91
CA ASP A 111 -34.82 -15.87 10.96
C ASP A 111 -35.35 -14.67 10.17
N TRP A 112 -34.70 -14.44 9.03
CA TRP A 112 -35.06 -13.38 8.08
C TRP A 112 -35.09 -11.96 8.62
N LEU A 113 -34.29 -11.74 9.66
CA LEU A 113 -34.00 -10.41 10.15
C LEU A 113 -32.60 -10.00 9.67
N GLY A 114 -31.82 -10.96 9.20
CA GLY A 114 -30.47 -10.67 8.73
C GLY A 114 -30.49 -9.86 7.44
N ASP A 115 -29.47 -9.04 7.25
CA ASP A 115 -29.37 -8.27 6.01
C ASP A 115 -28.56 -9.09 5.01
N GLN A 116 -29.18 -9.38 3.87
CA GLN A 116 -28.65 -10.38 2.94
C GLN A 116 -27.44 -9.88 2.13
N ASN A 117 -27.38 -8.57 1.85
CA ASN A 117 -26.13 -8.00 1.34
C ASN A 117 -24.92 -8.35 2.21
N ALA A 118 -25.11 -8.22 3.52
CA ALA A 118 -24.03 -8.39 4.47
C ALA A 118 -23.77 -9.86 4.73
N MET A 119 -24.82 -10.67 4.75
CA MET A 119 -24.62 -12.13 4.91
C MET A 119 -23.95 -12.72 3.67
N HIS A 120 -24.17 -12.07 2.52
CA HIS A 120 -23.61 -12.51 1.25
C HIS A 120 -22.11 -12.27 1.36
N TYR A 121 -21.74 -11.01 1.53
CA TYR A 121 -20.34 -10.62 1.70
C TYR A 121 -19.63 -11.47 2.73
N LEU A 122 -20.33 -11.83 3.82
CA LEU A 122 -19.73 -12.67 4.84
C LEU A 122 -19.27 -13.99 4.23
N THR A 123 -20.22 -14.70 3.65
CA THR A 123 -20.03 -16.09 3.24
C THR A 123 -19.25 -16.23 1.92
N ARG A 124 -19.46 -15.29 1.00
CA ARG A 124 -18.61 -15.18 -0.19
C ARG A 124 -17.13 -15.18 0.21
N ASN A 125 -16.80 -14.36 1.22
CA ASN A 125 -15.42 -14.16 1.63
C ASN A 125 -14.87 -15.15 2.66
N ALA A 126 -15.72 -16.03 3.20
CA ALA A 126 -15.33 -16.88 4.30
C ALA A 126 -14.14 -17.79 4.01
N VAL A 127 -14.04 -18.27 2.78
CA VAL A 127 -12.95 -19.18 2.42
C VAL A 127 -11.60 -18.44 2.30
N GLU A 128 -11.61 -17.25 1.73
CA GLU A 128 -10.41 -16.44 1.64
C GLU A 128 -9.96 -16.00 3.06
N ALA A 129 -10.92 -15.57 3.87
CA ALA A 129 -10.62 -15.06 5.20
C ALA A 129 -9.94 -16.09 6.07
N VAL A 130 -10.46 -17.32 6.06
CA VAL A 130 -9.89 -18.42 6.85
C VAL A 130 -8.54 -18.92 6.32
N THR A 131 -8.42 -19.03 5.01
CA THR A 131 -7.18 -19.43 4.39
C THR A 131 -6.12 -18.39 4.75
N GLU A 132 -6.48 -17.10 4.68
CA GLU A 132 -5.58 -16.05 5.17
C GLU A 132 -5.07 -16.37 6.57
N LEU A 133 -5.96 -16.76 7.47
CA LEU A 133 -5.57 -17.12 8.83
C LEU A 133 -4.48 -18.17 8.85
N GLU A 134 -4.71 -19.26 8.11
CA GLU A 134 -3.76 -20.37 8.04
C GLU A 134 -2.45 -19.87 7.47
N ASN A 135 -2.54 -19.08 6.42
CA ASN A 135 -1.37 -18.50 5.77
C ASN A 135 -0.63 -17.54 6.70
N PHE A 136 -1.35 -16.89 7.61
CA PHE A 136 -0.74 -16.11 8.70
C PHE A 136 -0.02 -16.97 9.75
N GLY A 137 -0.24 -18.28 9.72
CA GLY A 137 0.42 -19.18 10.68
C GLY A 137 -0.48 -19.84 11.72
N MET A 138 -1.79 -19.57 11.68
CA MET A 138 -2.73 -20.25 12.60
C MET A 138 -2.68 -21.79 12.40
N PRO A 139 -2.38 -22.52 13.47
CA PRO A 139 -2.09 -23.95 13.42
C PRO A 139 -3.29 -24.89 13.41
N PHE A 140 -4.12 -24.82 12.37
CA PHE A 140 -5.36 -25.61 12.32
C PHE A 140 -5.04 -27.08 12.46
N SER A 141 -5.91 -27.79 13.19
CA SER A 141 -5.92 -29.25 13.19
C SER A 141 -6.11 -29.69 11.74
N ARG A 142 -5.59 -30.88 11.40
CA ARG A 142 -5.54 -31.30 9.98
C ARG A 142 -6.16 -32.67 9.68
N THR A 143 -6.44 -32.88 8.41
CA THR A 143 -6.95 -34.15 7.89
C THR A 143 -5.78 -35.03 7.44
N PRO A 144 -6.05 -36.33 7.14
CA PRO A 144 -4.98 -37.15 6.60
C PRO A 144 -4.43 -36.64 5.26
N GLU A 145 -5.27 -35.96 4.47
CA GLU A 145 -4.80 -35.29 3.24
C GLU A 145 -4.01 -34.00 3.54
N GLY A 146 -3.86 -33.64 4.81
CA GLY A 146 -3.10 -32.44 5.19
C GLY A 146 -3.82 -31.12 5.01
N LYS A 147 -5.14 -31.17 4.87
CA LYS A 147 -6.00 -29.99 4.76
C LYS A 147 -6.54 -29.66 6.15
N ILE A 148 -7.21 -28.50 6.28
CA ILE A 148 -7.79 -28.02 7.54
C ILE A 148 -8.96 -28.89 8.02
N TYR A 149 -8.83 -29.47 9.21
CA TYR A 149 -9.91 -30.29 9.78
C TYR A 149 -11.16 -29.44 10.00
N GLN A 150 -12.31 -30.05 9.76
CA GLN A 150 -13.59 -29.39 9.96
C GLN A 150 -14.55 -30.32 10.69
N ARG A 151 -15.27 -29.74 11.65
CA ARG A 151 -16.24 -30.49 12.41
C ARG A 151 -17.62 -29.95 12.11
N SER A 152 -18.63 -30.69 12.58
CA SER A 152 -20.01 -30.27 12.45
C SER A 152 -20.35 -29.40 13.64
N PHE A 153 -21.43 -28.66 13.50
CA PHE A 153 -21.76 -27.60 14.42
C PHE A 153 -23.25 -27.33 14.22
N GLY A 154 -23.91 -26.78 15.24
CA GLY A 154 -25.35 -26.51 15.20
C GLY A 154 -25.83 -25.53 14.13
N GLY A 155 -26.89 -25.93 13.43
CA GLY A 155 -27.58 -25.07 12.49
C GLY A 155 -27.11 -25.08 11.04
N GLN A 156 -26.31 -26.07 10.65
CA GLN A 156 -25.72 -26.08 9.30
C GLN A 156 -25.98 -27.35 8.49
N SER A 157 -26.10 -27.13 7.17
CA SER A 157 -26.57 -28.14 6.25
C SER A 157 -25.93 -27.98 4.87
N ASN A 158 -26.04 -29.03 4.06
CA ASN A 158 -25.68 -28.95 2.63
C ASN A 158 -26.95 -28.91 1.75
N ASN A 159 -26.79 -28.44 0.51
CA ASN A 159 -27.88 -28.46 -0.46
C ASN A 159 -29.07 -27.63 0.02
N TYR A 160 -28.78 -26.39 0.35
CA TYR A 160 -29.80 -25.43 0.75
C TYR A 160 -30.85 -26.03 1.70
N GLY A 161 -30.42 -26.63 2.80
CA GLY A 161 -31.33 -27.20 3.80
C GLY A 161 -31.75 -28.64 3.57
N LYS A 162 -31.69 -29.07 2.31
CA LYS A 162 -32.16 -30.40 1.93
C LYS A 162 -31.20 -31.51 2.41
N GLY A 163 -29.91 -31.32 2.20
CA GLY A 163 -28.89 -32.30 2.56
C GLY A 163 -28.80 -32.59 4.05
N GLY A 164 -27.69 -33.20 4.45
CA GLY A 164 -27.46 -33.57 5.84
C GLY A 164 -26.66 -32.53 6.58
N VAL A 165 -26.18 -32.91 7.77
CA VAL A 165 -25.38 -32.02 8.61
C VAL A 165 -24.07 -31.66 7.91
N ALA A 166 -23.78 -30.36 7.82
CA ALA A 166 -22.54 -29.88 7.20
C ALA A 166 -21.27 -30.19 8.02
N LYS A 167 -20.13 -30.14 7.36
CA LYS A 167 -18.84 -30.07 8.05
C LYS A 167 -18.06 -28.89 7.50
N ARG A 168 -18.36 -27.71 8.06
CA ARG A 168 -17.81 -26.45 7.58
C ARG A 168 -17.00 -25.72 8.63
N THR A 169 -16.98 -26.27 9.85
CA THR A 169 -16.54 -25.53 11.02
C THR A 169 -15.10 -25.92 11.30
N CYS A 170 -14.21 -25.00 10.92
CA CYS A 170 -12.77 -25.20 10.92
C CYS A 170 -12.23 -24.94 12.32
N CYS A 171 -11.46 -25.85 12.86
CA CYS A 171 -11.03 -25.78 14.23
C CYS A 171 -9.55 -26.01 14.50
N VAL A 172 -9.13 -25.60 15.67
CA VAL A 172 -7.86 -25.89 16.23
C VAL A 172 -8.29 -26.49 17.50
N ALA A 173 -8.87 -27.66 17.40
CA ALA A 173 -9.44 -28.38 18.51
C ALA A 173 -10.56 -27.64 19.16
N ASP A 174 -10.29 -27.30 20.39
CA ASP A 174 -11.24 -26.89 21.35
C ASP A 174 -10.85 -25.48 21.69
N ARG A 175 -10.00 -24.89 20.89
CA ARG A 175 -9.46 -23.56 21.23
C ARG A 175 -9.18 -22.71 20.00
N THR A 176 -10.11 -22.76 19.05
CA THR A 176 -9.97 -22.06 17.79
C THR A 176 -9.70 -20.56 17.98
N GLY A 177 -10.39 -19.94 18.93
CA GLY A 177 -10.30 -18.48 19.16
C GLY A 177 -8.94 -18.04 19.71
N HIS A 178 -8.39 -18.89 20.56
CA HIS A 178 -7.07 -18.66 21.13
C HIS A 178 -6.00 -18.65 20.05
N SER A 179 -5.98 -19.68 19.22
CA SER A 179 -5.07 -19.69 18.08
C SER A 179 -5.28 -18.47 17.19
N MET A 180 -6.53 -18.25 16.81
CA MET A 180 -6.82 -17.18 15.89
C MET A 180 -6.35 -15.84 16.46
N LEU A 181 -6.65 -15.61 17.74
CA LEU A 181 -6.26 -14.33 18.35
C LEU A 181 -4.74 -14.22 18.53
N HIS A 182 -4.08 -15.27 18.99
CA HIS A 182 -2.62 -15.20 19.06
C HIS A 182 -1.91 -15.02 17.70
N THR A 183 -2.43 -15.67 16.66
CA THR A 183 -1.95 -15.45 15.32
C THR A 183 -2.19 -14.00 14.88
N LEU A 184 -3.41 -13.50 15.07
CA LEU A 184 -3.71 -12.14 14.64
C LEU A 184 -2.90 -11.14 15.45
N TYR A 185 -2.67 -11.41 16.74
CA TYR A 185 -1.86 -10.50 17.53
C TYR A 185 -0.40 -10.47 17.01
N GLY A 186 0.25 -11.63 16.96
CA GLY A 186 1.62 -11.75 16.49
C GLY A 186 1.79 -11.14 15.11
N ASN A 187 0.90 -11.48 14.20
CA ASN A 187 0.99 -10.89 12.86
C ASN A 187 0.77 -9.39 12.85
N SER A 188 0.07 -8.86 13.84
CA SER A 188 -0.12 -7.42 13.92
C SER A 188 1.23 -6.76 14.23
N LEU A 189 2.14 -7.55 14.80
CA LEU A 189 3.45 -7.05 15.20
C LEU A 189 4.38 -6.72 14.04
N ARG A 190 4.07 -7.22 12.85
CA ARG A 190 4.87 -6.92 11.68
C ARG A 190 4.27 -5.81 10.79
N CYS A 191 3.15 -5.19 11.20
CA CYS A 191 2.52 -4.11 10.39
C CYS A 191 2.46 -2.77 11.11
N HIS A 192 3.50 -2.47 11.89
CA HIS A 192 3.74 -1.12 12.40
C HIS A 192 2.46 -0.37 12.78
N CYS A 193 1.63 -1.04 13.57
CA CYS A 193 0.55 -0.40 14.27
C CYS A 193 1.18 0.04 15.55
N THR A 194 0.60 1.04 16.19
CA THR A 194 1.16 1.54 17.44
C THR A 194 0.11 1.36 18.54
N PHE A 195 0.40 0.44 19.48
CA PHE A 195 -0.52 0.00 20.53
C PHE A 195 -0.56 0.89 21.77
N PHE A 196 -1.76 1.31 22.13
CA PHE A 196 -2.01 1.99 23.38
C PHE A 196 -2.79 1.04 24.28
N ILE A 197 -2.08 0.30 25.13
CA ILE A 197 -2.65 -0.82 25.90
C ILE A 197 -3.03 -0.42 27.32
N GLU A 198 -4.18 -0.94 27.76
CA GLU A 198 -4.77 -0.59 29.04
C GLU A 198 -5.03 0.90 29.01
N TYR A 199 -5.67 1.28 27.89
CA TYR A 199 -6.27 2.58 27.69
C TYR A 199 -7.77 2.36 27.57
N PHE A 200 -8.52 2.93 28.50
CA PHE A 200 -9.98 2.82 28.55
C PHE A 200 -10.67 3.92 27.74
N ALA A 201 -11.36 3.54 26.68
CA ALA A 201 -12.05 4.51 25.81
C ALA A 201 -13.27 5.15 26.50
N LEU A 202 -13.37 6.48 26.43
CA LEU A 202 -14.43 7.22 27.14
C LEU A 202 -15.52 7.68 26.20
N ASP A 203 -15.16 8.41 25.14
CA ASP A 203 -16.10 8.80 24.11
C ASP A 203 -15.42 8.93 22.74
N LEU A 204 -16.22 8.78 21.69
CA LEU A 204 -15.82 9.25 20.37
C LEU A 204 -15.75 10.78 20.46
N LEU A 205 -14.83 11.36 19.69
CA LEU A 205 -14.74 12.80 19.55
C LEU A 205 -15.53 13.22 18.30
N MET A 206 -16.73 13.77 18.53
CA MET A 206 -17.65 14.16 17.46
C MET A 206 -17.60 15.66 17.18
N ASP A 207 -17.77 16.02 15.91
CA ASP A 207 -17.69 17.41 15.47
C ASP A 207 -18.66 17.62 14.30
N LYS A 208 -19.87 18.08 14.62
CA LYS A 208 -20.91 18.34 13.62
C LYS A 208 -21.15 17.12 12.73
N GLY A 209 -21.49 16.01 13.39
CA GLY A 209 -21.93 14.79 12.71
C GLY A 209 -20.81 13.84 12.30
N ARG A 210 -19.57 14.30 12.39
CA ARG A 210 -18.42 13.51 11.98
C ARG A 210 -17.65 13.04 13.21
N CYS A 211 -17.10 11.83 13.15
CA CYS A 211 -16.19 11.35 14.18
C CYS A 211 -14.77 11.72 13.81
N VAL A 212 -14.07 12.40 14.73
CA VAL A 212 -12.71 12.85 14.48
C VAL A 212 -11.69 12.19 15.41
N GLY A 213 -12.16 11.28 16.25
CA GLY A 213 -11.27 10.42 17.02
C GLY A 213 -11.88 9.94 18.31
N VAL A 214 -11.02 9.63 19.28
CA VAL A 214 -11.44 9.00 20.52
C VAL A 214 -10.71 9.65 21.67
N ILE A 215 -11.39 9.76 22.82
CA ILE A 215 -10.77 10.21 24.07
C ILE A 215 -10.83 9.07 25.08
N ALA A 216 -9.71 8.86 25.78
CA ALA A 216 -9.50 7.67 26.63
C ALA A 216 -8.67 8.01 27.84
N LEU A 217 -8.77 7.16 28.86
CA LEU A 217 -8.00 7.29 30.08
C LEU A 217 -6.87 6.25 30.07
N CYS A 218 -5.64 6.66 30.41
CA CYS A 218 -4.50 5.73 30.49
C CYS A 218 -4.40 5.20 31.92
N LEU A 219 -4.53 3.89 32.09
CA LEU A 219 -4.62 3.30 33.42
C LEU A 219 -3.32 3.38 34.15
N GLU A 220 -2.23 3.34 33.39
CA GLU A 220 -0.88 3.27 33.97
C GLU A 220 -0.53 4.51 34.76
N ASP A 221 -0.81 5.66 34.17
CA ASP A 221 -0.35 6.94 34.72
C ASP A 221 -1.46 7.99 34.82
N GLY A 222 -2.72 7.60 34.76
CA GLY A 222 -3.82 8.54 34.96
C GLY A 222 -4.06 9.62 33.90
N THR A 223 -3.20 9.67 32.87
CA THR A 223 -3.34 10.66 31.81
C THR A 223 -4.60 10.45 30.94
N ILE A 224 -5.11 11.55 30.43
CA ILE A 224 -6.25 11.54 29.54
C ILE A 224 -5.73 11.80 28.13
N HIS A 225 -6.12 10.95 27.18
CA HIS A 225 -5.56 11.04 25.84
C HIS A 225 -6.62 11.29 24.79
N ARG A 226 -6.37 12.26 23.91
CA ARG A 226 -7.24 12.54 22.77
C ARG A 226 -6.54 12.12 21.46
N PHE A 227 -7.19 11.28 20.69
CA PHE A 227 -6.62 10.82 19.44
C PHE A 227 -7.42 11.49 18.32
N ARG A 228 -6.73 12.26 17.47
CA ARG A 228 -7.34 12.87 16.27
C ARG A 228 -7.16 11.86 15.17
N SER A 229 -8.24 11.52 14.50
CA SER A 229 -8.14 10.60 13.37
C SER A 229 -9.21 10.78 12.32
N LYS A 230 -8.76 10.76 11.06
CA LYS A 230 -9.67 10.73 9.92
C LYS A 230 -10.77 9.72 10.16
N ARG A 231 -10.36 8.47 10.44
CA ARG A 231 -11.29 7.39 10.72
C ARG A 231 -11.18 6.85 12.13
N THR A 232 -12.30 6.33 12.63
CA THR A 232 -12.36 5.63 13.90
C THR A 232 -13.12 4.32 13.70
N ILE A 233 -12.59 3.21 14.19
CA ILE A 233 -13.26 1.93 14.08
C ILE A 233 -13.62 1.44 15.49
N VAL A 234 -14.89 1.10 15.70
CA VAL A 234 -15.32 0.55 16.99
C VAL A 234 -15.33 -1.00 16.90
N ALA A 235 -14.50 -1.65 17.71
CA ALA A 235 -14.35 -3.09 17.66
C ALA A 235 -14.18 -3.64 19.08
N THR A 236 -15.14 -3.22 19.92
CA THR A 236 -15.11 -3.41 21.36
C THR A 236 -15.76 -4.69 21.88
N GLY A 237 -16.38 -5.50 21.03
CA GLY A 237 -17.03 -6.72 21.53
C GLY A 237 -18.46 -6.53 22.07
N GLY A 238 -18.88 -7.40 22.99
CA GLY A 238 -20.28 -7.50 23.45
C GLY A 238 -20.59 -6.98 24.85
N TYR A 239 -21.88 -7.03 25.24
CA TYR A 239 -22.35 -6.66 26.59
C TYR A 239 -22.97 -7.81 27.39
N GLY A 240 -22.46 -9.03 27.20
CA GLY A 240 -22.96 -10.18 27.98
C GLY A 240 -22.93 -10.00 29.49
N ARG A 241 -22.08 -9.13 29.99
CA ARG A 241 -21.96 -8.91 31.44
C ARG A 241 -23.14 -8.10 32.03
N ALA A 242 -24.13 -7.75 31.21
CA ALA A 242 -25.37 -7.13 31.69
C ALA A 242 -26.34 -8.16 32.36
N TYR A 243 -25.97 -9.44 32.31
CA TYR A 243 -26.79 -10.49 32.88
C TYR A 243 -26.07 -11.11 34.07
N PHE A 244 -26.80 -11.84 34.90
CA PHE A 244 -26.24 -12.40 36.13
C PHE A 244 -25.33 -13.56 35.81
N SER A 245 -25.67 -14.30 34.78
CA SER A 245 -24.91 -15.47 34.35
C SER A 245 -24.71 -15.40 32.82
N CYS A 246 -23.44 -15.51 32.43
CA CYS A 246 -23.04 -15.44 31.05
C CYS A 246 -21.73 -16.21 30.91
N THR A 247 -21.30 -16.41 29.67
CA THR A 247 -20.04 -17.10 29.40
C THR A 247 -18.95 -16.09 29.10
N THR A 248 -19.36 -14.82 29.00
CA THR A 248 -18.46 -13.74 28.57
C THR A 248 -17.43 -13.31 29.62
N ALA A 249 -16.43 -12.54 29.20
CA ALA A 249 -15.42 -12.01 30.12
C ALA A 249 -15.96 -10.82 30.90
N HIS A 250 -15.34 -10.57 32.05
CA HIS A 250 -15.71 -9.41 32.87
C HIS A 250 -15.59 -8.11 32.07
N MET A 251 -14.86 -8.14 30.96
CA MET A 251 -14.58 -6.94 30.18
C MET A 251 -15.64 -6.67 29.12
N ASN A 252 -16.60 -7.60 28.97
CA ASN A 252 -17.72 -7.45 28.04
C ASN A 252 -18.80 -6.53 28.61
N THR A 253 -18.48 -5.26 28.74
CA THR A 253 -19.36 -4.31 29.40
C THR A 253 -20.14 -3.41 28.45
N GLY A 254 -20.02 -3.62 27.15
CA GLY A 254 -20.79 -2.81 26.20
C GLY A 254 -20.38 -1.35 26.04
N ASP A 255 -19.13 -1.05 26.41
CA ASP A 255 -18.59 0.30 26.28
C ASP A 255 -18.74 0.83 24.88
N GLY A 256 -18.54 -0.03 23.88
CA GLY A 256 -18.55 0.42 22.49
C GLY A 256 -19.91 0.92 22.02
N THR A 257 -20.95 0.19 22.38
CA THR A 257 -22.31 0.57 22.03
C THR A 257 -22.73 1.76 22.90
N ALA A 258 -22.19 1.82 24.12
CA ALA A 258 -22.36 3.01 24.95
C ALA A 258 -21.65 4.24 24.34
N LEU A 259 -20.49 4.01 23.72
CA LEU A 259 -19.80 5.08 23.02
C LEU A 259 -20.70 5.69 21.95
N ALA A 260 -21.37 4.82 21.20
CA ALA A 260 -22.26 5.23 20.12
C ALA A 260 -23.51 5.93 20.66
N THR A 261 -24.10 5.36 21.72
CA THR A 261 -25.22 6.02 22.34
C THR A 261 -24.81 7.44 22.67
N ARG A 262 -23.78 7.57 23.49
CA ARG A 262 -23.29 8.90 23.90
C ARG A 262 -22.95 9.84 22.74
N ALA A 263 -22.68 9.30 21.56
CA ALA A 263 -22.36 10.09 20.37
C ALA A 263 -23.63 10.46 19.57
N GLY A 264 -24.79 10.12 20.11
CA GLY A 264 -26.05 10.33 19.41
C GLY A 264 -26.26 9.36 18.26
N ILE A 265 -26.11 8.07 18.51
CA ILE A 265 -26.36 7.07 17.48
C ILE A 265 -27.32 6.04 18.07
N ALA A 266 -28.29 5.60 17.26
CA ALA A 266 -29.23 4.57 17.71
C ALA A 266 -28.65 3.17 17.48
N LEU A 267 -28.86 2.29 18.45
CA LEU A 267 -28.38 0.91 18.39
C LEU A 267 -29.43 0.00 17.73
N GLU A 268 -29.04 -1.21 17.34
CA GLU A 268 -29.91 -2.06 16.55
C GLU A 268 -30.08 -3.45 17.13
N ASP A 269 -31.31 -3.93 17.16
CA ASP A 269 -31.64 -5.31 17.51
C ASP A 269 -31.07 -5.81 18.82
N LEU A 270 -31.02 -4.94 19.82
CA LEU A 270 -30.43 -5.28 21.12
C LEU A 270 -31.22 -6.33 21.90
N GLU A 271 -32.52 -6.48 21.61
CA GLU A 271 -33.31 -7.51 22.27
C GLU A 271 -32.87 -8.92 21.88
N PHE A 272 -32.12 -9.03 20.80
CA PHE A 272 -31.67 -10.34 20.34
C PHE A 272 -30.36 -10.77 21.03
N ILE A 273 -30.52 -11.59 22.05
CA ILE A 273 -29.46 -12.04 22.93
C ILE A 273 -29.32 -13.56 22.79
N GLN A 274 -28.15 -14.05 22.39
CA GLN A 274 -27.99 -15.48 22.23
C GLN A 274 -27.78 -16.14 23.57
N PHE A 275 -28.58 -17.16 23.85
CA PHE A 275 -28.34 -18.05 24.97
C PHE A 275 -27.73 -19.27 24.34
N HIS A 276 -26.45 -19.45 24.55
CA HIS A 276 -25.81 -20.67 24.12
C HIS A 276 -26.40 -21.77 25.01
N PRO A 277 -26.79 -22.91 24.41
CA PRO A 277 -27.41 -24.04 25.12
C PRO A 277 -26.64 -24.58 26.30
N THR A 278 -25.35 -24.84 26.11
CA THR A 278 -24.53 -25.50 27.12
C THR A 278 -23.42 -24.64 27.71
N GLY A 279 -23.79 -23.76 28.64
CA GLY A 279 -22.82 -23.20 29.59
C GLY A 279 -22.79 -24.13 30.80
N ILE A 280 -21.73 -24.11 31.60
CA ILE A 280 -21.68 -24.95 32.83
C ILE A 280 -22.65 -24.42 33.90
N TYR A 281 -23.35 -25.35 34.57
CA TYR A 281 -24.52 -25.03 35.40
C TYR A 281 -24.26 -24.02 36.52
N GLY A 282 -23.35 -24.35 37.43
CA GLY A 282 -23.11 -23.46 38.54
C GLY A 282 -22.43 -22.15 38.17
N VAL A 283 -21.63 -22.17 37.10
CA VAL A 283 -20.50 -21.24 36.99
C VAL A 283 -20.51 -20.35 35.75
N GLY A 284 -21.14 -20.80 34.67
CA GLY A 284 -21.34 -19.97 33.49
C GLY A 284 -20.40 -20.26 32.33
N CYS A 285 -19.24 -20.86 32.64
CA CYS A 285 -18.21 -21.27 31.65
C CYS A 285 -18.71 -22.01 30.43
N LEU A 286 -18.41 -21.50 29.24
CA LEU A 286 -18.84 -22.18 28.02
C LEU A 286 -18.34 -23.61 27.91
N ILE A 287 -19.24 -24.51 27.48
CA ILE A 287 -18.87 -25.79 26.85
C ILE A 287 -19.26 -25.77 25.36
N THR A 288 -18.32 -26.06 24.47
CA THR A 288 -18.51 -25.78 23.05
C THR A 288 -19.59 -26.64 22.36
N GLU A 289 -20.26 -26.04 21.39
CA GLU A 289 -21.16 -26.73 20.49
C GLU A 289 -20.42 -27.82 19.70
N GLY A 290 -19.10 -27.68 19.58
CA GLY A 290 -18.26 -28.74 19.03
C GLY A 290 -18.45 -30.05 19.76
N SER A 291 -18.74 -30.00 21.07
CA SER A 291 -19.03 -31.22 21.84
C SER A 291 -20.12 -32.00 21.15
N ARG A 292 -21.19 -31.29 20.75
CA ARG A 292 -22.30 -31.92 20.07
C ARG A 292 -21.96 -32.25 18.63
N GLY A 293 -21.27 -31.35 17.95
CA GLY A 293 -20.80 -31.61 16.59
C GLY A 293 -20.00 -32.88 16.46
N GLU A 294 -19.23 -33.20 17.50
CA GLU A 294 -18.44 -34.43 17.55
C GLU A 294 -19.26 -35.67 17.97
N GLY A 295 -20.51 -35.47 18.36
CA GLY A 295 -21.39 -36.61 18.67
C GLY A 295 -21.98 -36.62 20.06
N GLY A 296 -21.75 -35.54 20.82
CA GLY A 296 -22.37 -35.40 22.12
C GLY A 296 -23.85 -35.11 21.98
N PHE A 297 -24.63 -35.46 22.99
CA PHE A 297 -26.04 -35.08 23.02
C PHE A 297 -26.54 -34.71 24.41
N LEU A 298 -27.65 -33.97 24.42
CA LEU A 298 -28.31 -33.57 25.64
C LEU A 298 -29.15 -34.73 26.16
N VAL A 299 -29.31 -34.79 27.48
CA VAL A 299 -30.14 -35.81 28.14
C VAL A 299 -30.89 -35.20 29.33
N ASN A 300 -32.17 -35.58 29.50
CA ASN A 300 -32.96 -35.10 30.64
C ASN A 300 -33.07 -36.16 31.74
N SER A 301 -33.80 -35.83 32.81
CA SER A 301 -33.90 -36.69 34.01
C SER A 301 -34.45 -38.10 33.72
N GLU A 302 -35.36 -38.19 32.76
CA GLU A 302 -35.92 -39.48 32.39
C GLU A 302 -35.07 -40.06 31.25
N GLY A 303 -33.76 -39.80 31.28
CA GLY A 303 -32.80 -40.45 30.36
C GLY A 303 -32.91 -40.23 28.88
N GLU A 304 -33.74 -39.28 28.45
CA GLU A 304 -34.06 -39.12 27.03
C GLU A 304 -33.17 -38.13 26.29
N ARG A 305 -32.78 -38.52 25.07
CA ARG A 305 -32.18 -37.61 24.12
C ARG A 305 -33.31 -36.77 23.49
N PHE A 306 -33.87 -35.89 24.33
CA PHE A 306 -35.07 -35.11 24.01
C PHE A 306 -35.03 -34.24 22.75
N MET A 307 -33.84 -33.95 22.24
CA MET A 307 -33.72 -33.15 21.05
C MET A 307 -34.20 -33.89 19.79
N GLU A 308 -34.49 -35.19 19.91
CA GLU A 308 -35.15 -35.90 18.82
C GLU A 308 -36.62 -35.42 18.66
N ARG A 309 -37.27 -35.11 19.78
CA ARG A 309 -38.63 -34.56 19.75
C ARG A 309 -38.70 -33.13 19.26
N TYR A 310 -37.75 -32.30 19.68
CA TYR A 310 -37.76 -30.87 19.35
C TYR A 310 -37.19 -30.56 17.97
N ALA A 311 -36.35 -31.44 17.45
CA ALA A 311 -35.76 -31.25 16.13
C ALA A 311 -35.42 -32.61 15.58
N PRO A 312 -36.40 -33.29 14.97
CA PRO A 312 -36.24 -34.65 14.45
C PRO A 312 -35.08 -34.80 13.46
N LYS A 313 -34.92 -33.85 12.55
CA LYS A 313 -33.82 -33.88 11.59
C LYS A 313 -32.50 -33.61 12.30
N ALA A 314 -32.31 -32.36 12.75
CA ALA A 314 -31.01 -31.88 13.27
C ALA A 314 -30.74 -32.15 14.75
N LYS A 315 -31.69 -32.74 15.45
CA LYS A 315 -31.45 -33.19 16.81
C LYS A 315 -30.66 -32.18 17.64
N ASP A 316 -29.51 -32.58 18.20
CA ASP A 316 -28.78 -31.72 19.13
C ASP A 316 -27.94 -30.69 18.41
N LEU A 317 -27.99 -30.69 17.08
CA LEU A 317 -27.37 -29.65 16.27
C LEU A 317 -28.38 -28.72 15.60
N ALA A 318 -29.46 -28.42 16.29
CA ALA A 318 -30.36 -27.41 15.76
C ALA A 318 -29.73 -26.03 16.01
N SER A 319 -30.37 -24.98 15.53
CA SER A 319 -29.97 -23.62 15.87
C SER A 319 -29.98 -23.39 17.38
N ARG A 320 -29.14 -22.46 17.82
CA ARG A 320 -28.96 -22.15 19.24
C ARG A 320 -30.23 -21.67 19.96
N ASP A 321 -31.03 -20.82 19.32
CA ASP A 321 -32.28 -20.33 19.94
C ASP A 321 -33.23 -21.49 20.24
N VAL A 322 -33.39 -22.38 19.27
CA VAL A 322 -34.25 -23.55 19.40
C VAL A 322 -33.78 -24.47 20.50
N VAL A 323 -32.48 -24.76 20.51
CA VAL A 323 -31.95 -25.79 21.40
C VAL A 323 -32.01 -25.36 22.85
N SER A 324 -31.69 -24.09 23.09
CA SER A 324 -31.79 -23.53 24.43
C SER A 324 -33.24 -23.53 24.93
N ARG A 325 -34.19 -23.34 24.02
CA ARG A 325 -35.61 -23.36 24.42
C ARG A 325 -36.02 -24.75 24.87
N ALA A 326 -35.91 -25.73 23.99
CA ALA A 326 -36.16 -27.12 24.37
C ALA A 326 -35.64 -27.35 25.78
N GLU A 327 -34.36 -27.06 26.00
CA GLU A 327 -33.73 -27.25 27.29
C GLU A 327 -34.49 -26.54 28.40
N THR A 328 -34.83 -25.28 28.18
CA THR A 328 -35.55 -24.51 29.17
C THR A 328 -36.94 -25.12 29.49
N ILE A 329 -37.64 -25.66 28.49
CA ILE A 329 -38.94 -26.30 28.73
C ILE A 329 -38.81 -27.57 29.57
N GLU A 330 -37.86 -28.42 29.23
CA GLU A 330 -37.59 -29.62 30.00
C GLU A 330 -37.46 -29.30 31.50
N ILE A 331 -36.83 -28.16 31.83
CA ILE A 331 -36.72 -27.74 33.24
C ILE A 331 -38.11 -27.40 33.80
N MET A 332 -38.77 -26.41 33.20
CA MET A 332 -40.12 -26.01 33.58
C MET A 332 -41.09 -27.20 33.78
N GLU A 333 -40.96 -28.23 32.95
CA GLU A 333 -41.83 -29.40 33.00
C GLU A 333 -41.21 -30.55 33.78
N GLY A 334 -40.31 -30.24 34.69
CA GLY A 334 -39.81 -31.21 35.66
C GLY A 334 -38.98 -32.36 35.14
N ARG A 335 -38.43 -32.22 33.95
CA ARG A 335 -37.39 -33.15 33.45
C ARG A 335 -35.97 -32.65 33.73
N GLY A 336 -35.84 -31.48 34.36
CA GLY A 336 -34.54 -30.97 34.81
C GLY A 336 -33.79 -31.95 35.69
N VAL A 337 -32.48 -31.81 35.72
CA VAL A 337 -31.63 -32.87 36.25
C VAL A 337 -30.87 -32.35 37.46
N GLY A 338 -30.45 -33.27 38.34
CA GLY A 338 -29.68 -32.93 39.54
C GLY A 338 -30.54 -32.44 40.69
N PRO A 339 -29.93 -32.32 41.90
CA PRO A 339 -30.59 -31.96 43.14
C PRO A 339 -31.85 -31.09 42.98
N GLU A 340 -31.71 -29.94 42.33
CA GLU A 340 -32.80 -28.99 42.19
C GLU A 340 -33.59 -29.19 40.90
N LYS A 341 -33.25 -30.25 40.15
CA LYS A 341 -33.88 -30.53 38.87
C LYS A 341 -33.98 -29.25 38.03
N ASP A 342 -32.90 -28.47 37.96
CA ASP A 342 -32.91 -27.13 37.34
C ASP A 342 -31.88 -26.91 36.20
N HIS A 343 -31.22 -27.98 35.78
CA HIS A 343 -30.35 -27.92 34.60
C HIS A 343 -30.48 -29.24 33.86
N ILE A 344 -29.64 -29.50 32.86
CA ILE A 344 -29.64 -30.82 32.18
C ILE A 344 -28.21 -31.31 31.89
N TYR A 345 -28.08 -32.51 31.33
CA TYR A 345 -26.77 -33.16 31.11
C TYR A 345 -26.30 -33.18 29.65
N LEU A 346 -25.08 -32.72 29.39
CA LEU A 346 -24.44 -32.93 28.10
C LEU A 346 -23.66 -34.22 28.21
N GLN A 347 -23.98 -35.18 27.35
CA GLN A 347 -23.32 -36.47 27.39
C GLN A 347 -22.31 -36.68 26.25
N LEU A 348 -21.05 -36.86 26.67
CA LEU A 348 -19.95 -37.23 25.77
C LEU A 348 -19.38 -38.61 26.08
N HIS A 349 -19.64 -39.14 27.27
CA HIS A 349 -18.95 -40.37 27.76
C HIS A 349 -19.09 -41.60 26.86
N HIS A 350 -20.09 -41.60 25.99
CA HIS A 350 -20.24 -42.62 24.95
C HIS A 350 -19.21 -42.52 23.81
N LEU A 351 -18.51 -41.38 23.71
CA LEU A 351 -17.50 -41.14 22.64
C LEU A 351 -16.12 -41.64 23.08
N PRO A 352 -15.32 -42.16 22.13
CA PRO A 352 -13.96 -42.65 22.46
C PRO A 352 -12.98 -41.57 22.99
N ALA A 353 -12.21 -41.92 24.03
CA ALA A 353 -11.24 -41.01 24.67
C ALA A 353 -10.19 -40.46 23.72
N GLU A 354 -9.75 -41.27 22.76
CA GLU A 354 -8.89 -40.78 21.69
C GLU A 354 -9.52 -39.56 20.97
N GLN A 355 -10.83 -39.57 20.78
CA GLN A 355 -11.52 -38.48 20.09
C GLN A 355 -11.77 -37.29 21.01
N LEU A 356 -12.13 -37.61 22.25
CA LEU A 356 -12.32 -36.61 23.29
C LEU A 356 -11.07 -35.81 23.59
N HIS A 357 -9.92 -36.46 23.40
CA HIS A 357 -8.63 -35.82 23.59
C HIS A 357 -8.19 -35.03 22.36
N GLN A 358 -8.29 -35.60 21.17
CA GLN A 358 -7.84 -34.86 19.99
C GLN A 358 -8.77 -33.69 19.68
N ARG A 359 -10.07 -33.85 19.95
CA ARG A 359 -11.05 -32.86 19.51
C ARG A 359 -11.58 -31.93 20.61
N LEU A 360 -11.56 -32.37 21.86
CA LEU A 360 -12.06 -31.52 22.93
C LEU A 360 -11.21 -31.55 24.22
N PRO A 361 -9.91 -31.20 24.10
CA PRO A 361 -9.05 -31.16 25.29
C PRO A 361 -9.36 -29.99 26.24
N GLY A 362 -9.62 -28.82 25.66
CA GLY A 362 -9.92 -27.62 26.44
C GLY A 362 -11.06 -27.83 27.43
N ILE A 363 -12.21 -28.23 26.91
CA ILE A 363 -13.39 -28.48 27.74
C ILE A 363 -13.25 -29.67 28.68
N SER A 364 -12.50 -30.70 28.24
CA SER A 364 -12.26 -31.88 29.08
C SER A 364 -11.68 -31.39 30.39
N GLU A 365 -10.75 -30.45 30.27
CA GLU A 365 -10.08 -29.94 31.45
C GLU A 365 -11.01 -28.98 32.20
N THR A 366 -11.63 -28.03 31.50
CA THR A 366 -12.57 -27.11 32.13
C THR A 366 -13.68 -27.86 32.87
N ALA A 367 -14.17 -28.94 32.27
CA ALA A 367 -15.19 -29.80 32.89
C ALA A 367 -14.75 -30.33 34.24
N LYS A 368 -13.49 -30.77 34.31
CA LYS A 368 -12.89 -31.29 35.54
C LYS A 368 -12.75 -30.21 36.60
N ILE A 369 -12.24 -29.05 36.22
CA ILE A 369 -11.94 -27.98 37.16
C ILE A 369 -13.18 -27.34 37.79
N PHE A 370 -14.23 -27.15 37.00
CA PHE A 370 -15.39 -26.38 37.45
C PHE A 370 -16.61 -27.20 37.86
N ALA A 371 -16.69 -28.43 37.37
CA ALA A 371 -17.79 -29.31 37.72
C ALA A 371 -17.32 -30.67 38.30
N GLY A 372 -16.00 -30.86 38.44
CA GLY A 372 -15.47 -32.11 38.96
C GLY A 372 -15.85 -33.33 38.15
N VAL A 373 -15.83 -33.18 36.82
CA VAL A 373 -16.34 -34.18 35.87
C VAL A 373 -15.25 -34.73 34.97
N ASP A 374 -15.13 -36.06 34.95
CA ASP A 374 -14.33 -36.75 33.94
C ASP A 374 -15.29 -36.98 32.79
N VAL A 375 -15.04 -36.33 31.65
CA VAL A 375 -15.94 -36.44 30.49
C VAL A 375 -15.95 -37.80 29.75
N THR A 376 -15.02 -38.70 30.07
CA THR A 376 -15.01 -40.05 29.48
C THR A 376 -15.90 -41.01 30.25
N LYS A 377 -16.29 -40.61 31.46
CA LYS A 377 -17.05 -41.44 32.35
C LYS A 377 -18.40 -40.84 32.72
N GLU A 378 -18.47 -39.51 32.83
CA GLU A 378 -19.67 -38.82 33.32
C GLU A 378 -20.13 -37.72 32.33
N PRO A 379 -21.36 -37.21 32.52
CA PRO A 379 -21.84 -36.09 31.73
C PRO A 379 -21.69 -34.77 32.47
N ILE A 380 -21.74 -33.66 31.72
CA ILE A 380 -21.51 -32.33 32.27
C ILE A 380 -22.84 -31.66 32.59
N PRO A 381 -23.01 -31.17 33.83
CA PRO A 381 -24.20 -30.36 34.09
C PRO A 381 -24.12 -29.04 33.31
N VAL A 382 -25.17 -28.73 32.56
CA VAL A 382 -25.22 -27.51 31.75
C VAL A 382 -26.58 -26.84 31.78
N ILE A 383 -26.65 -25.61 31.28
CA ILE A 383 -27.89 -24.86 31.22
C ILE A 383 -27.71 -23.71 30.22
N PRO A 384 -28.78 -23.29 29.51
CA PRO A 384 -28.53 -22.16 28.61
C PRO A 384 -27.97 -20.94 29.34
N THR A 385 -27.17 -20.18 28.62
CA THR A 385 -26.41 -19.10 29.23
C THR A 385 -26.21 -17.95 28.23
N VAL A 386 -26.33 -16.73 28.71
CA VAL A 386 -26.05 -15.57 27.86
C VAL A 386 -24.64 -15.68 27.28
N HIS A 387 -24.51 -15.40 25.98
CA HIS A 387 -23.26 -15.72 25.28
C HIS A 387 -22.82 -14.76 24.16
N TYR A 388 -23.74 -14.38 23.25
CA TYR A 388 -23.43 -13.47 22.13
C TYR A 388 -24.38 -12.29 22.13
N ASN A 389 -24.10 -11.30 21.30
CA ASN A 389 -25.01 -10.17 21.07
C ASN A 389 -25.10 -9.92 19.59
N MET A 390 -26.15 -10.46 18.95
CA MET A 390 -26.36 -10.11 17.55
C MET A 390 -26.65 -8.63 17.41
N GLY A 391 -27.19 -8.02 18.47
CA GLY A 391 -27.35 -6.56 18.53
C GLY A 391 -26.06 -5.78 18.48
N GLY A 392 -26.21 -4.46 18.27
CA GLY A 392 -25.07 -3.53 18.24
C GLY A 392 -25.24 -2.23 17.44
N ILE A 393 -24.12 -1.60 17.13
CA ILE A 393 -24.07 -0.40 16.31
C ILE A 393 -24.39 -0.75 14.86
N PRO A 394 -25.39 -0.08 14.27
CA PRO A 394 -25.82 -0.48 12.93
C PRO A 394 -24.86 0.00 11.85
N THR A 395 -24.69 -0.80 10.80
CA THR A 395 -23.82 -0.41 9.69
C THR A 395 -24.38 -0.94 8.38
N ASN A 396 -24.00 -0.29 7.28
CA ASN A 396 -24.20 -0.86 5.95
C ASN A 396 -23.27 -2.07 5.79
N TYR A 397 -23.30 -2.71 4.62
CA TYR A 397 -22.41 -3.85 4.32
C TYR A 397 -20.91 -3.48 4.25
N LYS A 398 -20.59 -2.20 4.14
CA LYS A 398 -19.21 -1.72 4.10
C LYS A 398 -18.67 -1.39 5.50
N ALA A 399 -19.39 -1.82 6.52
CA ALA A 399 -18.98 -1.66 7.93
C ALA A 399 -19.01 -0.22 8.42
N GLN A 400 -19.69 0.67 7.69
CA GLN A 400 -19.73 2.11 8.02
C GLN A 400 -20.96 2.38 8.87
N VAL A 401 -20.78 3.03 10.00
CA VAL A 401 -21.89 3.24 10.92
C VAL A 401 -22.97 4.11 10.25
N ILE A 402 -24.23 3.88 10.59
CA ILE A 402 -25.36 4.60 10.00
C ILE A 402 -26.35 5.16 11.02
N LYS A 403 -26.99 6.26 10.65
CA LYS A 403 -28.19 6.76 11.31
C LYS A 403 -29.35 6.59 10.34
N TYR A 404 -30.58 6.60 10.87
CA TYR A 404 -31.77 6.29 10.06
C TYR A 404 -33.01 7.08 10.46
N THR A 405 -33.59 7.74 9.47
CA THR A 405 -34.90 8.37 9.59
C THR A 405 -35.82 7.71 8.60
N LYS A 406 -37.11 7.71 8.92
CA LYS A 406 -38.17 7.28 7.99
C LYS A 406 -38.04 7.95 6.60
N GLU A 407 -37.75 9.25 6.60
CA GLU A 407 -37.85 10.11 5.40
C GLU A 407 -36.54 10.18 4.59
N GLY A 408 -35.40 10.16 5.26
CA GLY A 408 -34.08 10.22 4.60
C GLY A 408 -33.38 8.89 4.37
N GLY A 409 -33.84 7.83 5.04
CA GLY A 409 -33.22 6.50 4.96
C GLY A 409 -31.90 6.39 5.72
N ASP A 410 -31.01 5.52 5.21
CA ASP A 410 -29.65 5.30 5.75
C ASP A 410 -28.67 6.42 5.42
N LYS A 411 -28.25 7.18 6.42
CA LYS A 411 -27.17 8.17 6.26
C LYS A 411 -25.90 7.69 6.99
N ILE A 412 -24.78 7.50 6.28
CA ILE A 412 -23.54 7.11 6.98
C ILE A 412 -23.12 8.19 7.98
N VAL A 413 -22.33 7.79 8.97
CA VAL A 413 -21.76 8.72 9.95
C VAL A 413 -20.30 8.96 9.54
N PRO A 414 -20.01 10.13 8.94
CA PRO A 414 -18.66 10.31 8.41
C PRO A 414 -17.56 10.00 9.43
N GLY A 415 -16.54 9.31 8.96
CA GLY A 415 -15.36 8.99 9.74
C GLY A 415 -15.44 7.70 10.55
N LEU A 416 -16.65 7.15 10.73
CA LEU A 416 -16.89 6.07 11.70
C LEU A 416 -17.24 4.71 11.07
N TYR A 417 -16.40 3.71 11.33
CA TYR A 417 -16.74 2.29 11.04
C TYR A 417 -16.90 1.50 12.35
N ALA A 418 -17.51 0.33 12.26
CA ALA A 418 -17.64 -0.56 13.43
C ALA A 418 -17.69 -1.97 12.97
N CYS A 419 -17.11 -2.89 13.75
CA CYS A 419 -17.14 -4.31 13.41
C CYS A 419 -17.02 -5.27 14.59
N GLY A 420 -17.19 -6.56 14.29
CA GLY A 420 -17.24 -7.57 15.32
C GLY A 420 -18.56 -7.49 16.06
N GLU A 421 -18.55 -7.99 17.29
CA GLU A 421 -19.78 -8.19 18.07
C GLU A 421 -20.43 -6.87 18.47
N CYS A 422 -19.61 -5.83 18.59
CA CYS A 422 -20.13 -4.52 18.93
C CYS A 422 -20.96 -4.00 17.76
N ALA A 423 -20.71 -4.51 16.56
CA ALA A 423 -21.46 -4.09 15.39
C ALA A 423 -22.75 -4.87 15.19
N CYS A 424 -23.60 -4.33 14.31
CA CYS A 424 -24.78 -4.98 13.75
C CYS A 424 -24.84 -4.65 12.25
N HIS A 425 -24.37 -5.59 11.44
CA HIS A 425 -24.19 -5.36 10.01
C HIS A 425 -25.39 -5.49 9.06
N SER A 426 -26.31 -6.43 9.24
CA SER A 426 -26.38 -7.38 10.35
C SER A 426 -26.30 -8.80 9.84
N VAL A 427 -25.16 -9.46 10.02
CA VAL A 427 -24.95 -10.81 9.48
C VAL A 427 -25.63 -11.94 10.26
N HIS A 428 -26.24 -11.61 11.40
CA HIS A 428 -26.84 -12.60 12.28
C HIS A 428 -28.32 -12.39 12.54
N GLY A 429 -28.83 -11.18 12.28
CA GLY A 429 -30.26 -10.92 12.45
C GLY A 429 -30.70 -11.26 13.85
N ALA A 430 -31.51 -12.32 13.99
CA ALA A 430 -32.16 -12.68 15.25
C ALA A 430 -31.60 -13.93 15.95
N ASN A 431 -30.80 -14.70 15.21
CA ASN A 431 -30.02 -15.79 15.80
C ASN A 431 -28.71 -16.00 15.05
N ARG A 432 -27.61 -15.80 15.77
CA ARG A 432 -26.29 -16.01 15.24
C ARG A 432 -26.03 -17.51 15.13
N LEU A 433 -25.44 -17.92 14.02
CA LEU A 433 -25.08 -19.31 13.78
C LEU A 433 -23.66 -19.57 14.27
N GLY A 434 -23.47 -20.66 15.01
CA GLY A 434 -22.16 -20.97 15.60
C GLY A 434 -21.03 -21.02 14.57
N ALA A 435 -19.87 -20.50 14.96
CA ALA A 435 -18.70 -20.31 14.11
C ALA A 435 -18.82 -19.24 13.04
N ASN A 436 -19.91 -18.47 13.06
CA ASN A 436 -20.01 -17.28 12.20
C ASN A 436 -19.47 -15.99 12.84
N SER A 437 -19.03 -16.04 14.09
CA SER A 437 -18.60 -14.82 14.77
C SER A 437 -17.11 -14.49 14.59
N LEU A 438 -16.24 -15.44 14.94
CA LEU A 438 -14.83 -15.29 14.64
C LEU A 438 -14.71 -14.97 13.16
N LEU A 439 -15.54 -15.63 12.36
CA LEU A 439 -15.69 -15.36 10.92
C LEU A 439 -16.01 -13.89 10.64
N ASP A 440 -17.10 -13.40 11.22
CA ASP A 440 -17.61 -12.05 10.96
C ASP A 440 -16.56 -11.03 11.39
N ALA A 441 -15.96 -11.26 12.56
CA ALA A 441 -14.91 -10.38 13.08
C ALA A 441 -13.75 -10.20 12.09
N VAL A 442 -13.24 -11.30 11.52
CA VAL A 442 -12.16 -11.23 10.54
C VAL A 442 -12.63 -10.62 9.21
N VAL A 443 -13.76 -11.10 8.71
CA VAL A 443 -14.21 -10.70 7.39
C VAL A 443 -14.52 -9.20 7.34
N PHE A 444 -15.22 -8.69 8.35
CA PHE A 444 -15.58 -7.28 8.38
C PHE A 444 -14.54 -6.45 9.06
N GLY A 445 -13.69 -7.09 9.85
CA GLY A 445 -12.47 -6.44 10.32
C GLY A 445 -11.68 -6.04 9.09
N ARG A 446 -11.40 -7.03 8.24
CA ARG A 446 -10.69 -6.83 6.97
C ARG A 446 -11.45 -5.87 6.08
N ALA A 447 -12.73 -6.13 5.88
CA ALA A 447 -13.56 -5.23 5.09
C ALA A 447 -13.27 -3.79 5.48
N CYS A 448 -13.18 -3.49 6.77
CA CYS A 448 -12.93 -2.12 7.26
C CYS A 448 -11.69 -1.47 6.61
N SER A 449 -10.59 -2.23 6.54
CA SER A 449 -9.35 -1.72 5.97
C SER A 449 -9.41 -1.68 4.43
N ILE A 450 -10.02 -2.70 3.82
CA ILE A 450 -10.26 -2.67 2.38
C ILE A 450 -11.05 -1.41 2.06
N ASN A 451 -12.17 -1.23 2.74
CA ASN A 451 -13.07 -0.14 2.42
C ASN A 451 -12.50 1.24 2.70
N ILE A 452 -11.41 1.31 3.45
CA ILE A 452 -10.80 2.61 3.76
C ILE A 452 -9.65 2.94 2.81
N LYS A 453 -8.82 1.95 2.48
CA LYS A 453 -7.80 2.12 1.43
C LYS A 453 -8.49 2.57 0.13
N GLU A 454 -9.57 1.88 -0.23
CA GLU A 454 -10.35 2.24 -1.43
C GLU A 454 -10.84 3.68 -1.44
N GLU A 455 -11.37 4.17 -0.31
CA GLU A 455 -12.05 5.49 -0.28
C GLU A 455 -11.24 6.64 0.32
N LEU A 456 -10.51 6.40 1.41
CA LEU A 456 -9.73 7.48 2.02
C LEU A 456 -8.47 7.74 1.20
N LYS A 457 -8.29 9.00 0.80
CA LYS A 457 -7.21 9.38 -0.11
C LYS A 457 -6.31 10.51 0.47
N PRO A 458 -4.99 10.48 0.15
CA PRO A 458 -3.98 11.38 0.75
C PRO A 458 -4.32 12.87 0.70
N ASP A 459 -5.12 13.23 -0.30
CA ASP A 459 -5.83 14.51 -0.37
C ASP A 459 -6.29 15.01 1.03
N GLU A 460 -7.20 14.26 1.64
CA GLU A 460 -7.81 14.57 2.93
C GLU A 460 -6.79 14.46 4.07
N LYS A 461 -6.70 15.49 4.92
CA LYS A 461 -5.71 15.53 6.01
C LYS A 461 -6.36 15.44 7.42
N ILE A 462 -5.56 15.04 8.41
CA ILE A 462 -6.06 14.68 9.75
C ILE A 462 -6.82 15.86 10.35
N PRO A 463 -8.09 15.66 10.74
CA PRO A 463 -8.91 16.77 11.18
C PRO A 463 -8.43 17.38 12.49
N GLU A 464 -8.51 18.70 12.58
CA GLU A 464 -8.25 19.41 13.83
C GLU A 464 -9.42 19.14 14.78
N LEU A 465 -9.16 19.20 16.08
CA LEU A 465 -10.19 18.95 17.06
C LEU A 465 -10.91 20.23 17.37
N PRO A 466 -12.23 20.17 17.55
CA PRO A 466 -12.98 21.29 18.09
C PRO A 466 -12.44 21.79 19.43
N GLU A 467 -12.70 23.04 19.73
CA GLU A 467 -12.40 23.61 21.03
C GLU A 467 -13.26 22.86 22.05
N GLY A 468 -12.67 22.50 23.18
CA GLY A 468 -13.40 21.83 24.24
C GLY A 468 -13.64 20.36 23.98
N ALA A 469 -13.15 19.85 22.86
CA ALA A 469 -13.36 18.44 22.47
C ALA A 469 -12.90 17.48 23.56
N GLY A 470 -13.83 16.68 24.05
CA GLY A 470 -13.55 15.73 25.13
C GLY A 470 -13.81 16.25 26.54
N GLU A 471 -14.14 17.53 26.68
CA GLU A 471 -14.27 18.13 28.01
C GLU A 471 -15.40 17.51 28.84
N GLU A 472 -16.50 17.16 28.18
CA GLU A 472 -17.65 16.54 28.85
C GLU A 472 -17.30 15.15 29.37
N SER A 473 -16.46 14.41 28.65
CA SER A 473 -16.05 13.06 29.04
C SER A 473 -15.24 13.04 30.33
N ILE A 474 -14.29 13.98 30.43
CA ILE A 474 -13.46 14.16 31.63
C ILE A 474 -14.33 14.53 32.83
N ALA A 475 -15.33 15.37 32.56
CA ALA A 475 -16.22 15.87 33.59
C ALA A 475 -16.97 14.72 34.22
N ASN A 476 -17.44 13.81 33.36
CA ASN A 476 -18.11 12.61 33.80
C ASN A 476 -17.18 11.74 34.61
N LEU A 477 -15.95 11.57 34.09
CA LEU A 477 -14.92 10.76 34.75
C LEU A 477 -14.72 11.26 36.17
N ASP A 478 -14.36 12.53 36.29
CA ASP A 478 -14.18 13.21 37.57
C ASP A 478 -15.37 13.01 38.50
N ALA A 479 -16.57 13.27 37.98
CA ALA A 479 -17.80 13.11 38.76
C ALA A 479 -17.98 11.70 39.31
N VAL A 480 -17.67 10.71 38.47
CA VAL A 480 -17.75 9.31 38.85
C VAL A 480 -16.61 8.96 39.81
N ARG A 481 -15.43 9.48 39.50
CA ARG A 481 -14.23 9.21 40.27
C ARG A 481 -14.44 9.58 41.73
N TYR A 482 -15.14 10.68 41.98
CA TYR A 482 -15.34 11.21 43.32
C TYR A 482 -16.71 10.95 43.89
N ALA A 483 -17.51 10.19 43.14
CA ALA A 483 -18.89 9.87 43.51
C ALA A 483 -19.13 9.66 45.02
N ASN A 484 -20.03 10.51 45.54
CA ASN A 484 -20.39 10.64 46.98
C ASN A 484 -21.38 9.63 47.53
N GLY A 485 -22.42 9.34 46.73
CA GLY A 485 -23.66 8.69 47.17
C GLY A 485 -23.65 7.46 48.06
N ASP A 486 -24.79 6.78 48.09
CA ASP A 486 -25.06 5.76 49.11
C ASP A 486 -25.31 4.39 48.53
N VAL A 487 -25.16 4.26 47.20
CA VAL A 487 -25.18 2.94 46.55
C VAL A 487 -23.84 2.66 45.87
N PRO A 488 -23.11 1.65 46.36
CA PRO A 488 -21.85 1.31 45.73
C PRO A 488 -22.04 0.65 44.35
N THR A 489 -21.24 1.14 43.41
CA THR A 489 -21.11 0.60 42.07
C THR A 489 -21.29 -0.95 41.94
N ALA A 490 -20.83 -1.75 42.90
CA ALA A 490 -21.02 -3.22 42.80
C ALA A 490 -22.43 -3.71 43.08
N GLU A 491 -23.16 -3.02 43.95
CA GLU A 491 -24.52 -3.43 44.33
C GLU A 491 -25.49 -3.14 43.19
N LEU A 492 -25.48 -1.88 42.78
CA LEU A 492 -26.26 -1.43 41.63
C LEU A 492 -26.06 -2.34 40.40
N ARG A 493 -24.81 -2.73 40.14
CA ARG A 493 -24.52 -3.66 39.06
C ARG A 493 -25.20 -5.01 39.32
N LEU A 494 -25.01 -5.57 40.51
CA LEU A 494 -25.58 -6.87 40.78
C LEU A 494 -27.10 -6.87 40.61
N THR A 495 -27.77 -5.77 40.99
CA THR A 495 -29.24 -5.73 40.88
C THR A 495 -29.67 -5.51 39.43
N MET A 496 -28.87 -4.76 38.67
CA MET A 496 -29.05 -4.69 37.22
C MET A 496 -29.01 -6.11 36.63
N GLN A 497 -27.96 -6.85 36.94
CA GLN A 497 -27.76 -8.19 36.38
C GLN A 497 -28.85 -9.17 36.79
N LYS A 498 -29.47 -8.93 37.93
CA LYS A 498 -30.49 -9.85 38.42
C LYS A 498 -31.83 -9.44 37.83
N THR A 499 -32.16 -8.15 37.89
CA THR A 499 -33.34 -7.66 37.21
C THR A 499 -33.41 -8.29 35.84
N MET A 500 -32.29 -8.20 35.11
CA MET A 500 -32.25 -8.51 33.69
C MET A 500 -32.38 -10.00 33.42
N GLN A 501 -31.66 -10.80 34.19
CA GLN A 501 -31.81 -12.24 34.13
C GLN A 501 -33.27 -12.65 34.30
N LYS A 502 -33.98 -12.00 35.21
CA LYS A 502 -35.37 -12.40 35.53
C LYS A 502 -36.38 -12.00 34.46
N HIS A 503 -36.26 -10.79 33.93
CA HIS A 503 -37.29 -10.23 33.08
C HIS A 503 -37.04 -10.42 31.57
N ALA A 504 -35.77 -10.42 31.15
CA ALA A 504 -35.39 -10.54 29.75
C ALA A 504 -34.65 -11.84 29.40
N GLY A 505 -35.12 -12.97 29.96
CA GLY A 505 -34.49 -14.29 29.74
C GLY A 505 -34.98 -15.02 28.50
N VAL A 506 -34.81 -16.34 28.50
CA VAL A 506 -35.10 -17.19 27.32
C VAL A 506 -36.53 -17.03 26.80
N PHE A 507 -37.49 -17.01 27.72
CA PHE A 507 -38.90 -16.77 27.40
C PHE A 507 -39.38 -15.50 28.09
N ARG A 508 -39.86 -14.55 27.30
CA ARG A 508 -40.29 -13.28 27.83
C ARG A 508 -41.81 -13.14 27.68
N ARG A 509 -42.40 -12.16 28.39
CA ARG A 509 -43.85 -11.96 28.39
C ARG A 509 -44.20 -10.50 28.68
N GLY A 510 -45.22 -9.99 28.02
CA GLY A 510 -45.54 -8.55 28.03
C GLY A 510 -45.50 -7.82 29.37
N ASP A 511 -45.98 -8.48 30.42
CA ASP A 511 -46.05 -7.89 31.76
C ASP A 511 -44.69 -7.91 32.45
N ILE A 512 -44.16 -9.13 32.63
CA ILE A 512 -42.80 -9.35 33.12
C ILE A 512 -41.80 -8.38 32.43
N LEU A 513 -41.92 -8.21 31.12
CA LEU A 513 -41.09 -7.24 30.44
C LEU A 513 -41.40 -5.81 30.94
N ALA A 514 -42.68 -5.46 31.02
CA ALA A 514 -43.08 -4.11 31.42
C ALA A 514 -42.71 -3.81 32.88
N GLU A 515 -42.79 -4.81 33.75
CA GLU A 515 -42.33 -4.62 35.12
C GLU A 515 -40.80 -4.45 35.11
N GLY A 516 -40.14 -5.34 34.36
CA GLY A 516 -38.71 -5.28 34.15
C GLY A 516 -38.23 -3.92 33.74
N VAL A 517 -38.93 -3.27 32.81
CA VAL A 517 -38.53 -1.95 32.35
C VAL A 517 -38.64 -0.90 33.46
N LYS A 518 -39.66 -1.03 34.32
CA LYS A 518 -39.79 -0.13 35.48
C LYS A 518 -38.57 -0.22 36.40
N LYS A 519 -38.26 -1.45 36.81
CA LYS A 519 -37.14 -1.69 37.71
C LYS A 519 -35.81 -1.23 37.09
N MET A 520 -35.70 -1.34 35.76
CA MET A 520 -34.49 -0.96 35.05
C MET A 520 -34.28 0.55 34.91
N MET A 521 -35.35 1.29 34.63
CA MET A 521 -35.27 2.75 34.54
C MET A 521 -35.13 3.38 35.93
N ASP A 522 -35.50 2.63 36.98
CA ASP A 522 -35.23 3.05 38.36
C ASP A 522 -33.75 2.88 38.70
N LEU A 523 -33.20 1.71 38.40
CA LEU A 523 -31.76 1.47 38.51
C LEU A 523 -30.99 2.51 37.75
N PHE A 524 -31.51 2.94 36.60
CA PHE A 524 -30.88 4.05 35.88
C PHE A 524 -30.95 5.33 36.68
N LYS A 525 -32.03 5.48 37.45
CA LYS A 525 -32.20 6.63 38.34
C LYS A 525 -31.18 6.54 39.47
N GLU A 526 -31.13 5.39 40.14
CA GLU A 526 -30.18 5.18 41.25
C GLU A 526 -28.74 5.54 40.84
N LEU A 527 -28.47 5.57 39.54
CA LEU A 527 -27.16 5.88 39.03
C LEU A 527 -26.60 7.19 39.58
N LYS A 528 -27.47 8.16 39.89
CA LYS A 528 -27.02 9.44 40.44
C LYS A 528 -26.63 9.33 41.92
N ARG A 529 -27.10 8.28 42.60
CA ARG A 529 -26.70 7.96 43.98
C ARG A 529 -25.51 6.99 44.04
N LEU A 530 -24.54 7.18 43.16
CA LEU A 530 -23.46 6.21 43.03
C LEU A 530 -22.36 6.48 44.05
N LYS A 531 -21.83 5.42 44.66
CA LYS A 531 -20.65 5.55 45.51
C LYS A 531 -19.49 4.87 44.80
N THR A 532 -18.36 5.59 44.72
CA THR A 532 -17.09 4.96 44.45
C THR A 532 -16.24 5.28 45.68
N THR A 533 -15.05 4.70 45.74
CA THR A 533 -14.17 4.81 46.89
C THR A 533 -12.73 5.13 46.50
N ASP A 534 -12.10 4.26 45.72
CA ASP A 534 -10.74 4.50 45.25
C ASP A 534 -10.73 5.81 44.48
N ARG A 535 -9.96 6.78 44.97
CA ARG A 535 -9.89 8.12 44.43
C ARG A 535 -8.65 8.35 43.57
N SER A 536 -7.87 7.31 43.32
CA SER A 536 -6.67 7.42 42.47
C SER A 536 -6.97 7.51 40.98
N LEU A 537 -5.97 7.89 40.21
CA LEU A 537 -6.07 7.93 38.78
C LEU A 537 -5.27 6.83 38.17
N ILE A 538 -4.45 6.20 38.98
CA ILE A 538 -3.56 5.18 38.48
C ILE A 538 -4.09 3.82 38.77
N TRP A 539 -4.36 3.09 37.71
CA TRP A 539 -4.93 1.81 37.84
C TRP A 539 -6.03 1.76 38.79
N ASN A 540 -7.01 2.60 38.61
CA ASN A 540 -8.14 2.58 39.46
C ASN A 540 -9.21 1.81 38.75
N SER A 541 -9.48 0.59 39.20
CA SER A 541 -10.46 -0.24 38.56
C SER A 541 -11.82 -0.14 39.19
N ASP A 542 -11.87 0.46 40.34
CA ASP A 542 -13.14 0.86 40.91
C ASP A 542 -13.75 1.84 39.92
N LEU A 543 -13.00 2.88 39.61
CA LEU A 543 -13.40 3.91 38.66
C LEU A 543 -13.87 3.34 37.30
N THR A 544 -13.01 2.55 36.64
CA THR A 544 -13.36 1.99 35.33
C THR A 544 -14.55 1.05 35.41
N GLU A 545 -14.63 0.23 36.46
CA GLU A 545 -15.80 -0.64 36.59
C GLU A 545 -17.07 0.16 36.84
N SER A 546 -16.92 1.40 37.30
CA SER A 546 -18.07 2.28 37.50
C SER A 546 -18.45 2.97 36.17
N LEU A 547 -17.44 3.25 35.35
CA LEU A 547 -17.68 3.62 33.95
C LEU A 547 -18.32 2.45 33.20
N GLU A 548 -17.85 1.24 33.46
CA GLU A 548 -18.43 0.04 32.85
C GLU A 548 -19.91 -0.19 33.22
N LEU A 549 -20.29 0.20 34.43
CA LEU A 549 -21.70 0.13 34.84
C LEU A 549 -22.54 1.20 34.18
N GLN A 550 -22.01 2.42 34.09
CA GLN A 550 -22.62 3.46 33.24
C GLN A 550 -22.82 2.89 31.81
N ASN A 551 -21.75 2.35 31.24
CA ASN A 551 -21.85 1.79 29.90
C ASN A 551 -22.82 0.60 29.79
N LEU A 552 -22.85 -0.27 30.79
CA LEU A 552 -23.72 -1.46 30.73
C LEU A 552 -25.18 -1.06 30.81
N MET A 553 -25.46 -0.04 31.62
CA MET A 553 -26.83 0.37 31.89
C MET A 553 -27.51 0.86 30.61
N LEU A 554 -26.83 1.74 29.90
CA LEU A 554 -27.28 2.16 28.58
C LEU A 554 -27.67 0.93 27.72
N ASN A 555 -26.78 -0.04 27.63
CA ASN A 555 -27.04 -1.21 26.84
C ASN A 555 -28.27 -1.94 27.39
N ALA A 556 -28.30 -2.14 28.69
CA ALA A 556 -29.33 -2.93 29.33
C ALA A 556 -30.70 -2.30 29.18
N THR A 557 -30.81 -1.00 29.41
CA THR A 557 -32.10 -0.34 29.31
C THR A 557 -32.61 -0.43 27.88
N GLN A 558 -31.77 -0.03 26.92
CA GLN A 558 -32.11 -0.17 25.49
C GLN A 558 -32.45 -1.62 25.07
N THR A 559 -31.84 -2.59 25.72
CA THR A 559 -32.11 -3.98 25.41
C THR A 559 -33.52 -4.34 25.84
N ILE A 560 -33.88 -3.95 27.05
CA ILE A 560 -35.13 -4.43 27.63
C ILE A 560 -36.35 -3.71 27.06
N VAL A 561 -36.26 -2.40 26.79
CA VAL A 561 -37.42 -1.69 26.25
C VAL A 561 -37.73 -2.21 24.86
N ALA A 562 -36.70 -2.38 24.03
CA ALA A 562 -36.87 -3.00 22.72
C ALA A 562 -37.51 -4.38 22.86
N ALA A 563 -37.01 -5.18 23.80
CA ALA A 563 -37.59 -6.51 24.03
C ALA A 563 -39.08 -6.43 24.39
N GLU A 564 -39.42 -5.50 25.28
CA GLU A 564 -40.79 -5.35 25.79
C GLU A 564 -41.78 -4.97 24.69
N ASN A 565 -41.29 -4.23 23.71
CA ASN A 565 -42.15 -3.71 22.66
C ASN A 565 -42.36 -4.70 21.53
N ARG A 566 -41.55 -5.75 21.46
CA ARG A 566 -41.58 -6.61 20.27
C ARG A 566 -42.58 -7.74 20.47
N LYS A 567 -43.79 -7.54 19.96
CA LYS A 567 -44.87 -8.51 20.14
C LYS A 567 -44.82 -9.55 19.01
N GLU A 568 -43.75 -10.34 19.04
CA GLU A 568 -43.55 -11.47 18.15
C GLU A 568 -42.51 -12.41 18.75
N SER A 569 -42.29 -13.53 18.06
CA SER A 569 -41.21 -14.46 18.39
C SER A 569 -40.33 -14.71 17.18
N ARG A 570 -39.05 -14.39 17.29
CA ARG A 570 -38.12 -14.51 16.17
C ARG A 570 -36.72 -14.76 16.72
N GLY A 571 -36.09 -15.84 16.29
CA GLY A 571 -34.77 -16.19 16.77
C GLY A 571 -34.70 -16.36 18.29
N ALA A 572 -33.64 -15.82 18.89
CA ALA A 572 -33.48 -15.83 20.33
C ALA A 572 -34.65 -15.23 21.12
N HIS A 573 -35.31 -14.23 20.53
CA HIS A 573 -36.37 -13.49 21.22
C HIS A 573 -37.72 -14.17 21.08
N ALA A 574 -38.14 -14.82 22.17
CA ALA A 574 -39.36 -15.61 22.17
C ALA A 574 -40.35 -15.06 23.18
N ARG A 575 -41.47 -14.55 22.69
CA ARG A 575 -42.57 -14.04 23.51
C ARG A 575 -43.65 -15.12 23.74
N ASP A 576 -43.83 -15.54 24.99
CA ASP A 576 -44.91 -16.47 25.35
C ASP A 576 -46.31 -15.99 24.95
N ASP A 577 -46.52 -14.67 24.94
CA ASP A 577 -47.80 -14.06 24.63
C ASP A 577 -47.92 -13.55 23.18
N PHE A 578 -46.92 -13.88 22.35
CA PHE A 578 -46.94 -13.56 20.92
C PHE A 578 -46.04 -14.59 20.26
N PRO A 579 -46.44 -15.85 20.33
CA PRO A 579 -45.55 -16.97 19.99
C PRO A 579 -45.28 -17.13 18.50
N LYS A 580 -45.94 -16.33 17.66
CA LYS A 580 -45.77 -16.44 16.22
C LYS A 580 -44.80 -15.41 15.69
N ARG A 581 -44.08 -15.78 14.63
CA ARG A 581 -43.22 -14.87 13.91
C ARG A 581 -44.06 -14.08 12.90
N GLU A 582 -43.91 -12.76 12.92
CA GLU A 582 -44.78 -11.83 12.21
C GLU A 582 -44.08 -11.14 11.06
N ASP A 583 -44.18 -11.72 9.86
CA ASP A 583 -43.53 -11.18 8.67
C ASP A 583 -44.51 -10.34 7.84
N GLU A 584 -44.03 -9.75 6.74
CA GLU A 584 -44.93 -8.98 5.84
C GLU A 584 -45.99 -9.88 5.18
N TYR A 585 -45.75 -11.18 5.16
CA TYR A 585 -46.75 -12.15 4.79
C TYR A 585 -46.86 -13.22 5.88
N ASP A 586 -47.69 -14.22 5.63
CA ASP A 586 -47.72 -15.42 6.44
C ASP A 586 -47.08 -16.48 5.58
N TYR A 587 -45.81 -16.79 5.84
CA TYR A 587 -45.07 -17.68 4.94
C TYR A 587 -45.33 -19.16 5.20
N SER A 588 -46.24 -19.48 6.12
CA SER A 588 -46.78 -20.85 6.22
C SER A 588 -47.75 -21.18 5.06
N LYS A 589 -48.61 -20.22 4.73
CA LYS A 589 -49.52 -20.32 3.56
C LYS A 589 -48.77 -20.07 2.24
N PRO A 590 -49.40 -20.32 1.08
CA PRO A 590 -48.74 -19.97 -0.18
C PRO A 590 -48.83 -18.46 -0.46
N ILE A 591 -47.78 -17.91 -1.06
CA ILE A 591 -47.61 -16.44 -1.09
C ILE A 591 -48.71 -15.78 -1.92
N GLU A 592 -48.71 -16.08 -3.23
CA GLU A 592 -49.71 -15.55 -4.17
C GLU A 592 -51.16 -15.76 -3.70
N GLY A 593 -51.93 -14.68 -3.65
CA GLY A 593 -53.29 -14.71 -3.11
C GLY A 593 -53.47 -13.82 -1.89
N GLN A 594 -52.38 -13.55 -1.18
CA GLN A 594 -52.41 -12.67 -0.01
C GLN A 594 -52.07 -11.24 -0.39
N THR A 595 -52.34 -10.33 0.55
CA THR A 595 -51.93 -8.93 0.42
C THR A 595 -50.82 -8.59 1.43
N LYS A 596 -49.82 -7.83 0.98
CA LYS A 596 -48.68 -7.52 1.83
C LYS A 596 -49.10 -6.65 3.01
N ARG A 597 -48.82 -7.14 4.22
CA ARG A 597 -49.04 -6.35 5.43
C ARG A 597 -48.13 -5.14 5.42
N PRO A 598 -48.63 -4.00 5.92
CA PRO A 598 -47.78 -2.83 5.89
C PRO A 598 -46.75 -2.85 7.03
N PHE A 599 -45.65 -2.15 6.78
CA PHE A 599 -44.53 -2.01 7.72
C PHE A 599 -44.90 -1.90 9.21
N GLU A 600 -45.97 -1.16 9.54
CA GLU A 600 -46.30 -0.88 10.94
C GLU A 600 -47.01 -2.01 11.71
N LYS A 601 -47.43 -3.08 11.05
CA LYS A 601 -48.04 -4.20 11.77
C LYS A 601 -47.21 -5.48 11.80
N HIS A 602 -46.32 -5.69 10.83
CA HIS A 602 -45.38 -6.81 10.92
C HIS A 602 -44.09 -6.40 11.62
N TRP A 603 -43.29 -7.39 12.02
CA TRP A 603 -42.07 -7.17 12.79
C TRP A 603 -40.78 -7.64 12.08
N ARG A 604 -40.86 -7.99 10.79
CA ARG A 604 -39.64 -8.23 10.01
C ARG A 604 -39.00 -6.88 9.75
N LYS A 605 -38.25 -6.41 10.73
CA LYS A 605 -37.65 -5.10 10.68
C LYS A 605 -36.76 -4.96 11.91
N HIS A 606 -35.73 -4.13 11.75
CA HIS A 606 -34.71 -3.92 12.75
C HIS A 606 -35.21 -2.97 13.81
N THR A 607 -35.01 -3.30 15.08
CA THR A 607 -35.26 -2.35 16.18
C THR A 607 -34.16 -1.28 16.25
N LEU A 608 -34.53 -0.04 16.49
CA LEU A 608 -33.56 1.03 16.71
C LEU A 608 -33.87 1.73 18.02
N THR A 609 -32.92 1.73 18.95
CA THR A 609 -33.08 2.39 20.25
C THR A 609 -32.24 3.64 20.32
N LYS A 610 -32.90 4.75 20.63
CA LYS A 610 -32.25 6.05 20.70
C LYS A 610 -32.40 6.54 22.13
N GLN A 611 -31.28 6.69 22.84
CA GLN A 611 -31.31 6.98 24.28
C GLN A 611 -30.56 8.24 24.61
N ASP A 612 -31.18 9.07 25.45
CA ASP A 612 -30.57 10.25 26.01
C ASP A 612 -29.79 9.76 27.25
N PRO A 613 -28.45 9.87 27.21
CA PRO A 613 -27.55 9.39 28.29
C PRO A 613 -27.78 10.00 29.68
N ARG A 614 -28.25 11.24 29.72
CA ARG A 614 -28.46 11.97 30.96
C ARG A 614 -29.74 11.44 31.61
N THR A 615 -30.84 11.57 30.88
CA THR A 615 -32.17 11.21 31.40
C THR A 615 -32.47 9.72 31.36
N GLY A 616 -31.96 9.04 30.33
CA GLY A 616 -32.23 7.62 30.12
C GLY A 616 -33.43 7.37 29.23
N HIS A 617 -34.13 8.43 28.84
CA HIS A 617 -35.31 8.26 28.04
C HIS A 617 -34.91 7.55 26.75
N ILE A 618 -35.63 6.48 26.41
CA ILE A 618 -35.40 5.74 25.16
C ILE A 618 -36.59 5.94 24.24
N THR A 619 -36.32 6.17 22.96
CA THR A 619 -37.36 6.18 21.93
C THR A 619 -36.99 5.11 20.87
N LEU A 620 -37.98 4.66 20.11
CA LEU A 620 -37.78 3.62 19.12
C LEU A 620 -38.19 4.06 17.73
N ASP A 621 -37.45 3.55 16.75
CA ASP A 621 -37.86 3.62 15.37
C ASP A 621 -37.65 2.20 14.86
N TYR A 622 -37.99 1.94 13.61
CA TYR A 622 -37.82 0.62 13.03
C TYR A 622 -37.36 0.77 11.59
N ARG A 623 -36.28 0.06 11.26
CA ARG A 623 -35.61 0.21 9.97
C ARG A 623 -35.79 -1.08 9.17
N PRO A 624 -36.12 -0.95 7.87
CA PRO A 624 -36.38 -2.14 7.07
C PRO A 624 -35.16 -3.04 6.86
N VAL A 625 -35.40 -4.35 6.90
CA VAL A 625 -34.41 -5.36 6.59
C VAL A 625 -34.01 -5.22 5.13
N ILE A 626 -32.73 -5.42 4.84
CA ILE A 626 -32.25 -5.47 3.46
C ILE A 626 -32.30 -6.89 2.94
N ASP A 627 -33.25 -7.18 2.04
CA ASP A 627 -33.41 -8.53 1.52
C ASP A 627 -32.57 -8.88 0.30
N LYS A 628 -32.23 -7.87 -0.50
CA LYS A 628 -31.46 -8.12 -1.73
C LYS A 628 -30.02 -8.48 -1.39
N THR A 629 -29.43 -9.39 -2.17
CA THR A 629 -28.01 -9.69 -2.05
C THR A 629 -27.20 -8.51 -2.61
N LEU A 630 -25.88 -8.66 -2.63
CA LEU A 630 -25.01 -7.74 -3.35
C LEU A 630 -25.16 -7.88 -4.86
N ASP A 631 -25.13 -9.11 -5.36
CA ASP A 631 -25.18 -9.37 -6.80
C ASP A 631 -26.08 -10.58 -7.12
N PRO A 632 -27.23 -10.34 -7.77
CA PRO A 632 -28.16 -11.41 -8.20
C PRO A 632 -27.52 -12.44 -9.14
N ALA A 633 -26.64 -11.96 -10.01
CA ALA A 633 -25.91 -12.83 -10.92
C ALA A 633 -24.98 -13.79 -10.19
N GLU A 634 -24.58 -13.45 -8.96
CA GLU A 634 -23.77 -14.37 -8.17
C GLU A 634 -24.63 -15.26 -7.26
N VAL A 635 -25.69 -14.70 -6.71
CA VAL A 635 -26.58 -15.47 -5.83
C VAL A 635 -27.94 -14.78 -5.63
N ASP A 636 -28.99 -15.60 -5.61
CA ASP A 636 -30.35 -15.10 -5.42
C ASP A 636 -30.63 -15.03 -3.94
N TRP A 637 -31.32 -13.98 -3.53
CA TRP A 637 -31.79 -13.86 -2.16
C TRP A 637 -32.77 -14.98 -1.81
N ILE A 638 -32.97 -15.15 -0.51
CA ILE A 638 -33.72 -16.28 0.02
C ILE A 638 -34.98 -15.78 0.71
N PRO A 639 -36.14 -15.88 0.03
CA PRO A 639 -37.34 -15.38 0.68
C PRO A 639 -37.65 -16.19 1.94
N PRO A 640 -38.34 -15.57 2.92
CA PRO A 640 -38.66 -16.19 4.22
C PRO A 640 -39.44 -17.48 4.13
N ILE A 641 -39.28 -18.36 5.12
CA ILE A 641 -40.09 -19.58 5.23
C ILE A 641 -40.21 -19.95 6.70
N ILE A 642 -41.06 -20.92 7.00
CA ILE A 642 -41.18 -21.39 8.38
C ILE A 642 -39.89 -22.06 8.79
N ARG A 643 -39.31 -21.56 9.89
CA ARG A 643 -37.98 -21.96 10.34
C ARG A 643 -38.08 -23.25 11.14
N SER A 644 -37.53 -24.33 10.62
CA SER A 644 -37.53 -25.60 11.36
C SER A 644 -36.28 -26.42 11.13
N TYR A 645 -35.84 -27.08 12.19
CA TYR A 645 -34.66 -27.94 12.15
C TYR A 645 -35.10 -29.33 12.59
N LYS B 33 -19.44 -20.07 61.17
CA LYS B 33 -18.96 -19.67 59.83
C LYS B 33 -17.51 -20.09 59.61
N ARG B 34 -17.16 -20.45 58.37
CA ARG B 34 -15.78 -20.81 57.97
C ARG B 34 -15.11 -19.57 57.37
N ILE B 35 -14.42 -18.80 58.22
CA ILE B 35 -13.82 -17.54 57.81
C ILE B 35 -12.36 -17.76 57.44
N LYS B 36 -12.04 -17.54 56.16
CA LYS B 36 -10.69 -17.73 55.63
C LYS B 36 -9.99 -16.37 55.55
N THR B 37 -8.69 -16.39 55.81
CA THR B 37 -7.89 -15.18 55.87
C THR B 37 -6.86 -15.19 54.71
N PHE B 38 -6.67 -14.04 54.08
CA PHE B 38 -5.74 -13.89 52.97
C PHE B 38 -4.76 -12.75 53.28
N GLU B 39 -3.47 -12.98 53.05
CA GLU B 39 -2.50 -11.90 53.13
C GLU B 39 -2.23 -11.44 51.70
N ILE B 40 -2.59 -10.20 51.39
CA ILE B 40 -2.49 -9.70 50.01
C ILE B 40 -1.58 -8.48 49.92
N TYR B 41 -0.52 -8.64 49.15
CA TYR B 41 0.43 -7.59 48.88
C TYR B 41 -0.25 -6.32 48.42
N ARG B 42 0.07 -5.20 49.06
CA ARG B 42 -0.46 -3.90 48.61
C ARG B 42 0.66 -2.99 48.18
N PHE B 43 0.33 -2.09 47.27
CA PHE B 43 1.21 -1.00 46.94
C PHE B 43 0.41 0.05 46.22
N ASN B 44 0.50 1.29 46.73
CA ASN B 44 -0.21 2.41 46.15
C ASN B 44 0.78 3.50 45.79
N PRO B 45 1.12 3.62 44.48
CA PRO B 45 2.20 4.50 44.06
C PRO B 45 1.93 5.97 44.34
N GLU B 46 0.66 6.38 44.27
CA GLU B 46 0.31 7.80 44.35
C GLU B 46 0.49 8.43 45.74
N GLU B 47 0.58 7.60 46.78
CA GLU B 47 0.88 8.07 48.13
C GLU B 47 2.41 8.27 48.27
N PRO B 48 2.85 9.40 48.86
CA PRO B 48 4.30 9.69 48.80
C PRO B 48 5.11 8.97 49.88
N GLY B 49 6.32 8.55 49.52
CA GLY B 49 7.15 7.72 50.39
C GLY B 49 6.53 6.35 50.59
N ALA B 50 5.63 5.99 49.68
CA ALA B 50 4.85 4.78 49.78
C ALA B 50 5.72 3.54 49.62
N LYS B 51 5.47 2.56 50.49
CA LYS B 51 6.13 1.26 50.44
C LYS B 51 5.09 0.16 50.33
N PRO B 52 5.48 -1.00 49.77
CA PRO B 52 4.59 -2.14 49.75
C PRO B 52 4.23 -2.58 51.15
N LYS B 53 3.09 -3.26 51.29
CA LYS B 53 2.66 -3.83 52.56
C LYS B 53 1.98 -5.15 52.30
N LEU B 54 1.75 -5.92 53.37
CA LEU B 54 0.82 -7.02 53.34
C LEU B 54 -0.46 -6.54 53.99
N GLN B 55 -1.62 -7.04 53.54
CA GLN B 55 -2.93 -6.71 54.13
C GLN B 55 -3.75 -7.97 54.31
N LYS B 56 -4.32 -8.15 55.50
CA LYS B 56 -5.06 -9.38 55.79
C LYS B 56 -6.53 -9.14 55.57
N PHE B 57 -7.19 -10.09 54.89
CA PHE B 57 -8.63 -10.01 54.63
C PHE B 57 -9.31 -11.30 55.00
N ASP B 58 -10.43 -11.17 55.74
CA ASP B 58 -11.21 -12.34 56.16
C ASP B 58 -12.38 -12.49 55.20
N VAL B 59 -12.70 -13.73 54.84
CA VAL B 59 -13.73 -14.02 53.83
C VAL B 59 -14.54 -15.22 54.28
N ASP B 60 -15.86 -15.07 54.31
CA ASP B 60 -16.73 -16.19 54.67
C ASP B 60 -16.73 -17.17 53.50
N LEU B 61 -16.14 -18.35 53.68
CA LEU B 61 -15.99 -19.30 52.58
C LEU B 61 -17.31 -19.85 52.00
N ASP B 62 -18.43 -19.63 52.69
CA ASP B 62 -19.73 -20.07 52.17
C ASP B 62 -20.54 -18.92 51.60
N LYS B 63 -20.00 -17.71 51.70
CA LYS B 63 -20.51 -16.57 50.95
C LYS B 63 -19.69 -16.35 49.67
N CYS B 64 -18.93 -17.35 49.22
CA CYS B 64 -17.91 -17.09 48.19
C CYS B 64 -17.66 -18.27 47.32
N GLY B 65 -17.36 -17.99 46.04
CA GLY B 65 -16.99 -19.03 45.10
C GLY B 65 -15.75 -19.83 45.52
N THR B 66 -15.55 -20.96 44.87
CA THR B 66 -14.50 -21.90 45.24
C THR B 66 -13.09 -21.51 44.74
N MET B 67 -12.97 -20.47 43.93
CA MET B 67 -11.67 -20.06 43.37
C MET B 67 -11.10 -18.81 44.02
N VAL B 68 -9.78 -18.73 44.09
CA VAL B 68 -9.14 -17.55 44.68
C VAL B 68 -9.67 -16.25 44.08
N LEU B 69 -9.87 -16.22 42.75
CA LEU B 69 -10.33 -15.01 42.06
C LEU B 69 -11.64 -14.51 42.64
N ASP B 70 -12.51 -15.46 43.02
CA ASP B 70 -13.81 -15.14 43.63
C ASP B 70 -13.61 -14.34 44.91
N ALA B 71 -12.63 -14.74 45.71
CA ALA B 71 -12.34 -14.05 46.97
C ALA B 71 -11.85 -12.64 46.69
N LEU B 72 -10.92 -12.52 45.76
CA LEU B 72 -10.45 -11.20 45.34
C LEU B 72 -11.62 -10.31 44.88
N ILE B 73 -12.57 -10.87 44.12
CA ILE B 73 -13.70 -10.06 43.63
C ILE B 73 -14.65 -9.70 44.78
N LYS B 74 -14.86 -10.67 45.67
CA LYS B 74 -15.69 -10.46 46.86
C LYS B 74 -15.16 -9.27 47.66
N ILE B 75 -13.87 -9.35 47.99
CA ILE B 75 -13.21 -8.37 48.82
C ILE B 75 -13.32 -7.00 48.18
N LYS B 76 -12.98 -6.91 46.90
CA LYS B 76 -13.08 -5.64 46.19
C LYS B 76 -14.48 -5.08 46.31
N ASN B 77 -15.46 -5.96 46.17
CA ASN B 77 -16.84 -5.53 46.03
C ASN B 77 -17.51 -5.15 47.34
N GLU B 78 -17.00 -5.64 48.46
CA GLU B 78 -17.68 -5.47 49.76
C GLU B 78 -16.78 -4.76 50.81
N VAL B 79 -15.66 -5.39 51.16
CA VAL B 79 -14.67 -4.78 52.04
C VAL B 79 -13.97 -3.55 51.39
N ASP B 80 -13.15 -3.76 50.35
CA ASP B 80 -12.17 -2.74 49.89
C ASP B 80 -12.12 -2.53 48.37
N PRO B 81 -12.90 -1.58 47.84
CA PRO B 81 -12.85 -1.26 46.41
C PRO B 81 -11.53 -0.69 45.87
N THR B 82 -10.53 -0.47 46.71
CA THR B 82 -9.23 -0.01 46.21
C THR B 82 -8.36 -1.20 45.88
N LEU B 83 -8.82 -2.40 46.23
CA LEU B 83 -8.09 -3.62 45.89
C LEU B 83 -8.12 -3.82 44.36
N THR B 84 -6.92 -3.97 43.80
CA THR B 84 -6.70 -3.83 42.37
C THR B 84 -5.93 -5.02 41.79
N PHE B 85 -6.45 -5.58 40.71
CA PHE B 85 -5.87 -6.74 40.07
C PHE B 85 -6.45 -6.93 38.65
N ARG B 86 -5.73 -7.66 37.79
CA ARG B 86 -6.23 -7.96 36.46
C ARG B 86 -7.05 -9.23 36.43
N ARG B 87 -8.06 -9.25 35.55
CA ARG B 87 -8.84 -10.46 35.23
C ARG B 87 -9.70 -10.19 34.00
N SER B 88 -10.22 -11.24 33.38
CA SER B 88 -11.14 -11.06 32.26
C SER B 88 -11.94 -12.34 32.04
N CYS B 89 -11.28 -13.40 31.60
CA CYS B 89 -11.92 -14.72 31.39
C CYS B 89 -12.53 -15.16 32.72
N ARG B 90 -13.16 -16.32 32.75
CA ARG B 90 -13.49 -16.90 34.03
C ARG B 90 -13.07 -18.37 34.10
N GLU B 91 -12.31 -18.81 33.09
CA GLU B 91 -12.12 -20.23 32.74
C GLU B 91 -10.65 -20.59 32.52
N GLY B 92 -9.74 -19.67 32.86
CA GLY B 92 -8.29 -19.91 32.77
C GLY B 92 -7.69 -19.89 31.37
N ILE B 93 -8.23 -19.04 30.48
CA ILE B 93 -7.76 -18.97 29.09
C ILE B 93 -7.10 -17.62 28.73
N CYS B 94 -7.51 -16.53 29.36
CA CYS B 94 -6.99 -15.22 28.98
C CYS B 94 -5.56 -14.97 29.47
N GLY B 95 -5.26 -15.37 30.71
CA GLY B 95 -3.93 -15.17 31.32
C GLY B 95 -3.73 -13.87 32.10
N SER B 96 -4.79 -13.07 32.24
CA SER B 96 -4.73 -11.79 32.96
C SER B 96 -4.45 -11.89 34.45
N CYS B 97 -4.95 -12.94 35.10
CA CYS B 97 -4.97 -12.94 36.55
C CYS B 97 -3.72 -13.58 37.16
N ALA B 98 -2.67 -13.74 36.36
CA ALA B 98 -1.45 -14.42 36.82
C ALA B 98 -0.89 -13.71 38.04
N MET B 99 -0.56 -14.50 39.05
CA MET B 99 -0.04 -13.98 40.30
C MET B 99 0.51 -15.13 41.15
N ASN B 100 1.06 -14.79 42.32
CA ASN B 100 1.62 -15.79 43.20
C ASN B 100 0.68 -16.13 44.35
N ILE B 101 0.25 -17.39 44.42
CA ILE B 101 -0.74 -17.84 45.41
C ILE B 101 -0.22 -19.04 46.18
N ALA B 102 -0.16 -18.95 47.51
CA ALA B 102 0.47 -19.97 48.34
C ALA B 102 1.88 -20.23 47.83
N GLY B 103 2.61 -19.17 47.48
CA GLY B 103 3.99 -19.31 47.03
C GLY B 103 4.26 -19.70 45.59
N GLU B 104 3.23 -20.20 44.89
CA GLU B 104 3.40 -20.68 43.51
C GLU B 104 2.79 -19.67 42.53
N ASN B 105 3.38 -19.57 41.34
CA ASN B 105 2.82 -18.74 40.26
C ASN B 105 1.72 -19.50 39.56
N THR B 106 0.51 -18.94 39.58
CA THR B 106 -0.66 -19.63 39.03
C THR B 106 -1.73 -18.63 38.57
N LEU B 107 -2.87 -19.15 38.15
CA LEU B 107 -3.98 -18.30 37.77
C LEU B 107 -5.01 -18.29 38.92
N ALA B 108 -5.40 -17.10 39.35
CA ALA B 108 -6.39 -16.97 40.43
C ALA B 108 -7.75 -17.59 40.04
N CYS B 109 -8.09 -17.53 38.75
CA CYS B 109 -9.41 -17.94 38.25
C CYS B 109 -9.62 -19.45 38.24
N ILE B 110 -8.55 -20.22 38.17
CA ILE B 110 -8.67 -21.67 38.28
C ILE B 110 -7.92 -22.24 39.48
N CYS B 111 -7.51 -21.37 40.41
CA CYS B 111 -6.82 -21.84 41.60
C CYS B 111 -7.75 -21.92 42.79
N ASN B 112 -8.08 -23.15 43.17
CA ASN B 112 -8.93 -23.40 44.31
C ASN B 112 -8.45 -22.76 45.59
N ILE B 113 -9.37 -22.13 46.32
CA ILE B 113 -9.12 -21.75 47.71
C ILE B 113 -8.80 -22.99 48.55
N ASP B 114 -7.76 -22.91 49.39
CA ASP B 114 -7.46 -23.96 50.39
C ASP B 114 -8.32 -23.71 51.62
N GLN B 115 -9.21 -24.65 51.90
CA GLN B 115 -10.32 -24.38 52.82
C GLN B 115 -9.93 -24.62 54.29
N ASN B 116 -8.74 -25.16 54.48
CA ASN B 116 -8.06 -25.12 55.77
C ASN B 116 -8.09 -23.68 56.27
N THR B 117 -9.10 -23.34 57.08
CA THR B 117 -9.32 -21.97 57.53
C THR B 117 -8.32 -21.46 58.56
N SER B 118 -7.59 -22.36 59.20
CA SER B 118 -6.57 -21.97 60.18
C SER B 118 -5.39 -21.32 59.47
N LYS B 119 -4.99 -21.89 58.33
CA LYS B 119 -3.91 -21.34 57.47
C LYS B 119 -4.37 -20.07 56.74
N THR B 120 -3.48 -19.09 56.64
CA THR B 120 -3.73 -17.94 55.78
C THR B 120 -3.03 -18.20 54.46
N THR B 121 -3.63 -17.73 53.37
CA THR B 121 -3.08 -17.87 52.04
C THR B 121 -2.48 -16.54 51.58
N LYS B 122 -1.19 -16.58 51.24
CA LYS B 122 -0.49 -15.38 50.78
C LYS B 122 -0.68 -15.16 49.29
N ILE B 123 -0.90 -13.90 48.92
CA ILE B 123 -1.12 -13.53 47.52
C ILE B 123 -0.23 -12.33 47.16
N TYR B 124 0.81 -12.61 46.40
CA TYR B 124 1.74 -11.58 45.92
C TYR B 124 1.64 -11.48 44.41
N PRO B 125 2.14 -10.38 43.84
CA PRO B 125 2.20 -10.28 42.40
C PRO B 125 3.21 -11.27 41.87
N LEU B 126 3.18 -11.47 40.56
CA LEU B 126 4.20 -12.25 39.91
C LEU B 126 5.58 -11.78 40.44
N PRO B 127 6.46 -12.72 40.81
CA PRO B 127 7.76 -12.32 41.36
C PRO B 127 8.70 -11.51 40.46
N HIS B 128 9.43 -10.62 41.11
CA HIS B 128 10.48 -9.82 40.48
C HIS B 128 10.01 -8.98 39.30
N MET B 129 8.75 -8.61 39.29
CA MET B 129 8.28 -7.67 38.31
C MET B 129 8.10 -6.32 39.02
N PHE B 130 8.36 -5.25 38.29
CA PHE B 130 8.04 -3.93 38.79
C PHE B 130 6.53 -3.83 38.91
N VAL B 131 6.05 -3.22 39.98
CA VAL B 131 4.62 -3.19 40.19
C VAL B 131 4.10 -1.79 39.94
N ILE B 132 2.90 -1.74 39.35
CA ILE B 132 2.18 -0.48 39.14
C ILE B 132 1.36 -0.20 40.37
N LYS B 133 0.65 -1.24 40.83
CA LYS B 133 -0.28 -1.11 41.94
C LYS B 133 -0.76 -2.48 42.37
N ASP B 134 -0.90 -2.65 43.68
CA ASP B 134 -1.40 -3.90 44.27
C ASP B 134 -0.88 -5.14 43.51
N LEU B 135 -1.77 -6.01 43.04
CA LEU B 135 -1.35 -7.22 42.35
C LEU B 135 -1.07 -7.03 40.86
N VAL B 136 -1.04 -5.78 40.37
CA VAL B 136 -0.88 -5.49 38.92
C VAL B 136 0.55 -5.11 38.50
N PRO B 137 1.29 -6.04 37.86
CA PRO B 137 2.68 -5.73 37.47
C PRO B 137 2.88 -5.17 36.05
N ASP B 138 3.92 -4.37 35.86
CA ASP B 138 4.28 -3.88 34.55
C ASP B 138 4.76 -5.03 33.68
N MET B 139 4.17 -5.15 32.50
CA MET B 139 4.23 -6.38 31.73
C MET B 139 4.85 -6.17 30.38
N ASN B 140 5.46 -5.01 30.17
CA ASN B 140 5.82 -4.57 28.82
C ASN B 140 7.16 -5.05 28.35
N LEU B 141 8.04 -5.46 29.25
CA LEU B 141 9.29 -6.09 28.81
C LEU B 141 8.92 -7.46 28.26
N PHE B 142 8.12 -8.20 29.03
CA PHE B 142 7.60 -9.48 28.61
C PHE B 142 6.99 -9.38 27.19
N TYR B 143 6.09 -8.43 26.99
CA TYR B 143 5.49 -8.26 25.67
C TYR B 143 6.54 -7.93 24.62
N ALA B 144 7.38 -6.94 24.93
CA ALA B 144 8.49 -6.56 24.05
C ALA B 144 9.28 -7.78 23.59
N GLN B 145 9.67 -8.60 24.56
CA GLN B 145 10.41 -9.81 24.27
C GLN B 145 9.59 -10.78 23.42
N TYR B 146 8.28 -10.80 23.61
CA TYR B 146 7.43 -11.56 22.73
C TYR B 146 7.61 -11.06 21.29
N ALA B 147 7.53 -9.75 21.07
CA ALA B 147 7.71 -9.22 19.71
C ALA B 147 9.12 -9.54 19.17
N SER B 148 10.10 -9.65 20.07
CA SER B 148 11.49 -9.91 19.70
C SER B 148 11.69 -11.16 18.83
N ILE B 149 10.84 -12.19 19.02
CA ILE B 149 10.95 -13.46 18.30
C ILE B 149 10.25 -13.49 16.95
N GLN B 150 9.57 -12.40 16.58
CA GLN B 150 8.78 -12.37 15.35
C GLN B 150 7.78 -13.55 15.33
N PRO B 151 6.74 -13.48 16.16
CA PRO B 151 5.86 -14.62 16.27
C PRO B 151 4.81 -14.54 15.16
N TRP B 152 5.22 -14.82 13.94
CA TRP B 152 4.31 -14.86 12.80
C TRP B 152 4.93 -15.70 11.70
N LEU B 153 4.09 -16.22 10.81
CA LEU B 153 4.56 -17.17 9.80
C LEU B 153 5.36 -16.50 8.69
N GLN B 154 6.57 -17.00 8.47
CA GLN B 154 7.51 -16.45 7.48
C GLN B 154 7.79 -17.47 6.36
N LYS B 155 7.56 -17.05 5.12
CA LYS B 155 7.73 -17.94 3.98
C LYS B 155 8.73 -17.36 2.96
N LYS B 156 9.82 -18.09 2.71
CA LYS B 156 10.96 -17.58 1.94
C LYS B 156 10.58 -17.23 0.50
N THR B 157 9.74 -18.06 -0.12
CA THR B 157 9.15 -17.72 -1.43
C THR B 157 7.72 -17.22 -1.21
N LYS B 158 7.53 -15.90 -1.39
CA LYS B 158 6.25 -15.26 -1.01
C LYS B 158 5.04 -15.86 -1.75
N ILE B 159 3.98 -16.14 -0.98
CA ILE B 159 2.76 -16.80 -1.48
C ILE B 159 1.57 -15.82 -1.48
N ASN B 160 0.69 -15.96 -2.47
CA ASN B 160 -0.54 -15.14 -2.55
C ASN B 160 -1.50 -15.51 -1.41
N LEU B 161 -1.95 -14.48 -0.70
CA LEU B 161 -2.46 -14.63 0.68
C LEU B 161 -3.71 -15.52 0.88
N GLY B 162 -4.79 -15.22 0.17
CA GLY B 162 -6.03 -15.98 0.32
C GLY B 162 -6.12 -17.29 -0.46
N GLU B 163 -5.18 -17.48 -1.39
CA GLU B 163 -5.36 -18.41 -2.52
C GLU B 163 -5.47 -19.87 -2.11
N LYS B 164 -4.53 -20.37 -1.32
CA LYS B 164 -4.67 -21.75 -0.86
C LYS B 164 -3.99 -22.07 0.47
N GLN B 165 -4.39 -23.19 1.04
CA GLN B 165 -3.86 -23.69 2.29
C GLN B 165 -2.49 -24.26 2.05
N GLN B 166 -1.57 -23.97 2.95
CA GLN B 166 -0.29 -24.64 2.94
C GLN B 166 -0.51 -26.05 3.44
N TYR B 167 0.20 -27.01 2.84
CA TYR B 167 0.12 -28.41 3.27
C TYR B 167 0.83 -28.59 4.61
N GLN B 168 0.26 -29.43 5.46
CA GLN B 168 0.93 -29.85 6.68
C GLN B 168 0.29 -31.13 7.16
N SER B 169 1.10 -32.12 7.48
CA SER B 169 0.59 -33.40 7.92
C SER B 169 0.05 -33.26 9.33
N ILE B 170 -0.68 -34.27 9.77
CA ILE B 170 -1.12 -34.34 11.14
C ILE B 170 0.11 -34.31 12.04
N LYS B 171 0.99 -35.30 11.89
CA LYS B 171 2.13 -35.48 12.81
C LYS B 171 3.03 -34.22 12.90
N GLU B 172 3.08 -33.47 11.80
CA GLU B 172 3.75 -32.18 11.78
C GLU B 172 3.03 -31.14 12.69
N GLN B 173 1.74 -30.90 12.45
CA GLN B 173 0.99 -29.94 13.29
C GLN B 173 0.88 -30.42 14.74
N GLU B 174 0.90 -31.73 14.95
CA GLU B 174 0.93 -32.30 16.31
C GLU B 174 2.21 -31.95 17.09
N LYS B 175 3.25 -31.51 16.38
CA LYS B 175 4.46 -30.95 17.04
C LYS B 175 4.15 -29.63 17.75
N LEU B 176 3.07 -28.97 17.34
CA LEU B 176 2.66 -27.71 17.94
C LEU B 176 1.89 -27.88 19.25
N ASP B 177 1.36 -29.07 19.51
CA ASP B 177 0.77 -29.34 20.82
C ASP B 177 1.81 -29.14 21.92
N GLY B 178 1.37 -28.81 23.12
CA GLY B 178 2.29 -28.41 24.18
C GLY B 178 2.91 -27.04 23.97
N LEU B 179 2.57 -26.38 22.86
CA LEU B 179 3.22 -25.14 22.45
C LEU B 179 2.26 -24.01 22.12
N TYR B 180 1.33 -24.23 21.19
CA TYR B 180 0.39 -23.17 20.78
C TYR B 180 -0.59 -22.86 21.90
N GLU B 181 -0.69 -23.73 22.90
CA GLU B 181 -1.62 -23.49 24.00
C GLU B 181 -1.25 -22.33 24.92
N CYS B 182 -0.03 -21.81 24.85
CA CYS B 182 0.42 -20.81 25.83
C CYS B 182 -0.46 -19.53 25.83
N ILE B 183 -0.97 -19.18 27.01
CA ILE B 183 -1.87 -18.03 27.14
C ILE B 183 -1.14 -16.73 27.49
N LEU B 184 0.19 -16.79 27.51
CA LEU B 184 1.06 -15.63 27.69
C LEU B 184 0.84 -14.97 29.05
N CYS B 185 0.66 -15.79 30.08
CA CYS B 185 0.32 -15.31 31.42
C CYS B 185 1.55 -14.94 32.22
N ALA B 186 2.71 -15.51 31.88
CA ALA B 186 4.02 -15.14 32.45
C ALA B 186 4.36 -15.80 33.81
N CYS B 187 3.49 -16.70 34.26
CA CYS B 187 3.76 -17.47 35.48
C CYS B 187 5.13 -18.13 35.44
N CYS B 188 5.46 -18.75 34.31
CA CYS B 188 6.72 -19.49 34.16
C CYS B 188 7.92 -18.55 34.18
N SER B 189 7.91 -17.51 33.35
CA SER B 189 8.99 -16.51 33.34
C SER B 189 9.21 -15.84 34.70
N ALA B 190 8.15 -15.60 35.47
CA ALA B 190 8.28 -15.00 36.80
C ALA B 190 8.58 -16.03 37.86
N SER B 191 8.80 -17.29 37.48
CA SER B 191 9.27 -18.31 38.41
C SER B 191 10.76 -18.61 38.22
N CYS B 192 11.34 -18.13 37.12
CA CYS B 192 12.69 -18.54 36.70
C CYS B 192 13.74 -17.60 37.29
N PRO B 193 14.51 -18.07 38.27
CA PRO B 193 15.50 -17.14 38.83
C PRO B 193 16.49 -16.55 37.82
N SER B 194 16.84 -17.32 36.78
CA SER B 194 17.67 -16.75 35.72
C SER B 194 17.02 -15.48 35.19
N TYR B 195 15.72 -15.55 34.89
CA TYR B 195 14.93 -14.38 34.46
C TYR B 195 14.86 -13.30 35.54
N TRP B 196 14.71 -13.70 36.80
CA TRP B 196 14.75 -12.74 37.91
C TRP B 196 16.01 -11.84 37.87
N TRP B 197 17.14 -12.43 37.55
CA TRP B 197 18.40 -11.70 37.56
C TRP B 197 18.67 -10.95 36.26
N ASN B 198 18.22 -11.47 35.12
CA ASN B 198 18.62 -10.87 33.84
C ASN B 198 17.51 -10.68 32.82
N ALA B 199 16.36 -10.24 33.28
CA ALA B 199 15.22 -10.04 32.41
C ALA B 199 15.60 -9.28 31.13
N ASP B 200 16.53 -8.33 31.26
CA ASP B 200 16.92 -7.48 30.11
C ASP B 200 17.66 -8.24 29.02
N LYS B 201 18.31 -9.34 29.39
CA LYS B 201 19.13 -10.09 28.46
C LYS B 201 18.65 -11.52 28.21
N TYR B 202 18.10 -12.18 29.22
CA TYR B 202 17.59 -13.55 29.07
C TYR B 202 16.10 -13.50 28.69
N LEU B 203 15.74 -14.09 27.55
CA LEU B 203 14.38 -13.97 27.00
C LEU B 203 13.31 -14.66 27.86
N GLY B 204 13.71 -15.68 28.62
CA GLY B 204 12.79 -16.37 29.53
C GLY B 204 11.98 -17.52 28.92
N PRO B 205 11.39 -18.38 29.77
CA PRO B 205 10.71 -19.59 29.31
C PRO B 205 9.48 -19.38 28.43
N ALA B 206 8.61 -18.44 28.79
CA ALA B 206 7.40 -18.18 28.00
C ALA B 206 7.75 -17.84 26.56
N VAL B 207 8.65 -16.87 26.38
CA VAL B 207 9.03 -16.38 25.04
C VAL B 207 9.86 -17.40 24.25
N LEU B 208 10.78 -18.05 24.93
CA LEU B 208 11.61 -19.09 24.29
C LEU B 208 10.77 -20.22 23.70
N MET B 209 9.78 -20.72 24.46
CA MET B 209 8.89 -21.76 23.93
C MET B 209 8.09 -21.29 22.71
N GLN B 210 7.75 -20.00 22.67
CA GLN B 210 7.11 -19.46 21.49
C GLN B 210 8.12 -19.19 20.37
N ALA B 211 9.38 -18.97 20.76
CA ALA B 211 10.47 -18.97 19.79
C ALA B 211 10.55 -20.37 19.19
N TYR B 212 10.53 -21.38 20.04
CA TYR B 212 10.58 -22.75 19.57
C TYR B 212 9.36 -23.09 18.75
N ARG B 213 8.21 -22.52 19.13
CA ARG B 213 6.96 -22.81 18.45
C ARG B 213 7.04 -22.45 16.98
N TRP B 214 7.64 -21.30 16.65
CA TRP B 214 7.80 -20.90 15.24
C TRP B 214 9.02 -21.56 14.55
N ILE B 215 9.88 -22.18 15.36
CA ILE B 215 11.02 -22.91 14.83
C ILE B 215 10.59 -24.26 14.30
N ILE B 216 9.94 -25.09 15.13
CA ILE B 216 9.49 -26.43 14.66
C ILE B 216 8.21 -26.43 13.83
N ASP B 217 7.73 -25.28 13.40
CA ASP B 217 6.57 -25.28 12.51
C ASP B 217 7.02 -25.54 11.06
N SER B 218 6.67 -26.73 10.54
CA SER B 218 7.00 -27.12 9.17
C SER B 218 6.73 -26.03 8.11
N ARG B 219 5.65 -25.27 8.29
CA ARG B 219 5.27 -24.26 7.30
C ARG B 219 6.19 -23.03 7.35
N ASP B 220 7.01 -22.95 8.40
CA ASP B 220 7.89 -21.80 8.56
C ASP B 220 9.28 -22.06 7.93
N ASP B 221 9.70 -21.16 7.04
CA ASP B 221 10.97 -21.30 6.33
C ASP B 221 12.18 -20.76 7.09
N SER B 222 11.98 -19.78 7.97
CA SER B 222 13.07 -19.03 8.61
C SER B 222 13.66 -19.66 9.88
N ALA B 223 13.65 -20.99 10.00
CA ALA B 223 14.17 -21.62 11.23
C ALA B 223 15.56 -21.11 11.65
N ALA B 224 16.52 -21.16 10.74
CA ALA B 224 17.92 -20.81 11.09
C ALA B 224 18.08 -19.35 11.57
N GLU B 225 17.27 -18.46 11.01
CA GLU B 225 17.33 -17.02 11.32
C GLU B 225 16.70 -16.73 12.68
N ARG B 226 15.72 -17.52 13.08
CA ARG B 226 15.12 -17.43 14.41
C ARG B 226 16.13 -17.80 15.48
N LEU B 227 16.87 -18.87 15.20
CA LEU B 227 17.99 -19.29 16.05
C LEU B 227 19.09 -18.23 16.12
N ALA B 228 19.40 -17.64 14.96
CA ALA B 228 20.46 -16.62 14.84
C ALA B 228 20.20 -15.40 15.74
N ARG B 229 18.91 -15.08 15.90
CA ARG B 229 18.47 -14.00 16.78
C ARG B 229 18.73 -14.26 18.26
N MET B 230 18.92 -15.53 18.65
CA MET B 230 19.20 -15.87 20.05
C MET B 230 20.45 -16.77 20.21
N GLN B 231 21.43 -16.56 19.34
CA GLN B 231 22.71 -17.28 19.36
C GLN B 231 23.57 -17.01 20.58
N ASP B 232 23.57 -15.77 21.04
CA ASP B 232 24.50 -15.27 22.08
C ASP B 232 24.41 -15.98 23.42
N GLY B 233 25.20 -15.52 24.38
CA GLY B 233 25.38 -16.26 25.60
C GLY B 233 24.33 -16.03 26.65
N PHE B 234 23.38 -15.16 26.36
CA PHE B 234 22.37 -14.75 27.36
C PHE B 234 20.92 -15.11 26.99
N SER B 235 20.55 -14.87 25.73
CA SER B 235 19.14 -14.98 25.28
C SER B 235 18.43 -16.31 25.55
N ALA B 236 18.99 -17.42 25.08
CA ALA B 236 18.51 -18.73 25.48
C ALA B 236 19.47 -19.40 26.45
N PHE B 237 20.78 -19.15 26.30
CA PHE B 237 21.80 -19.93 27.04
C PHE B 237 21.93 -19.58 28.51
N LYS B 238 21.25 -18.53 28.97
CA LYS B 238 21.17 -18.29 30.42
C LYS B 238 20.14 -19.17 31.17
N CYS B 239 19.56 -20.15 30.50
CA CYS B 239 18.66 -21.08 31.17
C CYS B 239 19.49 -22.12 31.94
N HIS B 240 19.42 -22.08 33.27
CA HIS B 240 20.20 -22.98 34.12
C HIS B 240 19.42 -24.22 34.60
N THR B 241 18.57 -24.77 33.72
CA THR B 241 17.75 -25.95 34.02
C THR B 241 17.23 -25.99 35.47
N ILE B 242 16.69 -24.87 35.93
CA ILE B 242 16.15 -24.77 37.29
C ILE B 242 14.80 -25.49 37.36
N MET B 243 14.11 -25.56 36.22
CA MET B 243 12.89 -26.36 36.04
C MET B 243 11.66 -25.82 36.79
N ASN B 244 11.67 -24.53 37.15
CA ASN B 244 10.51 -23.94 37.82
C ASN B 244 9.37 -23.64 36.84
N CYS B 245 9.73 -23.48 35.58
CA CYS B 245 8.79 -23.01 34.58
C CYS B 245 7.78 -24.10 34.30
N THR B 246 8.28 -25.30 34.07
CA THR B 246 7.45 -26.45 33.79
C THR B 246 6.67 -26.84 35.03
N LYS B 247 7.24 -26.67 36.21
CA LYS B 247 6.53 -27.01 37.44
C LYS B 247 5.32 -26.11 37.67
N THR B 248 5.43 -24.82 37.38
CA THR B 248 4.42 -23.85 37.80
C THR B 248 3.36 -23.56 36.73
N CYS B 249 3.55 -24.06 35.52
CA CYS B 249 2.71 -23.64 34.39
C CYS B 249 1.28 -24.07 34.58
N PRO B 250 0.36 -23.12 34.71
CA PRO B 250 -1.03 -23.47 35.01
C PRO B 250 -1.79 -24.12 33.86
N LYS B 251 -1.19 -24.13 32.67
CA LYS B 251 -1.73 -24.89 31.54
C LYS B 251 -0.95 -26.18 31.32
N HIS B 252 -0.24 -26.64 32.35
CA HIS B 252 0.50 -27.91 32.30
C HIS B 252 1.38 -28.06 31.05
N LEU B 253 2.07 -27.00 30.66
CA LEU B 253 3.00 -27.06 29.52
C LEU B 253 4.44 -27.16 30.02
N ASN B 254 5.36 -27.30 29.07
CA ASN B 254 6.73 -27.64 29.42
C ASN B 254 7.79 -26.81 28.67
N PRO B 255 7.96 -25.54 29.09
CA PRO B 255 8.96 -24.68 28.45
C PRO B 255 10.40 -25.20 28.60
N ALA B 256 10.72 -25.77 29.75
CA ALA B 256 12.04 -26.36 29.96
C ALA B 256 12.49 -27.27 28.81
N ARG B 257 11.58 -28.08 28.29
CA ARG B 257 11.85 -28.99 27.18
C ARG B 257 12.07 -28.23 25.87
N ALA B 258 11.28 -27.20 25.65
CA ALA B 258 11.44 -26.43 24.43
C ALA B 258 12.80 -25.72 24.45
N ILE B 259 13.34 -25.46 25.65
CA ILE B 259 14.59 -24.73 25.77
C ILE B 259 15.76 -25.67 25.49
N GLY B 260 15.72 -26.84 26.09
CA GLY B 260 16.62 -27.92 25.75
C GLY B 260 16.64 -28.12 24.24
N GLU B 261 15.46 -28.09 23.63
CA GLU B 261 15.35 -28.35 22.21
C GLU B 261 16.01 -27.23 21.40
N ILE B 262 15.95 -26.01 21.93
CA ILE B 262 16.64 -24.87 21.33
C ILE B 262 18.15 -24.99 21.54
N LYS B 263 18.56 -25.38 22.74
CA LYS B 263 19.96 -25.66 23.04
C LYS B 263 20.57 -26.76 22.13
N MET B 264 19.83 -27.85 21.90
CA MET B 264 20.25 -28.89 20.98
C MET B 264 20.37 -28.32 19.57
N LEU B 265 19.35 -27.60 19.13
CA LEU B 265 19.38 -27.02 17.79
C LEU B 265 20.51 -26.01 17.65
N LEU B 266 20.74 -25.25 18.71
CA LEU B 266 21.59 -24.08 18.65
C LEU B 266 23.06 -24.49 18.75
N THR B 267 23.32 -25.62 19.42
CA THR B 267 24.64 -26.27 19.42
C THR B 267 24.84 -27.26 18.24
N LYS B 268 23.97 -27.18 17.23
CA LYS B 268 24.00 -28.12 16.08
C LYS B 268 23.94 -29.62 16.41
N MET B 269 23.53 -29.97 17.64
CA MET B 269 23.36 -31.38 18.01
C MET B 269 22.10 -32.01 17.41
N LYS B 270 21.20 -31.17 16.90
CA LYS B 270 20.05 -31.59 16.09
C LYS B 270 19.87 -30.57 14.98
N THR B 271 19.02 -30.89 14.01
CA THR B 271 18.46 -29.86 13.12
C THR B 271 16.95 -30.03 12.95
N LYS B 272 16.32 -28.97 12.46
CA LYS B 272 14.90 -29.00 12.17
C LYS B 272 14.79 -29.93 10.97
N PRO B 273 13.82 -30.88 11.00
CA PRO B 273 13.58 -31.59 9.75
C PRO B 273 13.07 -30.66 8.68
N ALA B 274 12.89 -31.17 7.47
CA ALA B 274 12.44 -30.34 6.37
C ALA B 274 10.94 -30.56 6.21
N PRO B 275 10.26 -29.61 5.55
CA PRO B 275 8.85 -29.88 5.36
C PRO B 275 8.66 -31.22 4.63
N LEU B 276 7.78 -32.08 5.13
CA LEU B 276 7.33 -33.25 4.37
C LEU B 276 6.69 -32.72 3.09
N PRO B 277 6.91 -33.40 1.94
CA PRO B 277 6.57 -32.77 0.68
C PRO B 277 5.06 -32.77 0.41
N THR B 278 4.60 -31.73 -0.26
CA THR B 278 3.18 -31.49 -0.50
C THR B 278 2.70 -32.31 -1.71
N PRO B 279 1.85 -33.35 -1.49
CA PRO B 279 1.40 -34.22 -2.61
C PRO B 279 0.91 -33.42 -3.81
N ALA B 280 1.26 -33.84 -5.03
CA ALA B 280 1.07 -33.01 -6.23
C ALA B 280 -0.40 -32.74 -6.62
N ASN B 281 -1.32 -33.60 -6.15
CA ASN B 281 -2.77 -33.32 -6.25
C ASN B 281 -3.19 -32.07 -5.45
N PHE B 282 -3.19 -32.19 -4.11
CA PHE B 282 -3.34 -31.07 -3.14
C PHE B 282 -3.15 -29.65 -3.73
N GLU C 34 28.48 -6.69 22.92
CA GLU C 34 27.56 -6.20 21.86
C GLU C 34 26.20 -6.91 21.99
N LYS C 35 25.18 -6.13 22.37
CA LYS C 35 23.82 -6.62 22.66
C LYS C 35 22.93 -6.62 21.42
N THR C 36 21.92 -7.50 21.43
CA THR C 36 20.83 -7.51 20.44
C THR C 36 19.98 -6.26 20.58
N PRO C 37 19.14 -5.97 19.57
CA PRO C 37 18.22 -4.82 19.73
C PRO C 37 17.28 -4.96 20.94
N ILE C 38 16.76 -6.17 21.18
CA ILE C 38 15.87 -6.43 22.34
C ILE C 38 16.56 -6.28 23.69
N GLN C 39 17.85 -6.58 23.74
CA GLN C 39 18.60 -6.40 24.97
C GLN C 39 18.87 -4.91 25.26
N VAL C 40 19.07 -4.12 24.21
CA VAL C 40 19.21 -2.68 24.36
C VAL C 40 17.90 -2.11 24.91
N TRP C 41 16.79 -2.49 24.28
CA TRP C 41 15.45 -2.07 24.70
C TRP C 41 15.19 -2.53 26.13
N GLY C 42 15.55 -3.78 26.41
CA GLY C 42 15.42 -4.34 27.75
C GLY C 42 16.14 -3.51 28.80
N TRP C 43 17.34 -3.02 28.48
CA TRP C 43 18.12 -2.21 29.40
C TRP C 43 17.44 -0.86 29.64
N ASP C 44 16.98 -0.21 28.57
CA ASP C 44 16.24 1.07 28.73
C ASP C 44 14.96 0.91 29.55
N TYR C 45 14.34 -0.28 29.47
CA TYR C 45 13.19 -0.59 30.30
C TYR C 45 13.54 -0.50 31.79
N LEU C 46 14.63 -1.16 32.16
CA LEU C 46 15.04 -1.18 33.56
C LEU C 46 15.24 0.23 34.10
N MET C 47 15.92 1.09 33.32
CA MET C 47 16.16 2.48 33.76
C MET C 47 14.84 3.24 33.88
N ARG C 48 14.02 3.17 32.83
CA ARG C 48 12.65 3.66 32.89
C ARG C 48 11.91 3.25 34.16
N GLN C 49 12.05 1.99 34.58
CA GLN C 49 11.39 1.50 35.80
C GLN C 49 12.10 1.96 37.06
N ARG C 50 13.41 2.15 37.01
CA ARG C 50 14.07 2.71 38.19
C ARG C 50 13.75 4.17 38.29
N ALA C 51 13.64 4.85 37.15
CA ALA C 51 13.27 6.26 37.12
C ALA C 51 11.85 6.49 37.68
N LEU C 52 10.95 5.53 37.42
CA LEU C 52 9.60 5.60 37.96
C LEU C 52 9.50 5.18 39.43
N LYS C 53 10.61 4.83 40.06
CA LYS C 53 10.63 4.56 41.50
C LYS C 53 9.62 3.48 41.91
N ARG C 54 9.39 2.51 41.04
CA ARG C 54 8.44 1.43 41.33
C ARG C 54 9.15 0.32 42.10
N PRO C 55 8.46 -0.27 43.09
CA PRO C 55 9.01 -1.41 43.84
C PRO C 55 9.18 -2.63 42.95
N ILE C 56 9.95 -3.62 43.41
CA ILE C 56 10.07 -4.89 42.73
C ILE C 56 9.33 -5.96 43.50
N ALA C 57 8.48 -6.70 42.80
CA ALA C 57 7.62 -7.65 43.48
C ALA C 57 8.50 -8.73 44.09
N PRO C 58 8.31 -9.05 45.39
CA PRO C 58 9.16 -10.05 46.07
C PRO C 58 9.26 -11.41 45.36
N HIS C 59 10.35 -12.13 45.63
CA HIS C 59 10.71 -13.38 44.94
C HIS C 59 11.19 -14.50 45.90
N LEU C 60 12.51 -14.59 46.13
CA LEU C 60 13.13 -15.58 47.04
C LEU C 60 12.41 -15.79 48.36
N THR C 61 12.14 -14.66 49.01
CA THR C 61 11.56 -14.66 50.34
C THR C 61 10.08 -15.03 50.38
N ILE C 62 9.43 -15.15 49.22
CA ILE C 62 8.01 -15.54 49.16
C ILE C 62 7.70 -16.76 48.30
N TYR C 63 8.65 -17.20 47.47
CA TYR C 63 8.37 -18.29 46.54
C TYR C 63 8.52 -19.60 47.29
N LYS C 64 7.50 -20.45 47.18
CA LYS C 64 7.44 -21.74 47.84
C LYS C 64 8.66 -22.55 47.47
N PRO C 65 9.36 -23.12 48.48
CA PRO C 65 10.47 -24.02 48.18
C PRO C 65 9.93 -25.30 47.56
N GLN C 66 10.57 -25.73 46.47
CA GLN C 66 10.14 -26.90 45.70
C GLN C 66 11.39 -27.68 45.33
N MET C 67 11.25 -28.99 45.15
CA MET C 67 12.39 -29.84 44.80
C MET C 67 13.02 -29.52 43.43
N THR C 68 12.51 -28.51 42.72
CA THR C 68 13.09 -28.08 41.44
C THR C 68 14.27 -27.12 41.65
N TRP C 69 13.96 -25.96 42.24
CA TRP C 69 14.93 -24.88 42.45
C TRP C 69 15.80 -25.01 43.72
N MET C 70 15.33 -25.73 44.74
CA MET C 70 16.17 -26.13 45.88
C MET C 70 17.41 -26.90 45.44
N VAL C 71 17.20 -27.84 44.54
CA VAL C 71 18.26 -28.70 44.05
C VAL C 71 19.18 -27.92 43.10
N SER C 72 18.64 -27.02 42.29
CA SER C 72 19.49 -26.07 41.54
C SER C 72 20.23 -25.19 42.51
N GLY C 73 19.57 -24.83 43.61
CA GLY C 73 20.21 -24.14 44.70
C GLY C 73 21.39 -24.97 45.13
N LEU C 74 21.11 -26.20 45.54
CA LEU C 74 22.15 -27.06 46.09
C LEU C 74 23.28 -27.27 45.10
N HIS C 75 22.95 -27.44 43.82
CA HIS C 75 23.96 -27.69 42.81
C HIS C 75 24.91 -26.51 42.65
N ARG C 76 24.36 -25.31 42.78
CA ARG C 76 25.16 -24.10 42.70
C ARG C 76 25.93 -23.88 44.02
N VAL C 77 25.26 -23.98 45.16
CA VAL C 77 25.98 -23.84 46.42
C VAL C 77 27.19 -24.80 46.41
N THR C 78 26.94 -26.09 46.17
CA THR C 78 28.00 -27.07 46.26
C THR C 78 29.10 -26.77 45.25
N GLY C 79 28.71 -26.50 44.02
CA GLY C 79 29.70 -26.23 42.97
C GLY C 79 30.62 -25.09 43.36
N CYS C 80 30.07 -24.08 44.02
CA CYS C 80 30.81 -22.89 44.44
C CYS C 80 31.60 -23.18 45.72
N ALA C 81 30.93 -23.76 46.71
CA ALA C 81 31.57 -24.16 47.96
C ALA C 81 32.82 -25.00 47.71
N MET C 82 32.82 -25.81 46.66
CA MET C 82 34.01 -26.57 46.31
C MET C 82 35.03 -25.67 45.63
N ALA C 83 34.58 -24.90 44.64
CA ALA C 83 35.50 -24.00 43.92
C ALA C 83 36.19 -23.07 44.91
N GLY C 84 35.42 -22.57 45.87
CA GLY C 84 35.94 -21.72 46.92
C GLY C 84 36.96 -22.40 47.79
N THR C 85 36.69 -23.66 48.17
CA THR C 85 37.60 -24.43 49.05
C THR C 85 38.97 -24.64 48.40
N LEU C 86 38.98 -25.02 47.13
CA LEU C 86 40.21 -25.12 46.35
C LEU C 86 40.97 -23.80 46.19
N LEU C 87 40.31 -22.65 46.41
CA LEU C 87 41.01 -21.37 46.38
C LEU C 87 41.57 -21.03 47.76
N ILE C 88 40.75 -21.16 48.80
CA ILE C 88 41.19 -20.88 50.17
C ILE C 88 42.28 -21.87 50.60
N GLY C 89 42.26 -23.07 50.05
CA GLY C 89 43.24 -24.11 50.37
C GLY C 89 44.52 -23.95 49.58
N GLY C 90 44.43 -24.13 48.26
CA GLY C 90 45.58 -23.98 47.38
C GLY C 90 46.38 -22.70 47.56
N VAL C 91 45.70 -21.61 47.92
CA VAL C 91 46.39 -20.34 48.17
C VAL C 91 46.69 -20.19 49.65
N GLY C 92 45.75 -20.57 50.51
CA GLY C 92 45.98 -20.63 51.96
C GLY C 92 47.29 -21.32 52.30
N PHE C 93 47.39 -22.63 52.06
CA PHE C 93 48.59 -23.37 52.44
C PHE C 93 49.83 -22.97 51.64
N SER C 94 49.62 -22.42 50.44
CA SER C 94 50.73 -21.90 49.66
C SER C 94 51.31 -20.66 50.33
N VAL C 95 50.46 -19.67 50.55
CA VAL C 95 50.89 -18.37 51.04
C VAL C 95 51.31 -18.43 52.52
N LEU C 96 50.70 -19.32 53.31
CA LEU C 96 50.99 -19.39 54.75
C LEU C 96 52.30 -20.17 55.04
N PRO C 97 52.87 -20.00 56.26
CA PRO C 97 54.01 -20.83 56.67
C PRO C 97 53.59 -22.28 56.83
N LEU C 98 52.42 -22.50 57.43
CA LEU C 98 51.85 -23.83 57.62
C LEU C 98 51.91 -24.71 56.37
N ASP C 99 52.18 -26.00 56.56
CA ASP C 99 52.06 -27.02 55.49
C ASP C 99 50.91 -27.97 55.83
N PHE C 100 50.38 -28.68 54.84
CA PHE C 100 49.17 -29.49 55.04
C PHE C 100 49.38 -30.62 56.06
N THR C 101 50.60 -31.16 56.12
CA THR C 101 50.90 -32.25 57.05
C THR C 101 50.78 -31.80 58.51
N THR C 102 51.30 -30.62 58.81
CA THR C 102 51.17 -30.06 60.15
C THR C 102 49.70 -29.77 60.48
N PHE C 103 48.93 -29.37 59.46
CA PHE C 103 47.50 -29.10 59.66
C PHE C 103 46.71 -30.37 59.99
N VAL C 104 47.09 -31.50 59.40
CA VAL C 104 46.42 -32.77 59.68
C VAL C 104 46.76 -33.23 61.11
N GLU C 105 48.04 -33.18 61.46
CA GLU C 105 48.50 -33.56 62.81
C GLU C 105 47.87 -32.66 63.88
N PHE C 106 47.77 -31.37 63.59
CA PHE C 106 47.08 -30.44 64.47
C PHE C 106 45.71 -31.00 64.87
N ILE C 107 44.88 -31.34 63.86
CA ILE C 107 43.49 -31.75 64.15
C ILE C 107 43.43 -33.14 64.81
N ARG C 108 44.38 -34.02 64.47
CA ARG C 108 44.49 -35.33 65.13
C ARG C 108 44.86 -35.14 66.61
N GLY C 109 45.80 -34.23 66.86
CA GLY C 109 46.15 -33.83 68.21
C GLY C 109 44.97 -33.37 69.06
N LEU C 110 43.86 -32.98 68.43
CA LEU C 110 42.68 -32.50 69.16
C LEU C 110 41.88 -33.63 69.81
N GLY C 111 42.08 -34.87 69.37
CA GLY C 111 41.42 -36.04 69.96
C GLY C 111 39.91 -36.05 69.78
N ILE C 112 39.47 -35.82 68.55
CA ILE C 112 38.05 -35.76 68.20
C ILE C 112 37.47 -37.18 68.13
N PRO C 113 36.22 -37.39 68.58
CA PRO C 113 35.58 -38.71 68.40
C PRO C 113 35.51 -39.14 66.93
N TRP C 114 35.59 -40.46 66.68
CA TRP C 114 35.66 -40.97 65.30
C TRP C 114 34.40 -40.65 64.50
N VAL C 115 33.24 -40.74 65.15
CA VAL C 115 31.95 -40.44 64.51
C VAL C 115 31.88 -39.03 63.93
N ILE C 116 32.30 -38.03 64.72
CA ILE C 116 32.26 -36.64 64.26
C ILE C 116 33.28 -36.45 63.13
N LEU C 117 34.41 -37.14 63.22
CA LEU C 117 35.41 -37.12 62.15
C LEU C 117 34.87 -37.74 60.87
N ASP C 118 34.14 -38.84 61.00
CA ASP C 118 33.52 -39.48 59.83
C ASP C 118 32.33 -38.68 59.27
N THR C 119 31.73 -37.83 60.11
CA THR C 119 30.70 -36.90 59.66
C THR C 119 31.31 -35.77 58.82
N PHE C 120 32.35 -35.12 59.34
CA PHE C 120 33.10 -34.14 58.59
C PHE C 120 33.53 -34.74 57.25
N LYS C 121 33.81 -36.04 57.24
CA LYS C 121 34.20 -36.75 56.01
C LYS C 121 33.02 -36.96 55.06
N PHE C 122 31.87 -37.33 55.63
CA PHE C 122 30.64 -37.49 54.84
C PHE C 122 30.23 -36.15 54.21
N ILE C 123 30.42 -35.07 54.98
CA ILE C 123 30.13 -33.70 54.54
C ILE C 123 31.03 -33.24 53.40
N ILE C 124 32.27 -33.73 53.37
CA ILE C 124 33.19 -33.41 52.26
C ILE C 124 32.84 -34.22 50.99
N ALA C 125 32.29 -35.41 51.19
CA ALA C 125 31.97 -36.30 50.08
C ALA C 125 30.69 -35.87 49.36
N PHE C 126 29.67 -35.48 50.13
CA PHE C 126 28.34 -35.23 49.57
C PHE C 126 28.31 -34.24 48.39
N PRO C 127 28.90 -33.05 48.53
CA PRO C 127 29.02 -32.10 47.44
C PRO C 127 29.72 -32.64 46.21
N ILE C 128 30.60 -33.63 46.37
CA ILE C 128 31.31 -34.19 45.22
C ILE C 128 30.40 -35.22 44.55
N ALA C 129 29.78 -36.06 45.37
CA ALA C 129 28.83 -37.05 44.89
C ALA C 129 27.63 -36.35 44.26
N PHE C 130 27.04 -35.42 45.01
CA PHE C 130 25.86 -34.71 44.54
C PHE C 130 26.15 -34.01 43.22
N HIS C 131 26.94 -32.94 43.27
CA HIS C 131 27.18 -32.07 42.12
C HIS C 131 27.56 -32.87 40.90
N THR C 132 28.25 -33.97 41.13
CA THR C 132 28.69 -34.82 40.05
C THR C 132 27.48 -35.49 39.42
N LEU C 133 26.71 -36.21 40.25
CA LEU C 133 25.52 -36.93 39.80
C LEU C 133 24.51 -35.98 39.18
N ASN C 134 24.04 -35.03 39.97
CA ASN C 134 23.11 -34.01 39.47
C ASN C 134 23.57 -33.24 38.23
N GLY C 135 24.88 -33.09 38.06
CA GLY C 135 25.40 -32.46 36.87
C GLY C 135 25.16 -33.22 35.59
N ILE C 136 24.95 -34.54 35.66
CA ILE C 136 24.65 -35.34 34.45
C ILE C 136 23.14 -35.20 34.14
N ARG C 137 22.34 -35.18 35.22
CA ARG C 137 20.90 -34.89 35.16
C ARG C 137 20.63 -33.58 34.43
N PHE C 138 21.40 -32.56 34.78
CA PHE C 138 21.30 -31.26 34.16
C PHE C 138 21.72 -31.27 32.69
N ILE C 139 22.76 -32.05 32.36
CA ILE C 139 23.16 -32.17 30.95
C ILE C 139 22.05 -32.89 30.20
N GLY C 140 21.32 -33.78 30.88
CA GLY C 140 20.11 -34.36 30.33
C GLY C 140 19.11 -33.25 29.99
N PHE C 141 18.73 -32.50 31.01
CA PHE C 141 17.87 -31.33 30.82
C PHE C 141 18.33 -30.46 29.66
N ASP C 142 19.62 -30.18 29.57
CA ASP C 142 20.18 -29.40 28.44
C ASP C 142 19.87 -30.00 27.07
N MET C 143 19.73 -31.34 27.03
CA MET C 143 19.38 -32.05 25.81
C MET C 143 17.91 -32.44 25.76
N ALA C 144 17.04 -31.70 26.45
CA ALA C 144 15.60 -31.95 26.44
C ALA C 144 15.24 -33.37 26.87
N LYS C 145 15.92 -33.87 27.89
CA LYS C 145 15.67 -35.22 28.40
C LYS C 145 15.15 -35.19 29.84
N GLY C 146 14.12 -36.00 30.11
CA GLY C 146 13.56 -36.15 31.45
C GLY C 146 12.94 -34.87 32.01
N THR C 147 12.51 -33.99 31.12
CA THR C 147 12.04 -32.65 31.50
C THR C 147 10.60 -32.60 32.02
N ASP C 148 9.85 -33.71 31.86
CA ASP C 148 8.52 -33.86 32.44
C ASP C 148 8.57 -33.92 33.97
N ILE C 149 7.43 -33.67 34.61
CA ILE C 149 7.40 -33.45 36.08
C ILE C 149 7.68 -34.70 36.91
N PRO C 150 7.05 -35.83 36.55
CA PRO C 150 7.47 -37.02 37.29
C PRO C 150 8.96 -37.32 37.13
N SER C 151 9.52 -37.21 35.93
CA SER C 151 10.96 -37.44 35.71
C SER C 151 11.82 -36.47 36.52
N ILE C 152 11.53 -35.17 36.35
CA ILE C 152 12.19 -34.13 37.14
C ILE C 152 12.27 -34.53 38.61
N TYR C 153 11.13 -34.92 39.17
CA TYR C 153 11.00 -35.26 40.59
C TYR C 153 11.65 -36.62 40.96
N ARG C 154 11.70 -37.58 40.03
CA ARG C 154 12.31 -38.90 40.30
C ARG C 154 13.82 -38.79 40.29
N GLY C 155 14.35 -38.24 39.19
CA GLY C 155 15.78 -38.01 39.05
C GLY C 155 16.35 -37.15 40.17
N ALA C 156 15.52 -36.31 40.78
CA ALA C 156 15.94 -35.53 41.93
C ALA C 156 16.20 -36.44 43.09
N TYR C 157 15.25 -37.32 43.40
CA TYR C 157 15.42 -38.26 44.52
C TYR C 157 16.57 -39.23 44.26
N LEU C 158 16.62 -39.75 43.04
CA LEU C 158 17.67 -40.68 42.65
C LEU C 158 19.04 -40.05 42.92
N VAL C 159 19.27 -38.88 42.35
CA VAL C 159 20.51 -38.12 42.53
C VAL C 159 20.76 -37.81 44.02
N LEU C 160 19.76 -37.23 44.67
CA LEU C 160 19.86 -36.87 46.09
C LEU C 160 20.20 -38.10 46.93
N GLY C 161 19.49 -39.19 46.68
CA GLY C 161 19.63 -40.43 47.46
C GLY C 161 20.89 -41.25 47.18
N LEU C 162 21.27 -41.35 45.90
CA LEU C 162 22.54 -41.99 45.54
C LEU C 162 23.70 -41.26 46.21
N ALA C 163 23.70 -39.93 46.13
CA ALA C 163 24.76 -39.14 46.75
C ALA C 163 24.89 -39.48 48.24
N ALA C 164 23.80 -39.35 48.99
CA ALA C 164 23.78 -39.73 50.40
C ALA C 164 24.32 -41.16 50.60
N LEU C 165 23.95 -42.07 49.68
CA LEU C 165 24.47 -43.45 49.65
C LEU C 165 25.97 -43.48 49.45
N ILE C 166 26.41 -43.04 48.26
CA ILE C 166 27.82 -43.14 47.84
C ILE C 166 28.78 -42.48 48.84
N SER C 167 28.36 -41.39 49.45
CA SER C 167 29.16 -40.70 50.47
C SER C 167 29.25 -41.52 51.74
N LEU C 168 28.11 -42.01 52.23
CA LEU C 168 28.12 -42.89 53.41
C LEU C 168 28.90 -44.16 53.12
N ALA C 169 28.91 -44.59 51.86
CA ALA C 169 29.66 -45.78 51.45
C ALA C 169 31.13 -45.52 51.58
N VAL C 170 31.56 -44.42 51.02
CA VAL C 170 32.98 -44.12 50.88
C VAL C 170 33.63 -43.67 52.21
N VAL C 171 32.82 -43.47 53.23
CA VAL C 171 33.30 -43.06 54.56
C VAL C 171 33.20 -44.21 55.58
N VAL C 172 32.08 -44.92 55.57
CA VAL C 172 31.87 -46.02 56.49
C VAL C 172 32.67 -47.28 56.10
N TYR C 173 33.09 -47.34 54.83
CA TYR C 173 33.85 -48.49 54.30
C TYR C 173 35.27 -48.60 54.87
N PRO C 174 36.07 -47.52 54.82
CA PRO C 174 37.43 -47.66 55.37
C PRO C 174 37.44 -47.72 56.89
N ARG C 175 36.47 -47.08 57.55
CA ARG C 175 36.37 -47.13 59.01
C ARG C 175 35.91 -48.52 59.50
N TRP C 176 35.03 -49.19 58.74
CA TRP C 176 34.59 -50.55 59.07
C TRP C 176 35.75 -51.52 58.84
N GLU C 177 36.48 -51.31 57.74
CA GLU C 177 37.64 -52.16 57.41
C GLU C 177 38.92 -51.72 58.14
N ARG C 178 38.85 -50.66 58.95
CA ARG C 178 39.91 -50.33 59.91
C ARG C 178 39.68 -51.04 61.24
N HIS C 179 38.45 -50.96 61.75
CA HIS C 179 38.03 -51.70 62.94
C HIS C 179 38.14 -53.22 62.74
N LYS C 180 38.15 -53.68 61.48
CA LYS C 180 38.49 -55.08 61.17
C LYS C 180 39.96 -55.33 61.47
N LYS C 181 40.84 -54.65 60.72
CA LYS C 181 42.30 -54.74 60.91
C LYS C 181 42.70 -54.66 62.39
N ALA C 182 42.02 -53.83 63.17
CA ALA C 182 42.30 -53.67 64.60
C ALA C 182 41.95 -54.90 65.45
N THR C 183 41.02 -55.73 64.98
CA THR C 183 40.62 -56.93 65.71
C THR C 183 40.51 -58.23 64.87
N LEU C 184 40.83 -58.16 63.57
CA LEU C 184 40.64 -59.30 62.65
C LEU C 184 41.74 -60.34 62.90
N PRO C 185 41.37 -61.54 63.40
CA PRO C 185 42.29 -62.54 63.93
C PRO C 185 43.76 -62.42 63.52
N THR C 186 44.06 -62.53 62.21
CA THR C 186 45.45 -62.63 61.74
C THR C 186 45.90 -61.44 60.91
N THR D 28 -8.71 21.41 31.90
CA THR D 28 -9.26 21.56 30.52
C THR D 28 -8.40 20.83 29.49
N SER D 29 -8.93 20.75 28.27
CA SER D 29 -8.17 20.33 27.11
C SER D 29 -7.47 21.53 26.50
N ALA D 30 -6.57 22.12 27.28
CA ALA D 30 -5.45 22.90 26.73
C ALA D 30 -4.17 22.15 27.15
N ALA D 31 -3.69 21.40 26.16
CA ALA D 31 -2.96 20.16 26.34
C ALA D 31 -1.69 20.22 25.52
N VAL D 32 -0.91 19.14 25.58
CA VAL D 32 0.39 19.10 24.91
C VAL D 32 0.46 17.89 23.98
N THR D 33 1.26 18.01 22.93
CA THR D 33 1.35 16.94 21.92
C THR D 33 2.15 15.76 22.48
N GLY D 34 1.58 14.57 22.36
CA GLY D 34 2.14 13.37 22.96
C GLY D 34 2.92 12.55 21.96
N ALA D 35 3.60 11.53 22.47
CA ALA D 35 4.43 10.65 21.67
C ALA D 35 3.95 9.20 21.83
N ALA D 36 4.24 8.38 20.82
CA ALA D 36 3.94 6.96 20.86
C ALA D 36 4.59 6.38 22.10
N PRO D 37 3.89 5.44 22.77
CA PRO D 37 4.51 4.81 23.93
C PRO D 37 5.69 3.93 23.52
N PRO D 38 6.54 3.53 24.48
CA PRO D 38 7.72 2.76 24.12
C PRO D 38 7.31 1.36 23.70
N GLN D 39 7.72 0.96 22.50
CA GLN D 39 7.29 -0.27 21.88
C GLN D 39 8.42 -0.79 21.02
N PHE D 40 8.75 -2.07 21.17
CA PHE D 40 9.84 -2.69 20.41
C PHE D 40 9.33 -3.07 19.03
N ASP D 41 9.73 -2.31 18.02
CA ASP D 41 9.37 -2.67 16.64
C ASP D 41 10.41 -3.63 16.11
N PRO D 42 10.03 -4.90 15.93
CA PRO D 42 11.03 -5.95 15.70
C PRO D 42 11.42 -6.07 14.23
N ILE D 43 10.81 -5.24 13.38
CA ILE D 43 11.20 -5.16 11.97
C ILE D 43 12.23 -4.05 11.81
N ALA D 44 12.05 -2.95 12.54
CA ALA D 44 13.11 -1.96 12.67
C ALA D 44 14.39 -2.64 13.15
N ALA D 45 14.30 -3.32 14.28
CA ALA D 45 15.45 -4.02 14.86
C ALA D 45 16.22 -4.87 13.84
N GLU D 46 15.51 -5.47 12.89
CA GLU D 46 16.15 -6.29 11.82
C GLU D 46 16.84 -5.49 10.69
N LYS D 47 16.99 -4.18 10.87
CA LYS D 47 17.73 -3.34 9.93
C LYS D 47 18.89 -2.65 10.66
N GLY D 48 20.04 -3.33 10.68
CA GLY D 48 21.22 -2.86 11.41
C GLY D 48 21.76 -3.84 12.46
N PHE D 49 21.27 -5.09 12.41
CA PHE D 49 21.71 -6.15 13.33
C PHE D 49 22.25 -7.31 12.50
N LYS D 50 23.50 -7.71 12.78
CA LYS D 50 24.08 -8.92 12.19
C LYS D 50 24.38 -9.87 13.36
N PRO D 51 24.01 -11.12 13.22
CA PRO D 51 23.84 -11.97 14.37
C PRO D 51 25.07 -11.94 15.23
N LEU D 52 24.85 -11.89 16.52
CA LEU D 52 25.96 -11.90 17.44
C LEU D 52 26.67 -13.19 17.17
N HIS D 53 27.99 -13.17 17.14
CA HIS D 53 28.62 -14.36 16.73
C HIS D 53 28.11 -15.29 17.75
N SER D 54 28.05 -16.55 17.38
CA SER D 54 27.40 -17.54 18.16
C SER D 54 28.14 -17.85 19.40
N HIS D 55 27.44 -18.48 20.32
CA HIS D 55 27.92 -19.08 21.52
C HIS D 55 27.44 -20.46 21.24
N GLY D 56 27.54 -21.40 22.14
CA GLY D 56 26.94 -22.69 21.80
C GLY D 56 28.00 -23.66 21.34
N THR D 57 28.83 -23.24 20.41
CA THR D 57 30.11 -23.92 20.22
C THR D 57 30.82 -24.01 21.58
N LEU D 58 30.90 -22.88 22.28
CA LEU D 58 31.52 -22.82 23.61
C LEU D 58 30.64 -23.57 24.64
N PHE D 59 29.32 -23.48 24.46
CA PHE D 59 28.38 -24.20 25.31
C PHE D 59 28.50 -25.71 25.13
N LYS D 60 28.78 -26.13 23.89
CA LYS D 60 28.99 -27.55 23.60
C LYS D 60 30.23 -28.10 24.31
N ILE D 61 31.35 -27.37 24.24
CA ILE D 61 32.59 -27.84 24.89
C ILE D 61 32.47 -27.78 26.42
N GLU D 62 31.83 -26.73 26.95
CA GLU D 62 31.56 -26.66 28.37
C GLU D 62 30.96 -27.95 28.88
N ARG D 63 29.96 -28.45 28.17
CA ARG D 63 29.16 -29.59 28.64
C ARG D 63 29.85 -30.93 28.40
N TYR D 64 30.41 -31.12 27.21
CA TYR D 64 31.22 -32.32 26.93
C TYR D 64 32.30 -32.47 27.99
N PHE D 65 33.02 -31.37 28.22
CA PHE D 65 34.03 -31.32 29.27
C PHE D 65 33.49 -31.85 30.60
N ALA D 66 32.34 -31.35 31.02
CA ALA D 66 31.71 -31.83 32.25
C ALA D 66 31.44 -33.34 32.22
N ALA D 67 31.07 -33.85 31.05
CA ALA D 67 30.84 -35.29 30.86
C ALA D 67 32.15 -36.05 31.01
N ALA D 68 33.17 -35.60 30.27
CA ALA D 68 34.55 -36.14 30.41
C ALA D 68 34.97 -36.23 31.88
N MET D 69 34.61 -35.23 32.69
CA MET D 69 34.97 -35.24 34.11
C MET D 69 34.23 -36.30 34.94
N VAL D 70 33.26 -36.97 34.34
CA VAL D 70 32.48 -37.98 35.07
C VAL D 70 33.35 -39.18 35.47
N PRO D 71 34.02 -39.85 34.49
CA PRO D 71 34.94 -40.94 34.85
C PRO D 71 36.16 -40.48 35.66
N LEU D 72 36.65 -39.28 35.35
CA LEU D 72 37.80 -38.69 36.04
C LEU D 72 37.69 -38.73 37.58
N ILE D 73 36.49 -38.53 38.10
CA ILE D 73 36.30 -38.48 39.56
C ILE D 73 36.36 -39.86 40.24
N PRO D 74 35.71 -40.89 39.67
CA PRO D 74 35.91 -42.24 40.21
C PRO D 74 37.34 -42.76 40.04
N ALA D 75 37.98 -42.43 38.93
CA ALA D 75 39.38 -42.77 38.72
C ALA D 75 40.21 -42.26 39.91
N ALA D 76 40.17 -40.95 40.12
CA ALA D 76 40.90 -40.31 41.21
C ALA D 76 40.49 -40.75 42.63
N TYR D 77 39.51 -41.65 42.75
CA TYR D 77 39.29 -42.35 43.99
C TYR D 77 40.31 -43.48 44.13
N PHE D 78 40.55 -44.21 43.03
CA PHE D 78 41.51 -45.33 43.00
C PHE D 78 42.94 -44.86 42.74
N ILE D 79 43.25 -44.43 41.52
CA ILE D 79 44.62 -44.07 41.16
C ILE D 79 44.94 -42.68 41.73
N HIS D 80 46.04 -42.58 42.47
CA HIS D 80 46.50 -41.32 43.09
C HIS D 80 47.78 -40.82 42.46
N GLY D 81 48.52 -39.96 43.17
CA GLY D 81 49.86 -39.54 42.78
C GLY D 81 49.93 -38.22 42.01
N ARG D 82 51.13 -37.90 41.54
CA ARG D 82 51.42 -36.59 40.98
C ARG D 82 50.82 -36.33 39.59
N GLU D 83 50.67 -37.37 38.77
CA GLU D 83 50.14 -37.16 37.41
C GLU D 83 48.60 -36.98 37.41
N MET D 84 47.91 -37.58 38.37
CA MET D 84 46.48 -37.31 38.58
C MET D 84 46.32 -35.89 39.11
N ASP D 85 47.03 -35.58 40.19
CA ASP D 85 47.05 -34.23 40.76
C ASP D 85 47.08 -33.15 39.67
N LEU D 86 47.81 -33.40 38.59
CA LEU D 86 47.85 -32.47 37.45
C LEU D 86 46.56 -32.45 36.62
N CYS D 87 45.92 -33.60 36.48
CA CYS D 87 44.68 -33.70 35.71
C CYS D 87 43.48 -33.15 36.45
N LEU D 88 43.37 -33.46 37.74
CA LEU D 88 42.40 -32.78 38.57
C LEU D 88 42.62 -31.28 38.46
N ALA D 89 43.88 -30.85 38.58
CA ALA D 89 44.22 -29.44 38.57
C ALA D 89 43.79 -28.71 37.30
N LEU D 90 44.13 -29.26 36.14
CA LEU D 90 43.74 -28.64 34.86
C LEU D 90 42.23 -28.68 34.66
N ALA D 91 41.62 -29.80 35.00
CA ALA D 91 40.23 -30.01 34.68
C ALA D 91 39.31 -29.25 35.62
N LEU D 92 39.67 -29.18 36.90
CA LEU D 92 38.90 -28.38 37.87
C LEU D 92 39.04 -26.90 37.56
N THR D 93 40.28 -26.46 37.30
CA THR D 93 40.51 -25.05 36.98
C THR D 93 39.64 -24.60 35.82
N LEU D 94 39.70 -25.35 34.73
CA LEU D 94 39.02 -24.98 33.50
C LEU D 94 37.50 -25.12 33.63
N HIS D 95 37.06 -26.02 34.49
CA HIS D 95 35.65 -26.21 34.71
C HIS D 95 35.09 -25.15 35.63
N VAL D 96 35.82 -24.87 36.71
CA VAL D 96 35.45 -23.82 37.66
C VAL D 96 35.49 -22.42 37.02
N HIS D 97 36.37 -22.25 36.03
CA HIS D 97 36.42 -21.00 35.27
C HIS D 97 35.03 -20.69 34.72
N TRP D 98 34.51 -21.61 33.92
CA TRP D 98 33.20 -21.44 33.31
C TRP D 98 32.09 -21.38 34.37
N GLY D 99 32.22 -22.24 35.38
CA GLY D 99 31.31 -22.25 36.51
C GLY D 99 31.18 -20.89 37.17
N VAL D 100 32.31 -20.24 37.47
CA VAL D 100 32.26 -18.94 38.17
C VAL D 100 31.86 -17.80 37.24
N TRP D 101 32.19 -17.92 35.95
CA TRP D 101 31.71 -16.92 34.98
C TRP D 101 30.18 -16.83 34.96
N GLY D 102 29.50 -17.97 35.07
CA GLY D 102 28.04 -17.97 35.15
C GLY D 102 27.48 -17.32 36.40
N VAL D 103 28.04 -17.62 37.56
CA VAL D 103 27.56 -17.06 38.82
C VAL D 103 27.85 -15.57 38.92
N VAL D 104 28.97 -15.13 38.35
CA VAL D 104 29.30 -13.71 38.34
C VAL D 104 28.27 -12.96 37.50
N ASN D 105 28.05 -13.43 36.27
CA ASN D 105 27.07 -12.82 35.36
C ASN D 105 25.62 -12.90 35.82
N ASP D 106 25.37 -13.62 36.91
CA ASP D 106 24.06 -13.66 37.54
C ASP D 106 23.96 -12.60 38.64
N TYR D 107 24.85 -12.67 39.63
CA TYR D 107 24.68 -11.82 40.81
C TYR D 107 25.38 -10.47 40.73
N GLY D 108 26.34 -10.36 39.80
CA GLY D 108 27.06 -9.10 39.58
C GLY D 108 26.62 -8.39 38.31
N ARG D 109 25.41 -7.84 38.34
CA ARG D 109 24.80 -7.23 37.14
C ARG D 109 24.87 -5.70 37.18
N PRO D 110 25.08 -5.08 36.01
CA PRO D 110 25.05 -3.62 35.90
C PRO D 110 23.91 -2.95 36.67
N PHE D 111 22.68 -3.47 36.55
CA PHE D 111 21.50 -2.82 37.16
C PHE D 111 21.69 -2.69 38.67
N VAL D 112 22.29 -3.70 39.28
CA VAL D 112 22.41 -3.73 40.73
C VAL D 112 23.70 -3.06 41.25
N LEU D 113 24.79 -3.15 40.47
CA LEU D 113 26.11 -2.73 40.94
C LEU D 113 26.64 -1.40 40.36
N GLY D 114 26.11 -0.97 39.22
CA GLY D 114 26.76 0.07 38.45
C GLY D 114 27.63 -0.61 37.43
N ASP D 115 27.97 0.10 36.37
CA ASP D 115 28.66 -0.48 35.22
C ASP D 115 30.14 -0.84 35.48
N THR D 116 30.91 0.07 36.10
CA THR D 116 32.35 -0.19 36.34
C THR D 116 32.56 -1.30 37.37
N LEU D 117 31.79 -1.30 38.46
CA LEU D 117 31.90 -2.35 39.47
C LEU D 117 31.53 -3.74 38.91
N ALA D 118 30.69 -3.77 37.88
CA ALA D 118 30.21 -5.03 37.29
C ALA D 118 31.24 -5.61 36.34
N ALA D 119 31.88 -4.72 35.59
CA ALA D 119 33.05 -5.06 34.77
C ALA D 119 34.19 -5.52 35.67
N ALA D 120 34.25 -4.96 36.87
CA ALA D 120 35.28 -5.30 37.85
C ALA D 120 35.12 -6.73 38.37
N VAL D 121 33.91 -7.09 38.78
CA VAL D 121 33.65 -8.46 39.23
C VAL D 121 33.75 -9.43 38.06
N ARG D 122 33.38 -9.00 36.85
CA ARG D 122 33.72 -9.76 35.64
C ARG D 122 35.22 -10.06 35.58
N VAL D 123 36.05 -9.02 35.60
CA VAL D 123 37.51 -9.19 35.61
C VAL D 123 37.92 -10.11 36.76
N GLY D 124 37.37 -9.84 37.95
CA GLY D 124 37.60 -10.67 39.14
C GLY D 124 37.37 -12.16 38.94
N ALA D 125 36.47 -12.54 38.04
CA ALA D 125 36.30 -13.94 37.68
C ALA D 125 37.56 -14.49 37.01
N TYR D 126 38.25 -13.65 36.25
CA TYR D 126 39.52 -14.06 35.64
C TYR D 126 40.63 -14.19 36.69
N ILE D 127 40.73 -13.22 37.60
CA ILE D 127 41.60 -13.29 38.77
C ILE D 127 41.38 -14.62 39.54
N PHE D 128 40.12 -14.98 39.73
CA PHE D 128 39.74 -16.21 40.45
C PHE D 128 40.33 -17.47 39.81
N THR D 129 40.11 -17.63 38.52
CA THR D 129 40.64 -18.75 37.77
C THR D 129 42.17 -18.80 37.88
N ALA D 130 42.82 -17.69 37.54
CA ALA D 130 44.28 -17.60 37.56
C ALA D 130 44.88 -17.89 38.93
N CYS D 131 44.29 -17.36 39.98
CA CYS D 131 44.81 -17.61 41.34
C CYS D 131 44.52 -19.04 41.79
N LEU D 132 43.36 -19.58 41.39
CA LEU D 132 43.02 -20.96 41.67
C LEU D 132 44.08 -21.91 41.12
N LEU D 133 44.43 -21.73 39.86
CA LEU D 133 45.48 -22.56 39.24
C LEU D 133 46.80 -22.39 39.98
N ALA D 134 47.26 -21.15 40.09
CA ALA D 134 48.56 -20.88 40.72
C ALA D 134 48.63 -21.50 42.10
N GLY D 135 47.55 -21.39 42.87
CA GLY D 135 47.43 -22.07 44.16
C GLY D 135 47.41 -23.59 44.07
N LEU D 136 46.74 -24.14 43.06
CA LEU D 136 46.73 -25.59 42.87
C LEU D 136 48.09 -26.11 42.42
N LEU D 137 48.65 -25.52 41.36
CA LEU D 137 50.00 -25.88 40.94
C LEU D 137 50.97 -25.84 42.13
N TYR D 138 50.94 -24.77 42.92
CA TYR D 138 51.86 -24.66 44.04
C TYR D 138 51.74 -25.85 44.98
N PHE D 139 50.50 -26.21 45.31
CA PHE D 139 50.21 -27.26 46.30
C PHE D 139 50.64 -28.65 45.82
N ASN D 140 50.40 -28.92 44.54
CA ASN D 140 50.90 -30.14 43.88
C ASN D 140 52.41 -30.24 43.94
N GLU D 141 53.05 -29.09 43.70
CA GLU D 141 54.49 -28.98 43.47
C GLU D 141 55.32 -28.73 44.74
N HIS D 142 54.70 -28.25 45.81
CA HIS D 142 55.43 -28.01 47.06
C HIS D 142 54.71 -28.48 48.32
N ASP D 143 53.80 -29.42 48.16
CA ASP D 143 53.10 -29.98 49.30
C ASP D 143 52.59 -31.35 48.84
N VAL D 144 51.86 -32.03 49.71
CA VAL D 144 51.41 -33.40 49.43
C VAL D 144 50.72 -33.53 48.07
N GLY D 145 49.94 -32.51 47.67
CA GLY D 145 49.18 -32.55 46.42
C GLY D 145 47.75 -33.00 46.68
N LEU D 146 46.92 -33.05 45.64
CA LEU D 146 45.48 -33.26 45.82
C LEU D 146 45.09 -34.65 46.34
N THR D 147 45.53 -35.68 45.64
CA THR D 147 45.15 -37.04 45.97
C THR D 147 45.64 -37.41 47.37
N ARG D 148 46.91 -37.17 47.65
CA ARG D 148 47.47 -37.46 48.98
C ARG D 148 46.75 -36.67 50.08
N ALA D 149 46.45 -35.40 49.81
CA ALA D 149 45.78 -34.51 50.80
C ALA D 149 44.47 -35.12 51.25
N PHE D 150 43.69 -35.62 50.28
CA PHE D 150 42.48 -36.37 50.59
C PHE D 150 42.77 -37.63 51.44
N GLU D 151 43.74 -38.45 51.03
CA GLU D 151 44.11 -39.63 51.83
C GLU D 151 44.28 -39.32 53.30
N MET D 152 44.99 -38.24 53.61
CA MET D 152 45.44 -37.94 54.98
C MET D 152 44.32 -37.48 55.92
N VAL D 153 43.32 -36.79 55.38
CA VAL D 153 42.14 -36.42 56.16
C VAL D 153 41.28 -37.67 56.33
N TRP D 154 41.27 -38.51 55.31
CA TRP D 154 40.48 -39.74 55.32
C TRP D 154 41.05 -40.74 56.35
N GLU D 155 42.38 -40.82 56.42
CA GLU D 155 43.10 -41.67 57.38
C GLU D 155 42.83 -41.32 58.84
N LEU D 156 42.40 -40.10 59.13
CA LEU D 156 42.05 -39.70 60.49
C LEU D 156 40.89 -40.55 61.03
N SER E 30 21.96 34.67 -3.89
CA SER E 30 20.94 35.55 -3.27
C SER E 30 21.46 36.98 -3.12
N ASN E 31 22.41 37.37 -3.98
CA ASN E 31 23.12 38.66 -3.83
C ASN E 31 22.54 39.78 -4.69
N ILE E 32 22.92 39.82 -5.97
CA ILE E 32 22.58 40.96 -6.86
C ILE E 32 21.09 40.99 -7.30
N ALA E 33 20.22 40.26 -6.60
CA ALA E 33 18.76 40.42 -6.69
C ALA E 33 18.03 39.65 -5.58
N GLN E 34 16.74 39.93 -5.41
CA GLN E 34 15.93 39.32 -4.34
C GLN E 34 15.05 38.16 -4.89
N TYR E 35 14.86 37.11 -4.09
CA TYR E 35 14.15 35.90 -4.54
C TYR E 35 13.06 35.44 -3.57
N LYS E 36 11.87 35.17 -4.11
CA LYS E 36 10.75 34.61 -3.34
C LYS E 36 10.90 33.11 -3.23
N VAL E 37 10.87 32.59 -2.00
CA VAL E 37 11.04 31.16 -1.74
C VAL E 37 9.75 30.59 -1.15
N ILE E 38 9.39 29.39 -1.60
CA ILE E 38 8.13 28.73 -1.24
C ILE E 38 8.42 27.28 -0.84
N ASP E 39 7.86 26.85 0.30
CA ASP E 39 8.18 25.55 0.89
C ASP E 39 7.03 24.57 0.80
N HIS E 40 7.37 23.29 0.70
CA HIS E 40 6.41 22.21 0.53
C HIS E 40 6.78 21.02 1.40
N ALA E 41 5.80 20.22 1.76
CA ALA E 41 6.03 18.95 2.45
C ALA E 41 5.39 17.82 1.67
N TYR E 42 6.19 16.88 1.20
CA TYR E 42 5.67 15.73 0.48
C TYR E 42 6.34 14.48 1.01
N ASP E 43 5.65 13.34 0.87
CA ASP E 43 6.21 12.07 1.30
C ASP E 43 7.37 11.75 0.39
N VAL E 44 7.12 11.81 -0.92
CA VAL E 44 8.18 11.62 -1.90
C VAL E 44 8.09 12.62 -3.06
N VAL E 45 9.27 13.03 -3.52
CA VAL E 45 9.40 13.94 -4.64
C VAL E 45 10.13 13.19 -5.73
N ILE E 46 9.64 13.31 -6.97
CA ILE E 46 10.21 12.60 -8.10
C ILE E 46 10.66 13.60 -9.14
N ILE E 47 11.95 13.64 -9.41
CA ILE E 47 12.48 14.62 -10.34
C ILE E 47 12.51 13.94 -11.69
N GLY E 48 11.50 14.19 -12.50
CA GLY E 48 11.33 13.45 -13.73
C GLY E 48 9.92 12.92 -13.90
N ALA E 49 9.39 13.12 -15.10
CA ALA E 49 8.14 12.53 -15.49
C ALA E 49 8.33 12.00 -16.91
N GLY E 50 9.42 11.27 -17.12
CA GLY E 50 9.58 10.43 -18.31
C GLY E 50 8.99 9.08 -17.98
N GLY E 51 9.43 8.03 -18.67
CA GLY E 51 8.92 6.67 -18.40
C GLY E 51 9.08 6.25 -16.95
N ALA E 52 10.30 6.36 -16.43
CA ALA E 52 10.64 5.89 -15.08
C ALA E 52 10.00 6.73 -13.96
N GLY E 53 10.03 8.05 -14.12
CA GLY E 53 9.38 8.92 -13.16
C GLY E 53 7.90 8.61 -13.07
N LEU E 54 7.24 8.60 -14.22
CA LEU E 54 5.79 8.38 -14.22
C LEU E 54 5.41 7.01 -13.67
N ARG E 55 6.22 5.98 -13.94
CA ARG E 55 5.92 4.66 -13.36
C ARG E 55 6.05 4.68 -11.83
N ALA E 56 7.12 5.26 -11.29
CA ALA E 56 7.30 5.41 -9.84
C ALA E 56 6.17 6.22 -9.24
N ALA E 57 5.74 7.28 -9.93
CA ALA E 57 4.65 8.09 -9.42
C ALA E 57 3.38 7.26 -9.29
N MET E 58 3.07 6.48 -10.31
CA MET E 58 1.89 5.62 -10.28
C MET E 58 1.95 4.70 -9.07
N GLY E 59 3.10 4.06 -8.90
CA GLY E 59 3.33 3.17 -7.75
C GLY E 59 3.05 3.84 -6.42
N LEU E 60 3.74 4.94 -6.15
CA LEU E 60 3.61 5.64 -4.87
C LEU E 60 2.27 6.37 -4.71
N GLY E 61 1.60 6.66 -5.81
CA GLY E 61 0.29 7.26 -5.74
C GLY E 61 -0.67 6.23 -5.20
N GLU E 62 -0.91 5.22 -6.02
CA GLU E 62 -1.83 4.09 -5.72
C GLU E 62 -1.51 3.36 -4.40
N ALA E 63 -0.33 3.60 -3.83
CA ALA E 63 0.02 3.05 -2.51
C ALA E 63 -0.54 3.91 -1.38
N GLY E 64 -0.58 5.23 -1.58
CA GLY E 64 -1.14 6.15 -0.61
C GLY E 64 -0.26 7.33 -0.22
N PHE E 65 1.00 7.31 -0.66
CA PHE E 65 1.89 8.43 -0.39
C PHE E 65 1.48 9.72 -1.09
N LYS E 66 1.84 10.84 -0.48
CA LYS E 66 1.64 12.18 -1.01
C LYS E 66 2.84 12.44 -1.91
N THR E 67 2.64 12.29 -3.21
CA THR E 67 3.74 12.31 -4.17
C THR E 67 3.72 13.57 -5.02
N ALA E 68 4.85 14.28 -5.06
CA ALA E 68 5.01 15.45 -5.92
C ALA E 68 5.89 15.07 -7.11
N VAL E 69 5.47 15.42 -8.33
CA VAL E 69 6.28 15.14 -9.52
C VAL E 69 6.85 16.44 -10.11
N VAL E 70 8.14 16.65 -9.90
CA VAL E 70 8.82 17.85 -10.42
C VAL E 70 9.46 17.51 -11.78
N THR E 71 9.03 18.24 -12.82
CA THR E 71 9.54 18.05 -14.18
C THR E 71 9.71 19.41 -14.84
N LYS E 72 10.82 19.59 -15.56
CA LYS E 72 11.07 20.85 -16.27
C LYS E 72 10.30 21.00 -17.57
N MET E 73 9.56 19.99 -17.99
CA MET E 73 8.70 20.09 -19.17
C MET E 73 7.45 19.23 -18.98
N PHE E 74 6.38 19.55 -19.69
CA PHE E 74 5.19 18.72 -19.63
C PHE E 74 5.59 17.25 -19.86
N PRO E 75 5.11 16.34 -18.99
CA PRO E 75 5.63 14.98 -18.99
C PRO E 75 5.70 14.28 -20.36
N THR E 76 4.65 14.45 -21.14
CA THR E 76 4.53 13.92 -22.52
C THR E 76 5.66 14.31 -23.48
N ARG E 77 6.41 15.36 -23.16
CA ARG E 77 7.45 15.88 -24.05
C ARG E 77 8.78 15.25 -23.73
N SER E 78 8.79 14.49 -22.64
CA SER E 78 10.01 13.89 -22.16
C SER E 78 10.52 13.01 -23.27
N HIS E 79 11.73 12.53 -23.11
CA HIS E 79 12.38 11.86 -24.19
C HIS E 79 11.91 10.44 -24.38
N THR E 80 11.43 9.81 -23.31
CA THR E 80 10.78 8.52 -23.46
C THR E 80 9.85 8.55 -24.71
N THR E 81 9.25 9.69 -25.00
CA THR E 81 8.27 9.78 -26.07
C THR E 81 8.87 9.64 -27.46
N ALA E 82 10.16 9.89 -27.58
CA ALA E 82 10.83 9.78 -28.88
C ALA E 82 11.15 8.34 -29.19
N ALA E 83 10.97 7.44 -28.22
CA ALA E 83 11.37 6.04 -28.42
C ALA E 83 10.52 5.31 -29.43
N GLN E 84 11.16 4.47 -30.22
CA GLN E 84 10.53 3.88 -31.38
C GLN E 84 10.34 2.36 -31.31
N GLY E 85 11.48 1.65 -31.33
CA GLY E 85 11.54 0.23 -31.65
C GLY E 85 10.74 -0.73 -30.81
N GLY E 86 10.85 -0.62 -29.49
CA GLY E 86 10.07 -1.46 -28.61
C GLY E 86 10.62 -1.66 -27.21
N ILE E 87 10.02 -2.61 -26.51
CA ILE E 87 10.38 -2.93 -25.14
C ILE E 87 10.46 -4.45 -25.04
N ASN E 88 11.55 -4.94 -24.46
CA ASN E 88 11.83 -6.39 -24.41
C ASN E 88 11.11 -7.09 -23.26
N ALA E 89 10.39 -8.16 -23.60
CA ALA E 89 9.96 -9.16 -22.63
C ALA E 89 9.68 -10.47 -23.34
N ALA E 90 9.94 -11.58 -22.65
CA ALA E 90 9.70 -12.90 -23.21
C ALA E 90 8.22 -13.27 -23.10
N LEU E 91 7.39 -12.68 -23.96
CA LEU E 91 5.95 -12.94 -23.91
C LEU E 91 5.64 -14.27 -24.59
N GLY E 92 6.35 -14.52 -25.68
CA GLY E 92 6.21 -15.76 -26.43
C GLY E 92 5.13 -15.69 -27.46
N SER E 93 4.77 -14.49 -27.86
CA SER E 93 3.74 -14.30 -28.87
C SER E 93 4.14 -14.71 -30.30
N MET E 94 5.42 -14.94 -30.57
CA MET E 94 5.86 -15.36 -31.93
C MET E 94 6.46 -16.78 -31.93
N ASN E 95 7.01 -17.16 -30.79
CA ASN E 95 7.70 -18.42 -30.63
C ASN E 95 7.91 -18.59 -29.13
N PRO E 96 8.23 -19.82 -28.67
CA PRO E 96 8.47 -19.94 -27.23
C PRO E 96 9.68 -19.13 -26.87
N ASP E 97 9.76 -18.77 -25.60
CA ASP E 97 10.77 -17.84 -25.16
C ASP E 97 10.89 -18.04 -23.67
N ASP E 98 12.02 -17.61 -23.12
CA ASP E 98 12.29 -17.80 -21.73
C ASP E 98 13.01 -16.56 -21.26
N TRP E 99 12.65 -16.08 -20.10
CA TRP E 99 13.24 -14.86 -19.60
C TRP E 99 14.72 -15.00 -19.29
N LYS E 100 15.20 -16.22 -19.04
CA LYS E 100 16.63 -16.42 -18.79
C LYS E 100 17.41 -16.26 -20.08
N TRP E 101 16.77 -16.52 -21.21
CA TRP E 101 17.40 -16.29 -22.51
C TRP E 101 17.66 -14.79 -22.72
N HIS E 102 16.77 -14.00 -22.11
CA HIS E 102 16.78 -12.56 -22.13
C HIS E 102 17.81 -12.05 -21.14
N PHE E 103 17.94 -12.73 -20.01
CA PHE E 103 18.97 -12.41 -19.01
C PHE E 103 20.31 -12.62 -19.65
N TYR E 104 20.47 -13.76 -20.33
CA TYR E 104 21.72 -14.10 -20.97
C TYR E 104 22.14 -12.99 -21.94
N ASP E 105 21.29 -12.72 -22.93
CA ASP E 105 21.57 -11.70 -23.94
C ASP E 105 21.92 -10.32 -23.37
N THR E 106 21.30 -10.01 -22.24
CA THR E 106 21.58 -8.79 -21.49
C THR E 106 22.98 -8.83 -20.89
N VAL E 107 23.38 -9.97 -20.32
CA VAL E 107 24.66 -10.04 -19.60
C VAL E 107 25.79 -10.00 -20.61
N LYS E 108 25.76 -10.92 -21.57
CA LYS E 108 26.68 -10.86 -22.70
C LYS E 108 26.71 -9.45 -23.34
N GLY E 109 25.54 -8.82 -23.46
CA GLY E 109 25.45 -7.47 -24.01
C GLY E 109 26.23 -6.46 -23.20
N SER E 110 26.16 -6.57 -21.87
CA SER E 110 26.90 -5.67 -20.99
C SER E 110 28.39 -5.92 -21.00
N ASP E 111 28.85 -6.91 -21.76
CA ASP E 111 30.26 -7.28 -21.83
C ASP E 111 30.81 -7.45 -20.45
N TRP E 112 30.05 -8.17 -19.62
CA TRP E 112 30.41 -8.49 -18.24
C TRP E 112 30.86 -7.38 -17.31
N LEU E 113 30.32 -6.18 -17.51
CA LEU E 113 30.47 -5.06 -16.57
C LEU E 113 29.16 -4.80 -15.86
N GLY E 114 28.08 -5.44 -16.32
CA GLY E 114 26.75 -5.27 -15.72
C GLY E 114 26.69 -6.01 -14.39
N ASP E 115 25.86 -5.51 -13.49
CA ASP E 115 25.72 -6.14 -12.19
C ASP E 115 24.60 -7.16 -12.30
N GLN E 116 24.99 -8.42 -12.25
CA GLN E 116 24.09 -9.52 -12.59
C GLN E 116 22.84 -9.59 -11.73
N ASN E 117 22.95 -9.18 -10.47
CA ASN E 117 21.76 -9.02 -9.65
C ASN E 117 20.73 -8.03 -10.23
N ALA E 118 21.18 -6.89 -10.74
CA ALA E 118 20.26 -5.91 -11.34
C ALA E 118 19.69 -6.43 -12.66
N MET E 119 20.52 -7.04 -13.48
CA MET E 119 20.05 -7.65 -14.73
C MET E 119 19.15 -8.86 -14.46
N HIS E 120 19.30 -9.46 -13.28
CA HIS E 120 18.36 -10.49 -12.82
C HIS E 120 16.99 -9.83 -12.59
N TYR E 121 16.91 -8.90 -11.64
CA TYR E 121 15.66 -8.16 -11.38
C TYR E 121 15.01 -7.69 -12.69
N LEU E 122 15.80 -7.16 -13.61
CA LEU E 122 15.27 -6.60 -14.87
C LEU E 122 14.57 -7.66 -15.73
N THR E 123 15.32 -8.67 -16.13
CA THR E 123 14.79 -9.68 -17.03
C THR E 123 13.69 -10.51 -16.38
N ARG E 124 13.83 -10.77 -15.08
CA ARG E 124 12.77 -11.43 -14.29
C ARG E 124 11.45 -10.68 -14.42
N ASN E 125 11.42 -9.45 -13.90
CA ASN E 125 10.20 -8.65 -13.90
C ASN E 125 9.72 -8.08 -15.24
N ALA E 126 10.38 -8.44 -16.34
CA ALA E 126 10.02 -7.91 -17.67
C ALA E 126 8.60 -8.23 -18.14
N VAL E 127 8.15 -9.45 -17.87
CA VAL E 127 6.88 -9.93 -18.46
C VAL E 127 5.67 -9.30 -17.78
N GLU E 128 5.69 -9.28 -16.44
CA GLU E 128 4.72 -8.53 -15.69
C GLU E 128 4.69 -7.11 -16.26
N ALA E 129 5.87 -6.49 -16.27
CA ALA E 129 6.03 -5.08 -16.61
C ALA E 129 5.41 -4.73 -17.94
N VAL E 130 5.76 -5.46 -18.98
CA VAL E 130 5.15 -5.22 -20.28
C VAL E 130 3.66 -5.55 -20.31
N THR E 131 3.25 -6.55 -19.53
CA THR E 131 1.84 -6.93 -19.46
C THR E 131 1.03 -5.83 -18.76
N GLU E 132 1.57 -5.33 -17.64
CA GLU E 132 0.94 -4.20 -16.94
C GLU E 132 0.69 -3.05 -17.88
N LEU E 133 1.67 -2.74 -18.72
CA LEU E 133 1.52 -1.63 -19.66
C LEU E 133 0.33 -1.86 -20.56
N GLU E 134 0.17 -3.09 -21.02
CA GLU E 134 -0.96 -3.44 -21.87
C GLU E 134 -2.26 -3.23 -21.10
N ASN E 135 -2.28 -3.72 -19.86
CA ASN E 135 -3.44 -3.63 -18.97
C ASN E 135 -3.79 -2.20 -18.60
N PHE E 136 -2.79 -1.32 -18.59
CA PHE E 136 -2.99 0.13 -18.40
C PHE E 136 -3.63 0.78 -19.62
N GLY E 137 -3.58 0.11 -20.77
CA GLY E 137 -4.20 0.62 -21.99
C GLY E 137 -3.28 0.82 -23.17
N MET E 138 -1.99 0.56 -22.98
CA MET E 138 -1.05 0.73 -24.07
C MET E 138 -1.53 -0.08 -25.28
N PRO E 139 -1.82 0.58 -26.40
CA PRO E 139 -2.35 -0.04 -27.59
C PRO E 139 -1.31 -0.77 -28.45
N PHE E 140 -0.73 -1.85 -27.93
CA PHE E 140 0.24 -2.60 -28.69
C PHE E 140 -0.24 -3.03 -30.07
N SER E 141 0.71 -3.17 -30.98
CA SER E 141 0.51 -3.87 -32.25
C SER E 141 0.14 -5.29 -31.88
N ARG E 142 -0.63 -5.96 -32.73
CA ARG E 142 -1.19 -7.27 -32.37
C ARG E 142 -0.88 -8.40 -33.37
N THR E 143 -0.86 -9.63 -32.84
CA THR E 143 -0.70 -10.83 -33.67
C THR E 143 -2.08 -11.30 -34.12
N PRO E 144 -2.13 -12.15 -35.17
CA PRO E 144 -3.39 -12.78 -35.61
C PRO E 144 -4.08 -13.59 -34.52
N GLU E 145 -3.36 -13.96 -33.46
CA GLU E 145 -3.97 -14.61 -32.32
C GLU E 145 -4.37 -13.61 -31.22
N GLY E 146 -4.32 -12.32 -31.55
CA GLY E 146 -4.67 -11.25 -30.61
C GLY E 146 -3.75 -11.06 -29.41
N LYS E 147 -2.48 -11.41 -29.57
CA LYS E 147 -1.48 -11.20 -28.54
C LYS E 147 -0.55 -10.08 -29.02
N ILE E 148 0.34 -9.61 -28.15
CA ILE E 148 1.21 -8.48 -28.42
C ILE E 148 2.24 -8.87 -29.48
N TYR E 149 2.26 -8.13 -30.58
CA TYR E 149 3.24 -8.35 -31.65
C TYR E 149 4.65 -8.07 -31.16
N GLN E 150 5.61 -8.80 -31.71
CA GLN E 150 6.98 -8.77 -31.23
C GLN E 150 7.87 -8.83 -32.44
N ARG E 151 8.99 -8.13 -32.38
CA ARG E 151 9.92 -8.10 -33.51
C ARG E 151 11.31 -8.50 -33.01
N SER E 152 12.21 -8.66 -33.97
CA SER E 152 13.60 -8.92 -33.67
C SER E 152 14.35 -7.61 -33.55
N PHE E 153 15.36 -7.61 -32.68
CA PHE E 153 16.16 -6.42 -32.40
C PHE E 153 17.63 -6.86 -32.39
N GLY E 154 18.51 -6.02 -31.86
CA GLY E 154 19.94 -6.27 -31.90
C GLY E 154 20.49 -6.98 -30.68
N GLY E 155 21.22 -8.07 -30.93
CA GLY E 155 21.97 -8.78 -29.90
C GLY E 155 21.12 -9.68 -29.03
N GLN E 156 20.12 -10.32 -29.64
CA GLN E 156 19.20 -11.19 -28.89
C GLN E 156 18.96 -12.51 -29.59
N SER E 157 18.71 -13.52 -28.77
CA SER E 157 18.81 -14.92 -29.16
C SER E 157 17.90 -15.81 -28.33
N ASN E 158 17.35 -16.85 -28.96
CA ASN E 158 16.74 -17.93 -28.22
C ASN E 158 17.79 -18.98 -27.81
N ASN E 159 17.52 -19.69 -26.72
CA ASN E 159 18.41 -20.74 -26.23
C ASN E 159 19.86 -20.27 -26.06
N TYR E 160 20.07 -19.42 -25.07
CA TYR E 160 21.41 -19.03 -24.65
C TYR E 160 22.46 -18.85 -25.74
N GLY E 161 22.09 -18.30 -26.88
CA GLY E 161 23.03 -18.04 -27.97
C GLY E 161 22.87 -18.96 -29.18
N LYS E 162 22.40 -20.19 -28.94
CA LYS E 162 22.48 -21.26 -29.96
C LYS E 162 21.16 -21.52 -30.70
N GLY E 163 20.05 -21.00 -30.17
CA GLY E 163 18.79 -20.91 -30.91
C GLY E 163 18.96 -19.78 -31.89
N GLY E 164 17.91 -19.38 -32.58
CA GLY E 164 18.03 -18.34 -33.61
C GLY E 164 18.09 -16.93 -33.04
N VAL E 165 17.78 -15.96 -33.89
CA VAL E 165 17.49 -14.61 -33.42
C VAL E 165 16.20 -14.63 -32.59
N ALA E 166 16.19 -13.93 -31.46
CA ALA E 166 14.99 -13.79 -30.61
C ALA E 166 13.89 -12.93 -31.23
N LYS E 167 12.69 -13.01 -30.62
CA LYS E 167 11.60 -12.05 -30.86
C LYS E 167 10.88 -11.64 -29.57
N ARG E 168 11.57 -10.78 -28.82
CA ARG E 168 11.14 -10.38 -27.49
C ARG E 168 10.65 -8.96 -27.45
N THR E 169 10.74 -8.27 -28.59
CA THR E 169 10.62 -6.82 -28.62
C THR E 169 9.18 -6.36 -28.92
N CYS E 170 8.42 -6.13 -27.88
CA CYS E 170 7.07 -5.71 -28.05
C CYS E 170 6.96 -4.28 -28.52
N CYS E 171 6.06 -4.02 -29.44
CA CYS E 171 5.95 -2.70 -29.97
C CYS E 171 4.55 -2.16 -30.24
N VAL E 172 4.51 -0.87 -30.48
CA VAL E 172 3.38 -0.19 -31.03
C VAL E 172 3.94 0.34 -32.31
N ALA E 173 3.99 -0.45 -33.33
CA ALA E 173 4.65 -0.06 -34.53
C ALA E 173 5.98 0.53 -34.22
N ASP E 174 6.11 1.76 -34.65
CA ASP E 174 7.34 2.49 -34.73
C ASP E 174 7.42 3.48 -33.65
N ARG E 175 6.52 3.39 -32.72
CA ARG E 175 6.18 4.50 -31.84
C ARG E 175 5.97 4.03 -30.40
N THR E 176 6.83 3.13 -29.94
CA THR E 176 6.54 2.45 -28.69
C THR E 176 6.57 3.40 -27.50
N GLY E 177 7.66 4.17 -27.41
CA GLY E 177 7.85 5.11 -26.31
C GLY E 177 6.81 6.21 -26.26
N HIS E 178 6.40 6.66 -27.43
CA HIS E 178 5.33 7.65 -27.52
C HIS E 178 4.09 7.17 -26.81
N SER E 179 3.64 5.99 -27.25
CA SER E 179 2.49 5.32 -26.69
C SER E 179 2.73 4.97 -25.21
N MET E 180 3.89 4.42 -24.90
CA MET E 180 4.14 4.04 -23.53
C MET E 180 4.05 5.25 -22.61
N LEU E 181 4.66 6.35 -23.01
CA LEU E 181 4.68 7.54 -22.17
C LEU E 181 3.31 8.14 -22.06
N HIS E 182 2.56 8.16 -23.14
CA HIS E 182 1.22 8.72 -23.10
C HIS E 182 0.32 7.89 -22.21
N THR E 183 0.47 6.58 -22.31
CA THR E 183 -0.26 5.65 -21.47
C THR E 183 0.08 5.88 -20.02
N LEU E 184 1.36 5.95 -19.72
CA LEU E 184 1.80 6.14 -18.34
C LEU E 184 1.38 7.51 -17.80
N TYR E 185 1.31 8.54 -18.65
CA TYR E 185 0.86 9.84 -18.18
C TYR E 185 -0.63 9.79 -17.83
N GLY E 186 -1.42 9.31 -18.79
CA GLY E 186 -2.85 9.11 -18.60
C GLY E 186 -3.13 8.34 -17.34
N ASN E 187 -2.50 7.20 -17.16
CA ASN E 187 -2.71 6.39 -15.93
C ASN E 187 -2.21 7.07 -14.65
N SER E 188 -1.26 7.99 -14.75
CA SER E 188 -0.76 8.69 -13.58
C SER E 188 -1.78 9.69 -12.99
N LEU E 189 -2.70 10.18 -13.83
CA LEU E 189 -3.73 11.13 -13.39
C LEU E 189 -4.77 10.50 -12.45
N ARG E 190 -4.72 9.17 -12.35
CA ARG E 190 -5.66 8.39 -11.56
C ARG E 190 -5.05 8.04 -10.20
N CYS E 191 -3.81 8.49 -9.98
CA CYS E 191 -3.06 8.06 -8.82
C CYS E 191 -2.69 9.21 -7.87
N HIS E 192 -3.48 10.29 -7.89
CA HIS E 192 -3.41 11.34 -6.87
C HIS E 192 -1.98 11.83 -6.61
N CYS E 193 -1.26 12.12 -7.70
CA CYS E 193 0.03 12.79 -7.64
C CYS E 193 -0.23 14.25 -7.97
N THR E 194 0.54 15.15 -7.37
CA THR E 194 0.42 16.56 -7.72
C THR E 194 1.63 16.96 -8.55
N PHE E 195 1.37 17.66 -9.65
CA PHE E 195 2.38 17.91 -10.66
C PHE E 195 2.98 19.29 -10.58
N PHE E 196 4.31 19.33 -10.53
CA PHE E 196 5.05 20.57 -10.63
C PHE E 196 5.74 20.58 -11.97
N ILE E 197 5.08 21.23 -12.92
CA ILE E 197 5.39 21.16 -14.34
C ILE E 197 6.06 22.44 -14.80
N GLU E 198 7.19 22.29 -15.48
CA GLU E 198 8.08 23.40 -15.83
C GLU E 198 8.59 24.06 -14.56
N TYR E 199 9.09 23.17 -13.70
CA TYR E 199 9.89 23.52 -12.57
C TYR E 199 11.26 22.92 -12.86
N PHE E 200 12.29 23.75 -12.78
CA PHE E 200 13.64 23.33 -13.09
C PHE E 200 14.38 23.04 -11.81
N ALA E 201 14.78 21.80 -11.60
CA ALA E 201 15.48 21.41 -10.39
C ALA E 201 16.91 21.96 -10.39
N LEU E 202 17.28 22.58 -9.27
CA LEU E 202 18.58 23.20 -9.13
C LEU E 202 19.53 22.32 -8.31
N ASP E 203 18.99 21.64 -7.31
CA ASP E 203 19.83 20.82 -6.39
C ASP E 203 19.01 19.95 -5.45
N LEU E 204 19.60 18.83 -5.04
CA LEU E 204 19.08 18.07 -3.90
C LEU E 204 19.30 18.87 -2.63
N LEU E 205 18.41 18.69 -1.67
CA LEU E 205 18.55 19.29 -0.37
C LEU E 205 19.15 18.21 0.52
N MET E 206 20.37 18.45 0.99
CA MET E 206 21.13 17.46 1.75
C MET E 206 21.37 17.93 3.18
N ASP E 207 21.20 17.00 4.13
CA ASP E 207 21.31 17.28 5.56
C ASP E 207 22.14 16.19 6.26
N LYS E 208 23.44 16.43 6.35
CA LYS E 208 24.38 15.48 6.96
C LYS E 208 24.16 14.08 6.43
N GLY E 209 24.45 13.90 5.14
CA GLY E 209 24.53 12.59 4.52
C GLY E 209 23.30 12.08 3.80
N ARG E 210 22.15 12.72 4.03
CA ARG E 210 20.86 12.25 3.51
C ARG E 210 20.14 13.30 2.67
N CYS E 211 19.21 12.85 1.84
CA CYS E 211 18.44 13.74 0.98
C CYS E 211 17.07 14.02 1.58
N VAL E 212 16.84 15.29 1.87
CA VAL E 212 15.59 15.70 2.48
C VAL E 212 14.67 16.40 1.48
N GLY E 213 15.13 16.59 0.25
CA GLY E 213 14.28 17.15 -0.79
C GLY E 213 14.99 17.67 -2.03
N VAL E 214 14.35 18.66 -2.67
CA VAL E 214 14.80 19.24 -3.93
C VAL E 214 14.47 20.75 -3.95
N ILE E 215 15.40 21.57 -4.43
CA ILE E 215 15.10 22.97 -4.66
C ILE E 215 14.98 23.18 -6.17
N ALA E 216 14.09 24.08 -6.59
CA ALA E 216 13.77 24.23 -8.01
C ALA E 216 13.22 25.59 -8.39
N LEU E 217 13.61 26.07 -9.57
CA LEU E 217 13.02 27.29 -10.14
C LEU E 217 11.70 26.95 -10.79
N CYS E 218 10.68 27.75 -10.51
CA CYS E 218 9.39 27.63 -11.20
C CYS E 218 9.35 28.59 -12.39
N LEU E 219 9.46 28.05 -13.59
CA LEU E 219 9.54 28.85 -14.79
C LEU E 219 8.39 29.83 -14.97
N GLU E 220 7.16 29.41 -14.66
CA GLU E 220 5.97 30.26 -14.95
C GLU E 220 6.04 31.63 -14.28
N ASP E 221 6.41 31.69 -13.01
CA ASP E 221 6.32 32.96 -12.28
C ASP E 221 7.62 33.45 -11.61
N GLY E 222 8.71 32.70 -11.73
CA GLY E 222 9.97 33.13 -11.15
C GLY E 222 10.24 32.68 -9.72
N THR E 223 9.21 32.21 -9.00
CA THR E 223 9.40 31.77 -7.62
C THR E 223 10.39 30.63 -7.50
N ILE E 224 10.91 30.43 -6.29
CA ILE E 224 11.89 29.39 -5.97
C ILE E 224 11.21 28.45 -5.00
N HIS E 225 11.34 27.15 -5.23
CA HIS E 225 10.58 26.18 -4.47
C HIS E 225 11.49 25.13 -3.85
N ARG E 226 11.36 24.96 -2.54
CA ARG E 226 12.00 23.88 -1.83
C ARG E 226 10.94 22.84 -1.51
N PHE E 227 11.26 21.60 -1.84
CA PHE E 227 10.36 20.48 -1.59
C PHE E 227 11.07 19.61 -0.57
N ARG E 228 10.46 19.48 0.61
CA ARG E 228 10.94 18.56 1.63
C ARG E 228 10.30 17.21 1.38
N SER E 229 11.09 16.15 1.46
CA SER E 229 10.54 14.83 1.27
C SER E 229 11.32 13.72 1.98
N LYS E 230 10.56 12.79 2.53
CA LYS E 230 11.13 11.62 3.17
C LYS E 230 11.98 10.91 2.14
N ARG E 231 11.40 10.59 0.98
CA ARG E 231 12.17 10.01 -0.12
C ARG E 231 12.18 10.93 -1.33
N THR E 232 13.19 10.72 -2.18
CA THR E 232 13.43 11.55 -3.36
C THR E 232 13.98 10.65 -4.46
N ILE E 233 13.26 10.58 -5.59
CA ILE E 233 13.71 9.80 -6.76
C ILE E 233 14.17 10.72 -7.89
N VAL E 234 15.37 10.44 -8.40
CA VAL E 234 15.91 11.15 -9.56
C VAL E 234 15.62 10.31 -10.79
N ALA E 235 14.90 10.89 -11.75
CA ALA E 235 14.54 10.15 -12.95
C ALA E 235 14.63 11.05 -14.18
N THR E 236 15.81 11.67 -14.33
CA THR E 236 16.05 12.88 -15.13
C THR E 236 16.50 12.66 -16.59
N GLY E 237 16.91 11.46 -16.94
CA GLY E 237 17.26 11.16 -18.33
C GLY E 237 18.76 11.13 -18.50
N GLY E 238 19.22 11.22 -19.75
CA GLY E 238 20.65 11.16 -20.07
C GLY E 238 21.29 12.50 -20.38
N TYR E 239 22.58 12.46 -20.74
CA TYR E 239 23.35 13.67 -21.12
C TYR E 239 23.82 13.69 -22.59
N GLY E 240 22.96 13.26 -23.49
CA GLY E 240 23.31 13.21 -24.90
C GLY E 240 23.75 14.52 -25.49
N ARG E 241 23.24 15.65 -24.97
CA ARG E 241 23.60 16.95 -25.53
C ARG E 241 25.01 17.43 -25.16
N ALA E 242 25.82 16.51 -24.65
CA ALA E 242 27.20 16.80 -24.34
C ALA E 242 28.04 16.63 -25.60
N TYR E 243 27.44 16.09 -26.65
CA TYR E 243 28.14 15.87 -27.91
C TYR E 243 27.52 16.78 -28.93
N PHE E 244 28.11 16.80 -30.11
CA PHE E 244 27.67 17.69 -31.20
C PHE E 244 26.56 17.02 -31.99
N SER E 245 26.68 15.72 -32.24
CA SER E 245 25.61 14.98 -32.90
C SER E 245 25.04 13.92 -31.96
N CYS E 246 23.72 13.95 -31.75
CA CYS E 246 23.05 12.92 -30.97
C CYS E 246 21.60 12.75 -31.43
N THR E 247 20.97 11.67 -30.97
CA THR E 247 19.56 11.43 -31.24
C THR E 247 18.69 12.10 -30.18
N THR E 248 19.31 12.51 -29.07
CA THR E 248 18.56 12.92 -27.88
C THR E 248 17.98 14.33 -27.97
N ALA E 249 16.99 14.63 -27.14
CA ALA E 249 16.38 15.95 -27.14
C ALA E 249 17.29 17.01 -26.55
N HIS E 250 16.95 18.27 -26.82
CA HIS E 250 17.63 19.43 -26.19
C HIS E 250 17.61 19.34 -24.68
N MET E 251 16.57 18.74 -24.12
CA MET E 251 16.43 18.63 -22.68
C MET E 251 17.30 17.54 -22.04
N ASN E 252 18.08 16.80 -22.83
CA ASN E 252 18.96 15.76 -22.28
C ASN E 252 20.34 16.31 -21.93
N THR E 253 20.32 17.25 -20.99
CA THR E 253 21.50 17.96 -20.51
C THR E 253 22.07 17.40 -19.21
N GLY E 254 21.79 16.15 -18.87
CA GLY E 254 22.40 15.51 -17.70
C GLY E 254 22.28 16.23 -16.37
N ASP E 255 21.12 16.81 -16.10
CA ASP E 255 20.81 17.49 -14.83
C ASP E 255 20.77 16.59 -13.60
N GLY E 256 20.32 15.35 -13.74
CA GLY E 256 20.16 14.49 -12.57
C GLY E 256 21.49 14.05 -12.00
N THR E 257 22.40 13.68 -12.90
CA THR E 257 23.75 13.26 -12.51
C THR E 257 24.53 14.44 -11.92
N ALA E 258 24.33 15.62 -12.50
CA ALA E 258 24.92 16.86 -12.03
C ALA E 258 24.44 17.22 -10.64
N LEU E 259 23.13 17.08 -10.41
CA LEU E 259 22.53 17.21 -9.09
C LEU E 259 23.22 16.29 -8.08
N ALA E 260 23.49 15.06 -8.51
CA ALA E 260 24.24 14.10 -7.69
C ALA E 260 25.68 14.55 -7.44
N THR E 261 26.39 14.93 -8.49
CA THR E 261 27.77 15.41 -8.34
C THR E 261 27.79 16.58 -7.34
N ARG E 262 26.92 17.56 -7.56
CA ARG E 262 26.79 18.68 -6.60
C ARG E 262 26.55 18.25 -5.16
N ALA E 263 25.92 17.11 -4.93
CA ALA E 263 25.66 16.62 -3.56
C ALA E 263 26.74 15.66 -3.03
N GLY E 264 27.89 15.63 -3.68
CA GLY E 264 29.01 14.81 -3.23
C GLY E 264 28.88 13.33 -3.52
N ILE E 265 28.17 12.98 -4.59
CA ILE E 265 28.03 11.57 -4.97
C ILE E 265 28.86 11.30 -6.22
N ALA E 266 29.64 10.23 -6.19
CA ALA E 266 30.43 9.82 -7.36
C ALA E 266 29.55 9.17 -8.41
N LEU E 267 29.77 9.54 -9.66
CA LEU E 267 29.01 9.01 -10.78
C LEU E 267 29.73 7.82 -11.34
N GLU E 268 28.97 6.87 -11.88
CA GLU E 268 29.52 5.59 -12.29
C GLU E 268 29.48 5.38 -13.82
N ASP E 269 30.54 4.78 -14.34
CA ASP E 269 30.63 4.32 -15.73
C ASP E 269 30.32 5.36 -16.83
N LEU E 270 30.63 6.62 -16.57
CA LEU E 270 30.32 7.68 -17.55
C LEU E 270 31.02 7.54 -18.90
N GLU E 271 32.08 6.75 -18.98
CA GLU E 271 32.79 6.57 -20.26
C GLU E 271 32.04 5.76 -21.31
N PHE E 272 30.94 5.11 -20.90
CA PHE E 272 30.20 4.21 -21.78
C PHE E 272 29.03 4.93 -22.40
N ILE E 273 29.28 5.49 -23.57
CA ILE E 273 28.34 6.31 -24.31
C ILE E 273 27.91 5.45 -25.48
N GLN E 274 26.62 5.15 -25.57
CA GLN E 274 26.15 4.32 -26.65
C GLN E 274 26.02 5.14 -27.92
N PHE E 275 26.69 4.66 -28.96
CA PHE E 275 26.52 5.14 -30.30
C PHE E 275 25.53 4.23 -30.99
N HIS E 276 24.38 4.77 -31.34
CA HIS E 276 23.38 4.02 -32.06
C HIS E 276 23.84 3.98 -33.50
N PRO E 277 23.78 2.80 -34.17
CA PRO E 277 24.16 2.63 -35.55
C PRO E 277 23.47 3.56 -36.54
N THR E 278 22.16 3.66 -36.43
CA THR E 278 21.37 4.35 -37.43
C THR E 278 20.67 5.60 -36.92
N GLY E 279 21.45 6.68 -36.81
CA GLY E 279 20.89 8.02 -36.75
C GLY E 279 21.06 8.64 -38.13
N ILE E 280 20.04 9.36 -38.58
CA ILE E 280 20.07 10.05 -39.88
C ILE E 280 21.29 10.95 -40.06
N TYR E 281 21.95 10.83 -41.21
CA TYR E 281 23.26 11.44 -41.43
C TYR E 281 23.26 12.95 -41.23
N GLY E 282 22.41 13.65 -41.95
CA GLY E 282 22.38 15.09 -41.80
C GLY E 282 22.23 15.54 -40.35
N VAL E 283 21.18 15.06 -39.71
CA VAL E 283 20.55 15.76 -38.60
C VAL E 283 20.47 15.01 -37.27
N GLY E 284 20.85 13.74 -37.26
CA GLY E 284 20.90 12.97 -36.02
C GLY E 284 19.64 12.22 -35.61
N CYS E 285 18.50 12.55 -36.20
CA CYS E 285 17.24 11.89 -35.89
C CYS E 285 17.41 10.40 -36.00
N LEU E 286 17.00 9.68 -34.95
CA LEU E 286 17.02 8.22 -34.94
C LEU E 286 16.13 7.57 -36.03
N ILE E 287 16.72 6.62 -36.76
CA ILE E 287 15.98 5.57 -37.45
C ILE E 287 16.19 4.30 -36.64
N THR E 288 15.10 3.64 -36.30
CA THR E 288 15.10 2.59 -35.28
C THR E 288 15.81 1.33 -35.70
N GLU E 289 16.27 0.60 -34.72
CA GLU E 289 16.85 -0.72 -34.94
C GLU E 289 15.79 -1.71 -35.43
N GLY E 290 14.54 -1.46 -35.09
CA GLY E 290 13.44 -2.26 -35.58
C GLY E 290 13.47 -2.37 -37.09
N SER E 291 14.08 -1.39 -37.75
CA SER E 291 14.10 -1.42 -39.19
C SER E 291 15.02 -2.56 -39.66
N ARG E 292 15.98 -2.95 -38.85
CA ARG E 292 16.84 -4.10 -39.16
C ARG E 292 16.21 -5.42 -38.66
N GLY E 293 15.56 -5.39 -37.51
CA GLY E 293 14.85 -6.57 -37.01
C GLY E 293 13.69 -7.01 -37.89
N GLU E 294 13.21 -6.08 -38.71
CA GLU E 294 12.15 -6.32 -39.66
C GLU E 294 12.68 -6.78 -41.01
N GLY E 295 14.00 -6.67 -41.24
CA GLY E 295 14.59 -7.07 -42.52
C GLY E 295 15.60 -6.13 -43.17
N GLY E 296 15.67 -4.89 -42.69
CA GLY E 296 16.63 -3.92 -43.21
C GLY E 296 18.09 -4.27 -42.94
N PHE E 297 18.99 -3.70 -43.74
CA PHE E 297 20.41 -3.93 -43.51
C PHE E 297 21.28 -2.77 -44.03
N LEU E 298 22.53 -2.75 -43.58
CA LEU E 298 23.47 -1.70 -43.97
C LEU E 298 24.19 -2.07 -45.28
N VAL E 299 24.65 -1.04 -45.98
CA VAL E 299 25.27 -1.19 -47.30
C VAL E 299 26.34 -0.11 -47.49
N ASN E 300 27.46 -0.49 -48.11
CA ASN E 300 28.62 0.41 -48.33
C ASN E 300 28.75 0.88 -49.78
N SER E 301 29.78 1.71 -50.03
CA SER E 301 30.19 2.12 -51.39
C SER E 301 29.99 1.07 -52.47
N GLU E 302 30.50 -0.13 -52.21
CA GLU E 302 30.55 -1.20 -53.21
C GLU E 302 29.29 -2.05 -53.26
N GLY E 303 28.24 -1.63 -52.54
CA GLY E 303 26.94 -2.31 -52.57
C GLY E 303 26.87 -3.54 -51.68
N GLU E 304 27.84 -3.67 -50.78
CA GLU E 304 27.99 -4.87 -49.94
C GLU E 304 27.21 -4.83 -48.62
N ARG E 305 26.53 -5.92 -48.30
CA ARG E 305 25.97 -6.10 -46.98
C ARG E 305 27.08 -6.46 -45.96
N PHE E 306 27.86 -5.45 -45.61
CA PHE E 306 29.13 -5.67 -44.93
C PHE E 306 29.07 -6.34 -43.56
N MET E 307 27.90 -6.33 -42.92
CA MET E 307 27.80 -6.92 -41.58
C MET E 307 27.97 -8.45 -41.58
N GLU E 308 27.84 -9.06 -42.76
CA GLU E 308 28.15 -10.49 -42.94
C GLU E 308 29.59 -10.83 -42.53
N ARG E 309 30.52 -9.89 -42.74
CA ARG E 309 31.93 -10.09 -42.42
C ARG E 309 32.30 -9.75 -40.98
N TYR E 310 31.87 -8.59 -40.52
CA TYR E 310 32.24 -8.15 -39.17
C TYR E 310 31.58 -8.98 -38.06
N ALA E 311 30.43 -9.58 -38.37
CA ALA E 311 29.68 -10.42 -37.41
C ALA E 311 28.79 -11.39 -38.17
N PRO E 312 29.29 -12.62 -38.42
CA PRO E 312 28.76 -13.39 -39.53
C PRO E 312 27.45 -14.13 -39.26
N LYS E 313 27.20 -14.52 -38.02
CA LYS E 313 25.96 -15.19 -37.72
C LYS E 313 24.82 -14.25 -37.40
N ALA E 314 25.06 -13.28 -36.53
CA ALA E 314 24.11 -12.19 -36.26
C ALA E 314 23.92 -11.22 -37.38
N LYS E 315 25.00 -10.84 -38.02
CA LYS E 315 24.95 -9.84 -39.05
C LYS E 315 24.49 -8.48 -38.56
N ASP E 316 23.46 -7.95 -39.19
CA ASP E 316 22.98 -6.61 -38.95
C ASP E 316 22.28 -6.44 -37.64
N LEU E 317 22.04 -7.54 -36.97
CA LEU E 317 21.39 -7.55 -35.69
C LEU E 317 22.37 -7.77 -34.58
N ALA E 318 23.63 -7.48 -34.83
CA ALA E 318 24.63 -7.55 -33.75
C ALA E 318 24.38 -6.49 -32.65
N SER E 319 25.13 -6.58 -31.57
CA SER E 319 25.09 -5.56 -30.53
C SER E 319 25.43 -4.20 -31.10
N ARG E 320 24.71 -3.19 -30.63
CA ARG E 320 24.93 -1.80 -31.04
C ARG E 320 26.41 -1.39 -31.08
N ASP E 321 27.21 -1.83 -30.11
CA ASP E 321 28.63 -1.45 -30.08
C ASP E 321 29.47 -2.00 -31.23
N VAL E 322 29.17 -3.23 -31.65
CA VAL E 322 29.87 -3.91 -32.75
C VAL E 322 29.44 -3.33 -34.10
N VAL E 323 28.14 -3.12 -34.28
CA VAL E 323 27.60 -2.56 -35.53
C VAL E 323 28.12 -1.14 -35.81
N SER E 324 28.18 -0.32 -34.76
CA SER E 324 28.65 1.05 -34.90
C SER E 324 30.15 1.10 -35.23
N ARG E 325 30.92 0.20 -34.62
CA ARG E 325 32.36 0.12 -34.92
C ARG E 325 32.58 -0.40 -36.32
N ALA E 326 31.79 -1.40 -36.70
CA ALA E 326 31.76 -1.86 -38.06
C ALA E 326 31.56 -0.66 -38.99
N GLU E 327 30.46 0.08 -38.82
CA GLU E 327 30.16 1.21 -39.71
C GLU E 327 31.33 2.19 -39.78
N THR E 328 31.90 2.54 -38.62
CA THR E 328 33.01 3.48 -38.56
C THR E 328 34.25 2.98 -39.32
N ILE E 329 34.57 1.68 -39.18
CA ILE E 329 35.72 1.10 -39.87
C ILE E 329 35.57 1.17 -41.39
N GLU E 330 34.37 0.91 -41.89
CA GLU E 330 34.09 1.08 -43.32
C GLU E 330 34.40 2.50 -43.77
N ILE E 331 33.84 3.51 -43.10
CA ILE E 331 34.14 4.93 -43.43
C ILE E 331 35.64 5.13 -43.57
N MET E 332 36.36 4.84 -42.50
CA MET E 332 37.82 5.01 -42.41
C MET E 332 38.56 4.36 -43.58
N GLU E 333 38.11 3.17 -43.97
CA GLU E 333 38.77 2.44 -45.05
C GLU E 333 38.13 2.75 -46.39
N GLY E 334 37.52 3.92 -46.53
CA GLY E 334 37.06 4.41 -47.82
C GLY E 334 35.76 3.88 -48.42
N ARG E 335 35.13 2.89 -47.77
CA ARG E 335 33.84 2.35 -48.27
C ARG E 335 32.60 3.14 -47.82
N GLY E 336 32.81 4.28 -47.16
CA GLY E 336 31.72 5.20 -46.84
C GLY E 336 31.00 5.72 -48.06
N VAL E 337 29.88 6.40 -47.83
CA VAL E 337 28.91 6.69 -48.87
C VAL E 337 28.60 8.19 -48.89
N GLY E 338 28.07 8.66 -50.02
CA GLY E 338 27.70 10.06 -50.20
C GLY E 338 28.88 10.93 -50.58
N PRO E 339 28.61 12.20 -50.97
CA PRO E 339 29.62 13.17 -51.41
C PRO E 339 30.99 13.08 -50.70
N GLU E 340 30.98 13.10 -49.37
CA GLU E 340 32.22 13.13 -48.56
C GLU E 340 32.67 11.71 -48.17
N LYS E 341 31.85 10.70 -48.51
CA LYS E 341 32.06 9.29 -48.13
C LYS E 341 32.23 9.11 -46.62
N ASP E 342 31.38 9.82 -45.85
CA ASP E 342 31.53 9.94 -44.40
C ASP E 342 30.45 9.19 -43.61
N HIS E 343 29.48 8.60 -44.32
CA HIS E 343 28.42 7.84 -43.68
C HIS E 343 28.12 6.58 -44.47
N ILE E 344 27.08 5.82 -44.10
CA ILE E 344 26.63 4.66 -44.88
C ILE E 344 25.11 4.61 -45.06
N TYR E 345 24.64 3.75 -45.95
CA TYR E 345 23.20 3.60 -46.22
C TYR E 345 22.52 2.51 -45.38
N LEU E 346 21.26 2.76 -45.03
CA LEU E 346 20.41 1.76 -44.40
C LEU E 346 19.31 1.48 -45.39
N GLN E 347 19.26 0.24 -45.87
CA GLN E 347 18.41 -0.11 -46.98
C GLN E 347 17.20 -0.88 -46.50
N LEU E 348 16.02 -0.38 -46.85
CA LEU E 348 14.75 -1.03 -46.57
C LEU E 348 13.87 -1.29 -47.82
N HIS E 349 14.25 -0.73 -48.97
CA HIS E 349 13.38 -0.75 -50.16
C HIS E 349 13.09 -2.15 -50.71
N HIS E 350 13.97 -3.09 -50.45
CA HIS E 350 13.74 -4.49 -50.77
C HIS E 350 12.55 -5.10 -50.01
N LEU E 351 12.15 -4.49 -48.89
CA LEU E 351 10.99 -4.99 -48.11
C LEU E 351 9.66 -4.60 -48.78
N PRO E 352 8.57 -5.31 -48.41
CA PRO E 352 7.27 -4.97 -48.96
C PRO E 352 6.74 -3.63 -48.43
N ALA E 353 6.24 -2.78 -49.33
CA ALA E 353 5.57 -1.52 -48.97
C ALA E 353 4.53 -1.66 -47.86
N GLU E 354 3.81 -2.78 -47.81
CA GLU E 354 2.82 -2.98 -46.74
C GLU E 354 3.46 -3.20 -45.36
N GLN E 355 4.60 -3.90 -45.32
CA GLN E 355 5.31 -4.16 -44.07
C GLN E 355 5.94 -2.88 -43.52
N LEU E 356 6.49 -2.07 -44.42
CA LEU E 356 7.04 -0.75 -44.09
C LEU E 356 6.00 0.19 -43.50
N HIS E 357 4.76 0.08 -43.96
CA HIS E 357 3.69 0.92 -43.43
C HIS E 357 3.13 0.42 -42.10
N GLN E 358 2.95 -0.88 -41.94
CA GLN E 358 2.38 -1.39 -40.70
C GLN E 358 3.43 -1.45 -39.56
N ARG E 359 4.68 -1.67 -39.92
CA ARG E 359 5.74 -1.89 -38.91
C ARG E 359 6.71 -0.71 -38.72
N LEU E 360 6.85 0.17 -39.72
CA LEU E 360 7.75 1.32 -39.63
C LEU E 360 7.16 2.62 -40.22
N PRO E 361 5.93 3.00 -39.81
CA PRO E 361 5.34 4.24 -40.35
C PRO E 361 6.03 5.53 -39.86
N GLY E 362 6.51 5.52 -38.63
CA GLY E 362 7.12 6.70 -38.04
C GLY E 362 8.38 7.13 -38.75
N ILE E 363 9.33 6.20 -38.88
CA ILE E 363 10.61 6.46 -39.55
C ILE E 363 10.44 6.56 -41.06
N SER E 364 9.44 5.88 -41.61
CA SER E 364 9.02 6.14 -42.99
C SER E 364 8.80 7.63 -43.24
N GLU E 365 8.02 8.28 -42.39
CA GLU E 365 7.72 9.70 -42.53
C GLU E 365 8.93 10.58 -42.20
N THR E 366 9.64 10.25 -41.12
CA THR E 366 10.81 11.02 -40.73
C THR E 366 11.87 11.04 -41.83
N ALA E 367 12.05 9.91 -42.51
CA ALA E 367 13.02 9.83 -43.59
C ALA E 367 12.66 10.79 -44.72
N LYS E 368 11.37 10.85 -45.05
CA LYS E 368 10.87 11.77 -46.07
C LYS E 368 11.16 13.20 -45.64
N ILE E 369 10.76 13.53 -44.42
CA ILE E 369 10.85 14.91 -43.94
C ILE E 369 12.29 15.40 -43.86
N PHE E 370 13.16 14.57 -43.32
CA PHE E 370 14.51 14.99 -42.97
C PHE E 370 15.59 14.55 -43.95
N ALA E 371 15.32 13.57 -44.80
CA ALA E 371 16.32 13.14 -45.78
C ALA E 371 15.81 13.13 -47.21
N GLY E 372 14.55 13.55 -47.42
CA GLY E 372 13.92 13.54 -48.75
C GLY E 372 13.93 12.16 -49.40
N VAL E 373 13.82 11.14 -48.55
CA VAL E 373 14.00 9.77 -48.94
C VAL E 373 12.69 9.00 -48.88
N ASP E 374 12.40 8.26 -49.94
CA ASP E 374 11.25 7.34 -49.93
C ASP E 374 11.76 5.97 -49.57
N VAL E 375 11.49 5.54 -48.35
CA VAL E 375 12.01 4.26 -47.84
C VAL E 375 11.65 3.02 -48.70
N THR E 376 10.51 3.05 -49.42
CA THR E 376 10.15 1.97 -50.37
C THR E 376 10.97 1.94 -51.68
N LYS E 377 11.72 3.00 -51.95
CA LYS E 377 12.50 3.11 -53.19
C LYS E 377 13.99 3.28 -52.90
N GLU E 378 14.34 4.26 -52.08
CA GLU E 378 15.74 4.61 -51.78
C GLU E 378 16.15 4.22 -50.36
N PRO E 379 17.46 4.16 -50.10
CA PRO E 379 17.94 3.92 -48.74
C PRO E 379 18.00 5.20 -47.92
N ILE E 380 18.33 5.07 -46.64
CA ILE E 380 18.43 6.21 -45.75
C ILE E 380 19.90 6.45 -45.39
N PRO E 381 20.37 7.69 -45.54
CA PRO E 381 21.72 7.96 -45.09
C PRO E 381 21.74 7.94 -43.57
N VAL E 382 22.68 7.18 -43.01
CA VAL E 382 22.71 6.96 -41.58
C VAL E 382 24.15 6.84 -41.11
N ILE E 383 24.35 7.01 -39.81
CA ILE E 383 25.70 7.07 -39.26
C ILE E 383 25.62 6.84 -37.75
N PRO E 384 26.63 6.18 -37.17
CA PRO E 384 26.59 6.06 -35.73
C PRO E 384 26.36 7.41 -35.06
N THR E 385 25.52 7.41 -34.02
CA THR E 385 25.09 8.63 -33.34
C THR E 385 24.87 8.43 -31.85
N VAL E 386 25.44 9.32 -31.05
CA VAL E 386 25.29 9.28 -29.60
C VAL E 386 23.80 9.25 -29.29
N HIS E 387 23.42 8.53 -28.23
CA HIS E 387 22.06 8.06 -28.07
C HIS E 387 21.64 7.66 -26.65
N TYR E 388 22.41 6.77 -26.01
CA TYR E 388 22.07 6.27 -24.69
C TYR E 388 23.28 6.34 -23.80
N ASN E 389 23.07 6.73 -22.54
CA ASN E 389 24.12 6.67 -21.52
C ASN E 389 23.94 5.53 -20.54
N MET E 390 24.65 4.41 -20.73
CA MET E 390 24.62 3.37 -19.68
C MET E 390 25.26 3.82 -18.36
N GLY E 391 26.04 4.88 -18.38
CA GLY E 391 26.54 5.47 -17.15
C GLY E 391 25.45 6.20 -16.41
N GLY E 392 25.83 6.76 -15.26
CA GLY E 392 24.94 7.56 -14.45
C GLY E 392 25.14 7.36 -12.95
N ILE E 393 24.12 7.77 -12.19
CA ILE E 393 24.14 7.66 -10.73
C ILE E 393 24.16 6.18 -10.35
N PRO E 394 25.13 5.78 -9.51
CA PRO E 394 25.20 4.37 -9.13
C PRO E 394 24.11 4.04 -8.10
N THR E 395 23.54 2.83 -8.20
CA THR E 395 22.62 2.30 -7.18
C THR E 395 22.85 0.82 -6.89
N ASN E 396 22.22 0.33 -5.83
CA ASN E 396 22.05 -1.10 -5.62
C ASN E 396 20.87 -1.63 -6.45
N TYR E 397 20.64 -2.93 -6.39
CA TYR E 397 19.58 -3.54 -7.16
C TYR E 397 18.22 -2.96 -6.79
N LYS E 398 18.12 -2.38 -5.61
CA LYS E 398 16.85 -1.80 -5.13
C LYS E 398 16.66 -0.35 -5.56
N ALA E 399 17.56 0.16 -6.42
CA ALA E 399 17.49 1.53 -6.91
C ALA E 399 17.85 2.62 -5.88
N GLN E 400 18.56 2.25 -4.83
CA GLN E 400 19.00 3.25 -3.86
C GLN E 400 20.36 3.75 -4.28
N VAL E 401 20.52 5.07 -4.28
CA VAL E 401 21.79 5.70 -4.60
C VAL E 401 22.85 5.26 -3.57
N ILE E 402 24.11 5.08 -4.01
CA ILE E 402 25.18 4.63 -3.12
C ILE E 402 26.50 5.36 -3.28
N LYS E 403 27.18 5.56 -2.16
CA LYS E 403 28.60 5.90 -2.13
C LYS E 403 29.42 4.63 -1.94
N TYR E 404 30.67 4.67 -2.40
CA TYR E 404 31.60 3.54 -2.28
C TYR E 404 33.00 3.93 -1.77
N THR E 405 33.48 3.15 -0.81
CA THR E 405 34.88 3.20 -0.39
C THR E 405 35.41 1.78 -0.56
N LYS E 406 36.69 1.65 -0.86
CA LYS E 406 37.32 0.33 -0.94
C LYS E 406 37.12 -0.45 0.37
N GLU E 407 37.25 0.26 1.49
CA GLU E 407 37.18 -0.36 2.81
C GLU E 407 35.73 -0.66 3.23
N GLY E 408 34.86 0.34 3.13
CA GLY E 408 33.47 0.23 3.62
C GLY E 408 32.40 -0.23 2.64
N GLY E 409 32.79 -0.58 1.40
CA GLY E 409 31.85 -1.02 0.35
C GLY E 409 30.64 -0.09 0.10
N ASP E 410 29.56 -0.68 -0.42
CA ASP E 410 28.34 0.07 -0.75
C ASP E 410 27.60 0.57 0.50
N LYS E 411 27.52 1.89 0.65
CA LYS E 411 26.70 2.53 1.68
C LYS E 411 25.56 3.33 1.04
N ILE E 412 24.30 2.96 1.28
CA ILE E 412 23.19 3.65 0.61
C ILE E 412 23.13 5.10 1.11
N VAL E 413 22.71 5.99 0.22
CA VAL E 413 22.48 7.37 0.58
C VAL E 413 21.07 7.48 1.16
N PRO E 414 20.96 7.62 2.49
CA PRO E 414 19.63 7.68 3.09
C PRO E 414 18.72 8.65 2.37
N GLY E 415 17.56 8.17 1.97
CA GLY E 415 16.50 9.04 1.44
C GLY E 415 16.45 9.17 -0.08
N LEU E 416 17.48 8.74 -0.78
CA LEU E 416 17.66 9.05 -2.20
C LEU E 416 17.69 7.84 -3.11
N TYR E 417 16.81 7.87 -4.12
CA TYR E 417 16.68 6.83 -5.15
C TYR E 417 16.89 7.40 -6.56
N ALA E 418 17.23 6.53 -7.51
CA ALA E 418 17.37 6.93 -8.90
C ALA E 418 16.91 5.82 -9.81
N CYS E 419 16.38 6.16 -10.99
CA CYS E 419 16.04 5.17 -12.01
C CYS E 419 15.99 5.74 -13.43
N GLY E 420 15.98 4.86 -14.43
CA GLY E 420 16.06 5.28 -15.83
C GLY E 420 17.50 5.52 -16.27
N GLU E 421 17.69 6.38 -17.27
CA GLU E 421 18.99 6.60 -17.92
C GLU E 421 20.01 7.28 -16.99
N CYS E 422 19.52 8.22 -16.17
CA CYS E 422 20.37 8.94 -15.20
C CYS E 422 20.96 8.03 -14.15
N ALA E 423 20.49 6.79 -14.08
CA ALA E 423 21.02 5.81 -13.15
C ALA E 423 22.01 4.84 -13.80
N CYS E 424 22.70 4.13 -12.91
CA CYS E 424 23.58 3.04 -13.24
C CYS E 424 23.38 1.97 -12.14
N HIS E 425 22.56 0.97 -12.47
CA HIS E 425 22.14 -0.07 -11.52
C HIS E 425 23.13 -1.20 -11.22
N SER E 426 23.88 -1.73 -12.20
CA SER E 426 23.90 -1.32 -13.61
C SER E 426 23.34 -2.45 -14.44
N VAL E 427 22.15 -2.26 -15.02
CA VAL E 427 21.58 -3.32 -15.83
C VAL E 427 22.16 -3.38 -17.24
N HIS E 428 22.99 -2.40 -17.61
CA HIS E 428 23.51 -2.35 -19.00
C HIS E 428 25.02 -2.53 -19.11
N GLY E 429 25.73 -2.36 -18.01
CA GLY E 429 27.19 -2.39 -18.02
C GLY E 429 27.79 -1.50 -19.10
N ALA E 430 28.50 -2.13 -20.05
CA ALA E 430 29.35 -1.43 -21.01
C ALA E 430 28.73 -1.31 -22.38
N ASN E 431 27.47 -1.68 -22.50
CA ASN E 431 26.72 -1.53 -23.75
C ASN E 431 25.31 -2.03 -23.49
N ARG E 432 24.36 -1.12 -23.60
CA ARG E 432 22.95 -1.40 -23.40
C ARG E 432 22.39 -2.14 -24.62
N LEU E 433 21.46 -3.05 -24.35
CA LEU E 433 20.81 -3.82 -25.40
C LEU E 433 19.61 -3.06 -25.93
N GLY E 434 19.42 -3.08 -27.25
CA GLY E 434 18.26 -2.42 -27.82
C GLY E 434 16.96 -2.91 -27.19
N ALA E 435 16.07 -1.96 -26.92
CA ALA E 435 14.77 -2.20 -26.27
C ALA E 435 14.83 -2.68 -24.82
N ASN E 436 15.95 -2.48 -24.13
CA ASN E 436 16.01 -2.77 -22.70
C ASN E 436 15.88 -1.55 -21.83
N SER E 437 15.71 -0.37 -22.41
CA SER E 437 15.71 0.86 -21.61
C SER E 437 14.30 1.28 -21.23
N LEU E 438 13.38 1.27 -22.18
CA LEU E 438 12.00 1.47 -21.81
C LEU E 438 11.68 0.47 -20.68
N LEU E 439 12.16 -0.78 -20.82
CA LEU E 439 12.03 -1.77 -19.76
C LEU E 439 12.62 -1.23 -18.49
N ASP E 440 13.93 -0.94 -18.53
CA ASP E 440 14.68 -0.54 -17.34
C ASP E 440 13.97 0.63 -16.62
N ALA E 441 13.47 1.60 -17.39
CA ALA E 441 12.68 2.69 -16.84
C ALA E 441 11.47 2.20 -16.02
N VAL E 442 10.57 1.50 -16.68
CA VAL E 442 9.37 0.97 -16.06
C VAL E 442 9.69 0.01 -14.91
N VAL E 443 10.53 -0.99 -15.17
CA VAL E 443 10.83 -2.02 -14.17
C VAL E 443 11.38 -1.42 -12.89
N PHE E 444 12.42 -0.62 -13.01
CA PHE E 444 13.04 -0.01 -11.83
C PHE E 444 12.34 1.26 -11.38
N GLY E 445 11.56 1.87 -12.26
CA GLY E 445 10.66 2.96 -11.86
C GLY E 445 9.64 2.43 -10.87
N ARG E 446 9.02 1.31 -11.24
CA ARG E 446 8.11 0.55 -10.38
C ARG E 446 8.80 0.05 -9.14
N ALA E 447 10.02 -0.45 -9.33
CA ALA E 447 10.82 -0.96 -8.22
C ALA E 447 10.96 0.10 -7.14
N CYS E 448 10.99 1.38 -7.50
CA CYS E 448 11.23 2.42 -6.50
C CYS E 448 10.02 2.58 -5.56
N SER E 449 8.81 2.39 -6.10
CA SER E 449 7.59 2.43 -5.29
C SER E 449 7.44 1.14 -4.48
N ILE E 450 7.75 0.00 -5.10
CA ILE E 450 7.77 -1.27 -4.38
C ILE E 450 8.71 -1.20 -3.16
N ASN E 451 9.92 -0.68 -3.35
CA ASN E 451 10.93 -0.66 -2.30
C ASN E 451 10.71 0.43 -1.28
N ILE E 452 10.13 1.57 -1.69
CA ILE E 452 9.82 2.64 -0.74
C ILE E 452 8.63 2.22 0.13
N LYS E 453 7.54 1.81 -0.53
CA LYS E 453 6.44 1.10 0.13
C LYS E 453 6.96 0.14 1.21
N GLU E 454 7.78 -0.82 0.83
CA GLU E 454 8.23 -1.85 1.77
C GLU E 454 9.32 -1.40 2.78
N GLU E 455 9.67 -0.12 2.84
CA GLU E 455 10.73 0.33 3.79
C GLU E 455 10.48 1.65 4.49
N LEU E 456 9.83 2.61 3.84
CA LEU E 456 9.42 3.85 4.51
C LEU E 456 8.21 3.51 5.38
N LYS E 457 8.37 3.60 6.69
CA LYS E 457 7.25 3.32 7.58
C LYS E 457 6.66 4.62 8.14
N PRO E 458 5.34 4.62 8.40
CA PRO E 458 4.60 5.86 8.59
C PRO E 458 4.94 6.62 9.88
N ASP E 459 5.59 5.98 10.84
CA ASP E 459 6.08 6.66 12.04
C ASP E 459 7.14 7.70 11.68
N GLU E 460 7.85 7.48 10.59
CA GLU E 460 8.81 8.45 10.11
C GLU E 460 8.11 9.70 9.54
N LYS E 461 8.58 10.87 9.96
CA LYS E 461 7.94 12.14 9.61
C LYS E 461 8.71 12.85 8.49
N ILE E 462 8.11 13.91 7.95
CA ILE E 462 8.72 14.66 6.84
C ILE E 462 9.84 15.53 7.39
N PRO E 463 11.07 15.33 6.89
CA PRO E 463 12.25 16.04 7.39
C PRO E 463 12.09 17.54 7.57
N GLU E 464 12.95 18.08 8.41
CA GLU E 464 13.08 19.51 8.62
C GLU E 464 14.27 19.97 7.79
N LEU E 465 14.23 21.22 7.33
CA LEU E 465 15.31 21.78 6.54
C LEU E 465 16.39 22.46 7.40
N PRO E 466 17.67 22.15 7.14
CA PRO E 466 18.74 22.92 7.74
C PRO E 466 18.63 24.42 7.41
N GLU E 467 19.11 25.27 8.30
CA GLU E 467 19.06 26.71 8.05
C GLU E 467 19.85 27.02 6.78
N GLY E 468 19.25 27.85 5.92
CA GLY E 468 19.87 28.27 4.65
C GLY E 468 20.03 27.16 3.63
N ALA E 469 19.19 26.13 3.72
CA ALA E 469 19.20 25.03 2.77
C ALA E 469 18.73 25.60 1.45
N GLY E 470 19.51 25.36 0.40
CA GLY E 470 19.21 25.85 -0.93
C GLY E 470 19.93 27.11 -1.34
N GLU E 471 20.56 27.79 -0.38
CA GLU E 471 21.08 29.13 -0.62
C GLU E 471 22.18 29.15 -1.67
N GLU E 472 23.01 28.12 -1.68
CA GLU E 472 24.10 28.02 -2.66
C GLU E 472 23.52 27.91 -4.07
N SER E 473 22.42 27.18 -4.20
CA SER E 473 21.73 27.08 -5.48
C SER E 473 21.23 28.45 -5.93
N ILE E 474 20.60 29.18 -5.01
CA ILE E 474 20.08 30.52 -5.32
C ILE E 474 21.20 31.49 -5.73
N ALA E 475 22.30 31.46 -4.98
CA ALA E 475 23.50 32.22 -5.31
C ALA E 475 23.95 31.93 -6.73
N ASN E 476 24.02 30.64 -7.07
CA ASN E 476 24.41 30.22 -8.42
C ASN E 476 23.40 30.64 -9.49
N LEU E 477 22.11 30.59 -9.14
CA LEU E 477 21.06 31.01 -10.04
C LEU E 477 21.31 32.46 -10.37
N ASP E 478 21.52 33.23 -9.31
CA ASP E 478 21.76 34.67 -9.38
C ASP E 478 23.07 35.03 -10.11
N ALA E 479 24.14 34.32 -9.79
CA ALA E 479 25.43 34.51 -10.47
C ALA E 479 25.32 34.26 -11.98
N VAL E 480 24.62 33.19 -12.35
CA VAL E 480 24.40 32.83 -13.74
C VAL E 480 23.39 33.77 -14.40
N ARG E 481 22.31 34.07 -13.68
CA ARG E 481 21.30 34.98 -14.20
C ARG E 481 21.94 36.26 -14.71
N TYR E 482 22.78 36.87 -13.87
CA TYR E 482 23.46 38.14 -14.20
C TYR E 482 24.90 37.96 -14.69
N ALA E 483 25.29 36.78 -15.16
CA ALA E 483 26.65 36.57 -15.67
C ALA E 483 26.99 37.63 -16.71
N ASN E 484 28.23 38.12 -16.67
CA ASN E 484 28.62 39.33 -17.43
C ASN E 484 29.91 39.23 -18.24
N GLY E 485 30.66 38.15 -18.06
CA GLY E 485 31.87 37.88 -18.85
C GLY E 485 31.72 37.99 -20.35
N ASP E 486 32.60 37.31 -21.08
CA ASP E 486 32.75 37.52 -22.53
C ASP E 486 32.54 36.28 -23.39
N VAL E 487 32.26 35.13 -22.76
CA VAL E 487 31.93 33.91 -23.49
C VAL E 487 30.43 33.62 -23.32
N PRO E 488 29.64 33.91 -24.37
CA PRO E 488 28.21 33.60 -24.24
C PRO E 488 27.97 32.10 -24.08
N THR E 489 27.02 31.78 -23.22
CA THR E 489 26.61 30.40 -22.95
C THR E 489 26.58 29.48 -24.21
N ALA E 490 25.98 29.92 -25.32
CA ALA E 490 25.91 29.12 -26.55
C ALA E 490 27.27 28.85 -27.19
N GLU E 491 28.12 29.86 -27.17
CA GLU E 491 29.44 29.70 -27.76
C GLU E 491 30.18 28.57 -27.06
N LEU E 492 30.17 28.62 -25.74
CA LEU E 492 30.87 27.65 -24.93
C LEU E 492 30.23 26.26 -25.02
N ARG E 493 28.91 26.19 -25.11
CA ARG E 493 28.24 24.91 -25.26
C ARG E 493 28.75 24.20 -26.50
N LEU E 494 28.72 24.89 -27.63
CA LEU E 494 29.19 24.34 -28.90
C LEU E 494 30.63 23.87 -28.86
N THR E 495 31.51 24.64 -28.25
CA THR E 495 32.91 24.25 -28.11
C THR E 495 33.01 22.95 -27.31
N MET E 496 32.24 22.85 -26.23
CA MET E 496 32.16 21.59 -25.44
C MET E 496 31.74 20.37 -26.28
N GLN E 497 30.72 20.55 -27.09
CA GLN E 497 30.15 19.47 -27.87
C GLN E 497 31.08 18.97 -28.96
N LYS E 498 31.71 19.90 -29.66
CA LYS E 498 32.67 19.55 -30.72
C LYS E 498 33.92 18.87 -30.15
N THR E 499 34.32 19.25 -28.94
CA THR E 499 35.45 18.62 -28.24
C THR E 499 35.18 17.17 -27.87
N MET E 500 33.98 16.97 -27.34
CA MET E 500 33.52 15.69 -26.91
C MET E 500 33.44 14.74 -28.09
N GLN E 501 32.91 15.27 -29.20
CA GLN E 501 32.76 14.50 -30.44
C GLN E 501 34.09 14.07 -31.02
N LYS E 502 35.11 14.93 -30.87
CA LYS E 502 36.43 14.68 -31.45
C LYS E 502 37.20 13.71 -30.58
N HIS E 503 37.21 13.95 -29.29
CA HIS E 503 38.12 13.26 -28.42
C HIS E 503 37.54 12.02 -27.73
N ALA E 504 36.21 11.88 -27.74
CA ALA E 504 35.53 10.85 -26.97
C ALA E 504 34.50 10.10 -27.82
N GLY E 505 34.84 9.86 -29.08
CA GLY E 505 33.96 9.20 -30.06
C GLY E 505 34.05 7.69 -30.04
N VAL E 506 33.59 7.06 -31.12
CA VAL E 506 33.52 5.59 -31.26
C VAL E 506 34.84 4.93 -30.87
N PHE E 507 35.88 5.18 -31.68
CA PHE E 507 37.25 4.71 -31.40
C PHE E 507 38.06 5.80 -30.69
N ARG E 508 38.76 5.43 -29.62
CA ARG E 508 39.50 6.39 -28.85
C ARG E 508 40.98 5.95 -28.80
N ARG E 509 41.85 6.87 -28.40
CA ARG E 509 43.27 6.58 -28.25
C ARG E 509 43.88 7.44 -27.17
N GLY E 510 44.81 6.87 -26.41
CA GLY E 510 45.45 7.56 -25.27
C GLY E 510 45.77 9.03 -25.46
N ASP E 511 46.46 9.37 -26.55
CA ASP E 511 46.90 10.74 -26.79
C ASP E 511 45.75 11.70 -27.02
N ILE E 512 44.80 11.31 -27.89
CA ILE E 512 43.58 12.10 -28.16
C ILE E 512 42.74 12.26 -26.87
N LEU E 513 42.61 11.17 -26.13
CA LEU E 513 41.91 11.22 -24.86
C LEU E 513 42.55 12.22 -23.91
N ALA E 514 43.87 12.10 -23.71
CA ALA E 514 44.59 13.01 -22.82
C ALA E 514 44.52 14.45 -23.35
N GLU E 515 44.70 14.59 -24.65
CA GLU E 515 44.59 15.91 -25.26
C GLU E 515 43.19 16.50 -25.01
N GLY E 516 42.17 15.63 -25.02
CA GLY E 516 40.78 16.04 -24.81
C GLY E 516 40.48 16.50 -23.39
N VAL E 517 40.93 15.72 -22.40
CA VAL E 517 40.76 16.10 -20.98
C VAL E 517 41.30 17.50 -20.76
N LYS E 518 42.43 17.79 -21.40
CA LYS E 518 43.06 19.10 -21.34
C LYS E 518 42.12 20.18 -21.85
N LYS E 519 41.67 20.06 -23.10
CA LYS E 519 40.81 21.09 -23.68
C LYS E 519 39.51 21.22 -22.89
N MET E 520 39.01 20.09 -22.39
CA MET E 520 37.76 20.07 -21.60
C MET E 520 37.90 20.79 -20.27
N MET E 521 39.02 20.56 -19.58
CA MET E 521 39.30 21.23 -18.31
C MET E 521 39.43 22.73 -18.49
N ASP E 522 39.95 23.16 -19.64
CA ASP E 522 40.05 24.57 -19.94
C ASP E 522 38.67 25.18 -20.18
N LEU E 523 37.78 24.44 -20.83
CA LEU E 523 36.40 24.89 -20.96
C LEU E 523 35.74 25.02 -19.58
N PHE E 524 36.09 24.13 -18.65
CA PHE E 524 35.57 24.26 -17.30
C PHE E 524 35.98 25.59 -16.66
N LYS E 525 37.21 26.02 -16.97
CA LYS E 525 37.66 27.34 -16.55
C LYS E 525 36.84 28.44 -17.24
N GLU E 526 36.70 28.37 -18.58
CA GLU E 526 35.95 29.38 -19.36
C GLU E 526 34.51 29.60 -18.84
N LEU E 527 34.04 28.68 -17.99
CA LEU E 527 32.74 28.79 -17.34
C LEU E 527 32.63 30.00 -16.40
N LYS E 528 33.77 30.46 -15.89
CA LYS E 528 33.83 31.67 -15.06
C LYS E 528 33.72 32.96 -15.90
N ARG E 529 34.03 32.88 -17.19
CA ARG E 529 33.93 34.04 -18.09
C ARG E 529 32.61 34.05 -18.85
N LEU E 530 31.54 33.62 -18.19
CA LEU E 530 30.30 33.29 -18.89
C LEU E 530 29.43 34.51 -19.08
N LYS E 531 28.81 34.64 -20.26
CA LYS E 531 27.91 35.77 -20.54
C LYS E 531 26.46 35.34 -20.78
N THR E 532 25.56 35.77 -19.90
CA THR E 532 24.13 35.66 -20.15
C THR E 532 23.66 37.03 -20.64
N THR E 533 22.35 37.17 -20.82
CA THR E 533 21.76 38.37 -21.40
C THR E 533 20.34 38.62 -20.86
N ASP E 534 19.49 37.60 -20.90
CA ASP E 534 18.15 37.69 -20.32
C ASP E 534 18.27 37.77 -18.80
N ARG E 535 17.66 38.81 -18.23
CA ARG E 535 17.74 39.07 -16.79
C ARG E 535 16.44 38.75 -16.08
N SER E 536 15.43 38.31 -16.84
CA SER E 536 14.14 37.98 -16.26
C SER E 536 14.16 36.70 -15.38
N LEU E 537 13.15 36.56 -14.56
CA LEU E 537 12.96 35.39 -13.77
C LEU E 537 11.87 34.53 -14.36
N ILE E 538 11.15 35.06 -15.32
CA ILE E 538 9.98 34.37 -15.79
C ILE E 538 10.27 33.71 -17.09
N TRP E 539 10.14 32.40 -17.13
CA TRP E 539 10.45 31.72 -18.34
C TRP E 539 11.69 32.24 -18.94
N ASN E 540 12.79 32.19 -18.23
CA ASN E 540 14.06 32.56 -18.82
C ASN E 540 14.86 31.36 -19.25
N SER E 541 14.77 31.00 -20.52
CA SER E 541 15.52 29.88 -21.08
C SER E 541 16.98 30.10 -21.27
N ASP E 542 17.35 31.35 -21.48
CA ASP E 542 18.76 31.74 -21.48
C ASP E 542 19.38 31.31 -20.16
N LEU E 543 18.64 31.51 -19.07
CA LEU E 543 19.07 31.16 -17.72
C LEU E 543 19.18 29.67 -17.53
N THR E 544 18.06 29.00 -17.74
CA THR E 544 18.01 27.56 -17.53
C THR E 544 18.96 26.83 -18.49
N GLU E 545 19.08 27.30 -19.74
CA GLU E 545 20.03 26.68 -20.69
C GLU E 545 21.51 26.85 -20.29
N SER E 546 21.79 27.87 -19.49
CA SER E 546 23.13 28.06 -18.92
C SER E 546 23.31 27.17 -17.70
N LEU E 547 22.25 27.06 -16.88
CA LEU E 547 22.19 26.01 -15.84
C LEU E 547 22.41 24.61 -16.47
N GLU E 548 21.72 24.37 -17.57
CA GLU E 548 21.90 23.13 -18.32
C GLU E 548 23.36 22.96 -18.72
N LEU E 549 23.99 24.04 -19.21
CA LEU E 549 25.43 24.00 -19.60
C LEU E 549 26.38 23.70 -18.44
N GLN E 550 26.10 24.27 -17.27
CA GLN E 550 26.90 23.92 -16.09
C GLN E 550 26.76 22.42 -15.80
N ASN E 551 25.54 21.93 -15.92
CA ASN E 551 25.23 20.55 -15.58
C ASN E 551 25.88 19.65 -16.61
N LEU E 552 25.72 19.99 -17.89
CA LEU E 552 26.41 19.28 -18.96
C LEU E 552 27.92 19.17 -18.75
N MET E 553 28.55 20.28 -18.38
CA MET E 553 30.02 20.33 -18.24
C MET E 553 30.54 19.35 -17.19
N LEU E 554 29.82 19.26 -16.07
CA LEU E 554 30.12 18.22 -15.07
C LEU E 554 30.09 16.81 -15.71
N ASN E 555 29.04 16.52 -16.48
CA ASN E 555 28.91 15.20 -17.08
C ASN E 555 30.04 14.88 -18.08
N ALA E 556 30.38 15.88 -18.90
CA ALA E 556 31.30 15.69 -20.03
C ALA E 556 32.74 15.54 -19.56
N THR E 557 33.10 16.31 -18.53
CA THR E 557 34.42 16.23 -17.93
C THR E 557 34.59 14.89 -17.26
N GLN E 558 33.68 14.55 -16.36
CA GLN E 558 33.73 13.25 -15.69
C GLN E 558 33.77 12.14 -16.75
N THR E 559 32.98 12.27 -17.81
CA THR E 559 32.97 11.26 -18.87
C THR E 559 34.36 11.04 -19.44
N ILE E 560 34.96 12.12 -19.91
CA ILE E 560 36.23 12.03 -20.62
C ILE E 560 37.41 11.57 -19.75
N VAL E 561 37.52 12.04 -18.50
CA VAL E 561 38.66 11.65 -17.69
C VAL E 561 38.52 10.18 -17.31
N ALA E 562 37.27 9.73 -17.14
CA ALA E 562 37.00 8.31 -16.91
C ALA E 562 37.43 7.47 -18.11
N ALA E 563 37.12 7.97 -19.30
CA ALA E 563 37.43 7.28 -20.54
C ALA E 563 38.95 7.19 -20.74
N GLU E 564 39.64 8.26 -20.39
CA GLU E 564 41.07 8.37 -20.61
C GLU E 564 41.79 7.32 -19.79
N ASN E 565 41.38 7.19 -18.53
CA ASN E 565 42.02 6.27 -17.59
C ASN E 565 41.82 4.78 -17.92
N ARG E 566 40.69 4.45 -18.55
CA ARG E 566 40.37 3.07 -18.87
C ARG E 566 41.19 2.54 -20.05
N LYS E 567 42.23 1.77 -19.75
CA LYS E 567 43.11 1.21 -20.78
C LYS E 567 42.68 -0.21 -21.12
N GLU E 568 41.52 -0.30 -21.76
CA GLU E 568 41.01 -1.55 -22.29
C GLU E 568 39.98 -1.28 -23.38
N SER E 569 39.42 -2.34 -23.96
CA SER E 569 38.32 -2.25 -24.91
C SER E 569 37.16 -3.14 -24.48
N ARG E 570 36.12 -2.53 -23.94
CA ARG E 570 34.94 -3.25 -23.41
C ARG E 570 33.67 -2.54 -23.85
N GLY E 571 32.88 -3.23 -24.67
CA GLY E 571 31.63 -2.68 -25.19
C GLY E 571 31.82 -1.40 -26.00
N ALA E 572 31.08 -0.37 -25.63
CA ALA E 572 31.06 0.90 -26.34
C ALA E 572 32.39 1.67 -26.22
N HIS E 573 33.18 1.37 -25.19
CA HIS E 573 34.50 1.99 -24.99
C HIS E 573 35.59 1.21 -25.75
N ALA E 574 36.03 1.77 -26.88
CA ALA E 574 37.05 1.12 -27.72
C ALA E 574 38.35 1.96 -27.80
N ARG E 575 39.42 1.42 -27.22
CA ARG E 575 40.75 2.02 -27.24
C ARG E 575 41.59 1.29 -28.29
N ASP E 576 42.16 2.04 -29.23
CA ASP E 576 43.09 1.45 -30.22
C ASP E 576 44.46 1.04 -29.64
N ASP E 577 44.90 1.77 -28.61
CA ASP E 577 46.08 1.39 -27.82
C ASP E 577 45.85 0.23 -26.84
N PHE E 578 44.59 -0.20 -26.69
CA PHE E 578 44.24 -1.33 -25.80
C PHE E 578 43.05 -2.12 -26.32
N PRO E 579 43.21 -2.82 -27.46
CA PRO E 579 42.14 -3.58 -28.11
C PRO E 579 41.49 -4.74 -27.32
N LYS E 580 42.17 -5.28 -26.33
CA LYS E 580 41.64 -6.42 -25.62
C LYS E 580 40.80 -6.01 -24.41
N ARG E 581 39.83 -6.84 -24.07
CA ARG E 581 39.13 -6.68 -22.82
C ARG E 581 40.02 -7.20 -21.71
N GLU E 582 40.21 -6.41 -20.66
CA GLU E 582 41.17 -6.73 -19.59
C GLU E 582 40.44 -7.22 -18.36
N ASP E 583 40.21 -8.53 -18.30
CA ASP E 583 39.45 -9.17 -17.21
C ASP E 583 40.37 -9.71 -16.11
N GLU E 584 39.78 -10.23 -15.04
CA GLU E 584 40.57 -10.86 -13.96
C GLU E 584 41.29 -12.12 -14.48
N TYR E 585 40.66 -12.85 -15.40
CA TYR E 585 41.34 -13.92 -16.15
C TYR E 585 41.50 -13.51 -17.60
N ASP E 586 42.13 -14.39 -18.38
CA ASP E 586 42.06 -14.32 -19.83
C ASP E 586 41.09 -15.41 -20.27
N TYR E 587 39.88 -15.01 -20.67
CA TYR E 587 38.84 -15.98 -21.01
C TYR E 587 38.88 -16.43 -22.48
N SER E 588 39.97 -16.17 -23.19
CA SER E 588 40.21 -16.83 -24.49
C SER E 588 40.94 -18.14 -24.28
N LYS E 589 41.43 -18.37 -23.06
CA LYS E 589 42.18 -19.57 -22.71
C LYS E 589 41.45 -20.33 -21.61
N PRO E 590 41.53 -21.68 -21.65
CA PRO E 590 41.01 -22.50 -20.55
C PRO E 590 41.33 -21.91 -19.17
N ILE E 591 40.34 -21.87 -18.29
CA ILE E 591 40.47 -21.17 -17.03
C ILE E 591 41.33 -21.99 -16.07
N GLU E 592 40.99 -23.27 -15.95
CA GLU E 592 41.75 -24.21 -15.10
C GLU E 592 43.25 -23.93 -15.14
N GLY E 593 43.85 -23.77 -13.97
CA GLY E 593 45.27 -23.56 -13.86
C GLY E 593 45.71 -22.20 -14.36
N GLN E 594 44.97 -21.16 -13.96
CA GLN E 594 45.37 -19.78 -14.23
C GLN E 594 45.56 -19.07 -12.90
N THR E 595 46.24 -17.93 -12.95
CA THR E 595 46.37 -17.05 -11.79
C THR E 595 45.49 -15.80 -11.98
N LYS E 596 44.60 -15.58 -11.03
CA LYS E 596 43.67 -14.46 -11.10
C LYS E 596 44.46 -13.16 -10.88
N ARG E 597 44.25 -12.19 -11.77
CA ARG E 597 44.84 -10.88 -11.61
C ARG E 597 44.17 -10.15 -10.45
N PRO E 598 44.93 -9.29 -9.77
CA PRO E 598 44.29 -8.54 -8.71
C PRO E 598 43.46 -7.38 -9.28
N PHE E 599 42.49 -6.94 -8.48
CA PHE E 599 41.57 -5.85 -8.82
C PHE E 599 42.26 -4.69 -9.53
N GLU E 600 43.36 -4.23 -8.93
CA GLU E 600 44.07 -3.02 -9.37
C GLU E 600 44.84 -3.18 -10.69
N LYS E 601 44.89 -4.40 -11.22
CA LYS E 601 45.66 -4.72 -12.42
C LYS E 601 44.76 -5.27 -13.54
N HIS E 602 43.46 -5.05 -13.44
CA HIS E 602 42.51 -5.40 -14.51
C HIS E 602 41.29 -4.49 -14.46
N TRP E 603 40.43 -4.60 -15.48
CA TRP E 603 39.43 -3.57 -15.76
C TRP E 603 37.94 -3.98 -15.69
N ARG E 604 37.62 -5.21 -15.28
CA ARG E 604 36.23 -5.57 -14.94
C ARG E 604 35.89 -4.97 -13.59
N LYS E 605 35.72 -3.65 -13.60
CA LYS E 605 35.33 -2.86 -12.44
C LYS E 605 34.66 -1.59 -12.93
N HIS E 606 33.76 -1.06 -12.12
CA HIS E 606 33.04 0.13 -12.48
C HIS E 606 33.90 1.35 -12.27
N THR E 607 33.89 2.27 -13.22
CA THR E 607 34.47 3.59 -12.98
C THR E 607 33.59 4.39 -12.02
N LEU E 608 34.19 5.08 -11.06
CA LEU E 608 33.47 6.05 -10.24
C LEU E 608 34.27 7.35 -10.27
N THR E 609 33.67 8.42 -10.81
CA THR E 609 34.32 9.74 -10.88
C THR E 609 33.69 10.67 -9.84
N LYS E 610 34.55 11.46 -9.21
CA LYS E 610 34.15 12.33 -8.09
C LYS E 610 34.62 13.74 -8.41
N GLN E 611 33.72 14.69 -8.55
CA GLN E 611 34.10 15.99 -9.05
C GLN E 611 33.76 17.11 -8.09
N ASP E 612 34.75 17.96 -7.84
CA ASP E 612 34.56 19.22 -7.14
C ASP E 612 33.76 20.16 -8.06
N PRO E 613 32.49 20.44 -7.70
CA PRO E 613 31.69 21.35 -8.54
C PRO E 613 32.30 22.73 -8.75
N ARG E 614 32.95 23.26 -7.71
CA ARG E 614 33.60 24.57 -7.77
C ARG E 614 34.89 24.59 -8.60
N THR E 615 35.80 23.66 -8.37
CA THR E 615 37.09 23.69 -9.08
C THR E 615 37.10 22.86 -10.35
N GLY E 616 36.17 21.91 -10.45
CA GLY E 616 36.13 20.97 -11.56
C GLY E 616 37.11 19.82 -11.42
N HIS E 617 37.73 19.65 -10.26
CA HIS E 617 38.72 18.59 -10.11
C HIS E 617 38.03 17.25 -9.86
N ILE E 618 38.42 16.25 -10.66
CA ILE E 618 37.85 14.89 -10.62
C ILE E 618 38.81 13.89 -10.00
N THR E 619 38.33 13.03 -9.10
CA THR E 619 39.14 11.88 -8.66
C THR E 619 38.50 10.58 -9.10
N LEU E 620 39.35 9.58 -9.38
CA LEU E 620 38.91 8.28 -9.85
C LEU E 620 38.98 7.22 -8.75
N ASP E 621 38.08 6.25 -8.82
CA ASP E 621 38.02 5.15 -7.87
C ASP E 621 37.17 4.07 -8.54
N TYR E 622 37.38 2.83 -8.16
CA TYR E 622 36.90 1.71 -8.95
C TYR E 622 36.24 0.65 -8.08
N ARG E 623 35.05 0.26 -8.48
CA ARG E 623 34.12 -0.49 -7.65
C ARG E 623 33.83 -1.82 -8.34
N PRO E 624 33.90 -2.94 -7.58
CA PRO E 624 33.80 -4.25 -8.22
C PRO E 624 32.41 -4.53 -8.76
N VAL E 625 32.38 -5.19 -9.91
CA VAL E 625 31.14 -5.67 -10.50
C VAL E 625 30.49 -6.68 -9.56
N ILE E 626 29.16 -6.69 -9.48
CA ILE E 626 28.45 -7.72 -8.74
C ILE E 626 28.20 -8.85 -9.73
N ASP E 627 28.78 -10.01 -9.48
CA ASP E 627 28.64 -11.16 -10.39
C ASP E 627 27.47 -12.09 -10.02
N LYS E 628 27.17 -12.17 -8.72
CA LYS E 628 26.10 -13.02 -8.23
C LYS E 628 24.74 -12.47 -8.64
N THR E 629 23.81 -13.38 -8.92
CA THR E 629 22.42 -13.01 -9.16
C THR E 629 21.79 -12.71 -7.80
N LEU E 630 20.47 -12.55 -7.78
CA LEU E 630 19.69 -12.46 -6.53
C LEU E 630 19.51 -13.81 -5.84
N ASP E 631 19.27 -14.85 -6.65
CA ASP E 631 18.98 -16.19 -6.11
C ASP E 631 19.47 -17.32 -7.02
N PRO E 632 20.57 -18.01 -6.63
CA PRO E 632 21.17 -19.05 -7.49
C PRO E 632 20.19 -20.15 -7.87
N ALA E 633 19.21 -20.38 -7.00
CA ALA E 633 18.10 -21.28 -7.29
C ALA E 633 17.40 -20.86 -8.56
N GLU E 634 16.99 -19.60 -8.62
CA GLU E 634 16.17 -19.11 -9.74
C GLU E 634 16.98 -19.13 -11.05
N VAL E 635 18.22 -18.64 -10.98
CA VAL E 635 19.15 -18.63 -12.11
C VAL E 635 20.63 -18.46 -11.67
N ASP E 636 21.53 -19.12 -12.41
CA ASP E 636 22.97 -19.06 -12.12
C ASP E 636 23.64 -17.96 -12.93
N TRP E 637 24.67 -17.36 -12.35
CA TRP E 637 25.37 -16.26 -12.98
C TRP E 637 26.17 -16.72 -14.19
N ILE E 638 26.12 -15.92 -15.25
CA ILE E 638 26.78 -16.27 -16.50
C ILE E 638 28.22 -15.76 -16.49
N PRO E 639 29.20 -16.69 -16.51
CA PRO E 639 30.57 -16.21 -16.43
C PRO E 639 31.10 -15.66 -17.77
N PRO E 640 32.09 -14.76 -17.70
CA PRO E 640 32.68 -14.10 -18.87
C PRO E 640 33.18 -15.05 -19.96
N ILE E 641 32.97 -14.66 -21.21
CA ILE E 641 33.55 -15.36 -22.36
C ILE E 641 33.92 -14.34 -23.43
N ILE E 642 34.58 -14.79 -24.48
CA ILE E 642 34.88 -13.91 -25.59
C ILE E 642 33.53 -13.46 -26.13
N ARG E 643 33.41 -12.16 -26.38
CA ARG E 643 32.15 -11.58 -26.80
C ARG E 643 32.13 -11.46 -28.32
N SER E 644 31.36 -12.31 -28.97
CA SER E 644 31.30 -12.35 -30.44
C SER E 644 29.85 -12.47 -30.95
N TYR E 645 29.55 -11.83 -32.07
CA TYR E 645 28.19 -11.86 -32.64
C TYR E 645 28.21 -12.36 -34.11
N LYS F 33 24.77 35.74 -50.40
CA LYS F 33 24.17 36.01 -49.04
C LYS F 33 22.62 36.03 -49.10
N ARG F 34 22.01 34.92 -48.70
CA ARG F 34 20.55 34.76 -48.73
C ARG F 34 20.02 35.06 -47.34
N ILE F 35 19.46 36.25 -47.15
CA ILE F 35 19.07 36.69 -45.82
C ILE F 35 17.56 36.63 -45.69
N LYS F 36 17.10 35.67 -44.87
CA LYS F 36 15.67 35.53 -44.59
C LYS F 36 15.30 36.39 -43.38
N THR F 37 14.13 36.99 -43.45
CA THR F 37 13.67 37.86 -42.40
C THR F 37 12.39 37.28 -41.78
N PHE F 38 12.43 37.12 -40.46
CA PHE F 38 11.34 36.57 -39.68
C PHE F 38 10.78 37.66 -38.79
N GLU F 39 9.45 37.75 -38.69
CA GLU F 39 8.78 38.66 -37.77
C GLU F 39 8.16 37.84 -36.67
N ILE F 40 8.67 38.05 -35.46
CA ILE F 40 8.34 37.21 -34.34
C ILE F 40 7.67 38.00 -33.23
N TYR F 41 6.50 37.50 -32.81
CA TYR F 41 5.75 38.06 -31.70
C TYR F 41 6.64 38.09 -30.47
N ARG F 42 6.76 39.26 -29.83
CA ARG F 42 7.47 39.37 -28.54
C ARG F 42 6.50 39.84 -27.47
N PHE F 43 6.68 39.33 -26.25
CA PHE F 43 5.97 39.85 -25.08
C PHE F 43 6.71 39.50 -23.80
N ASN F 44 7.22 40.52 -23.13
CA ASN F 44 7.93 40.38 -21.85
C ASN F 44 6.96 40.72 -20.72
N PRO F 45 6.62 39.73 -19.88
CA PRO F 45 5.66 39.98 -18.81
C PRO F 45 6.21 40.82 -17.66
N GLU F 46 7.53 41.02 -17.65
CA GLU F 46 8.18 41.73 -16.57
C GLU F 46 8.36 43.23 -16.82
N GLU F 47 8.66 43.64 -18.05
CA GLU F 47 8.75 45.08 -18.33
C GLU F 47 7.37 45.70 -18.03
N PRO F 48 7.35 46.99 -17.62
CA PRO F 48 6.18 47.56 -16.99
C PRO F 48 5.22 48.17 -18.02
N GLY F 49 3.92 47.89 -17.87
CA GLY F 49 2.89 48.35 -18.82
C GLY F 49 3.15 47.91 -20.26
N ALA F 50 3.67 46.69 -20.39
CA ALA F 50 4.22 46.22 -21.66
C ALA F 50 3.12 45.83 -22.64
N LYS F 51 3.48 45.81 -23.92
CA LYS F 51 2.56 45.44 -24.96
C LYS F 51 3.20 44.41 -25.89
N PRO F 52 2.40 43.49 -26.43
CA PRO F 52 2.83 42.60 -27.51
C PRO F 52 3.32 43.38 -28.71
N LYS F 53 4.43 42.94 -29.30
CA LYS F 53 4.95 43.55 -30.52
C LYS F 53 5.58 42.52 -31.44
N LEU F 54 5.67 42.86 -32.72
CA LEU F 54 6.50 42.14 -33.66
C LEU F 54 7.94 42.68 -33.63
N GLN F 55 8.92 41.79 -33.79
CA GLN F 55 10.34 42.15 -33.97
C GLN F 55 10.85 41.46 -35.24
N LYS F 56 11.52 42.19 -36.12
CA LYS F 56 12.12 41.59 -37.30
C LYS F 56 13.45 41.02 -36.89
N PHE F 57 13.76 39.83 -37.39
CA PHE F 57 15.10 39.25 -37.26
C PHE F 57 15.57 38.79 -38.63
N ASP F 58 16.86 38.92 -38.87
CA ASP F 58 17.46 38.47 -40.12
C ASP F 58 18.37 37.29 -39.84
N VAL F 59 18.27 36.28 -40.71
CA VAL F 59 19.06 35.08 -40.58
C VAL F 59 19.61 34.72 -41.94
N ASP F 60 20.91 34.45 -41.97
CA ASP F 60 21.59 34.02 -43.19
C ASP F 60 21.37 32.49 -43.39
N LEU F 61 20.45 32.14 -44.28
CA LEU F 61 20.05 30.75 -44.49
C LEU F 61 21.16 29.75 -44.79
N ASP F 62 22.29 30.20 -45.32
CA ASP F 62 23.42 29.30 -45.55
C ASP F 62 24.20 28.98 -44.26
N LYS F 63 23.93 29.71 -43.19
CA LYS F 63 24.47 29.41 -41.86
C LYS F 63 23.37 28.86 -40.94
N CYS F 64 22.38 28.16 -41.49
CA CYS F 64 21.22 27.74 -40.70
C CYS F 64 20.54 26.48 -41.22
N GLY F 65 19.99 25.71 -40.30
CA GLY F 65 19.26 24.50 -40.62
C GLY F 65 18.06 24.78 -41.49
N THR F 66 17.50 23.72 -42.04
CA THR F 66 16.39 23.83 -42.97
C THR F 66 15.06 24.18 -42.25
N MET F 67 14.88 23.80 -40.99
CA MET F 67 13.58 23.98 -40.29
C MET F 67 13.44 25.29 -39.51
N VAL F 68 12.21 25.73 -39.29
CA VAL F 68 12.00 26.99 -38.58
C VAL F 68 12.59 26.98 -37.18
N LEU F 69 12.43 25.87 -36.47
CA LEU F 69 12.98 25.79 -35.13
C LEU F 69 14.45 26.16 -35.18
N ASP F 70 15.15 25.63 -36.17
CA ASP F 70 16.57 25.95 -36.35
C ASP F 70 16.77 27.47 -36.35
N ALA F 71 15.99 28.21 -37.13
CA ALA F 71 16.12 29.67 -37.17
C ALA F 71 15.89 30.27 -35.78
N LEU F 72 14.77 29.90 -35.17
CA LEU F 72 14.50 30.31 -33.78
C LEU F 72 15.69 30.09 -32.84
N ILE F 73 16.38 28.95 -32.98
CA ILE F 73 17.53 28.64 -32.11
C ILE F 73 18.80 29.46 -32.47
N LYS F 74 19.00 29.75 -33.75
CA LYS F 74 20.15 30.53 -34.20
C LYS F 74 20.04 31.96 -33.68
N ILE F 75 18.88 32.56 -33.93
CA ILE F 75 18.54 33.86 -33.41
C ILE F 75 18.79 33.88 -31.90
N LYS F 76 18.24 32.90 -31.19
CA LYS F 76 18.42 32.86 -29.74
C LYS F 76 19.89 32.72 -29.36
N ASN F 77 20.61 31.87 -30.08
CA ASN F 77 22.01 31.62 -29.76
C ASN F 77 22.92 32.81 -30.09
N GLU F 78 22.67 33.47 -31.21
CA GLU F 78 23.61 34.44 -31.76
C GLU F 78 23.08 35.88 -31.67
N VAL F 79 21.87 36.11 -32.19
CA VAL F 79 21.25 37.43 -32.14
C VAL F 79 20.69 37.79 -30.73
N ASP F 80 19.58 37.20 -30.33
CA ASP F 80 18.87 37.59 -29.08
C ASP F 80 18.52 36.38 -28.19
N PRO F 81 19.28 36.17 -27.11
CA PRO F 81 18.98 35.09 -26.18
C PRO F 81 17.75 35.28 -25.29
N THR F 82 17.10 36.45 -25.35
CA THR F 82 15.87 36.71 -24.60
C THR F 82 14.61 36.23 -25.33
N LEU F 83 14.76 35.90 -26.62
CA LEU F 83 13.69 35.25 -27.38
C LEU F 83 13.38 33.90 -26.72
N THR F 84 12.08 33.61 -26.55
CA THR F 84 11.67 32.47 -25.74
C THR F 84 10.59 31.61 -26.45
N PHE F 85 10.87 30.30 -26.53
CA PHE F 85 9.98 29.33 -27.16
C PHE F 85 10.17 27.97 -26.49
N ARG F 86 9.16 27.12 -26.53
CA ARG F 86 9.34 25.72 -26.11
C ARG F 86 9.86 24.89 -27.27
N ARG F 87 10.65 23.86 -26.94
CA ARG F 87 11.14 22.86 -27.90
C ARG F 87 11.84 21.72 -27.16
N SER F 88 11.89 20.53 -27.73
CA SER F 88 12.65 19.45 -27.11
C SER F 88 13.16 18.38 -28.08
N CYS F 89 12.26 17.58 -28.70
CA CYS F 89 12.56 16.60 -29.75
C CYS F 89 13.29 17.31 -30.89
N ARG F 90 13.73 16.59 -31.89
CA ARG F 90 14.24 17.25 -33.07
C ARG F 90 13.48 16.83 -34.30
N GLU F 91 12.46 16.04 -34.09
CA GLU F 91 11.81 15.29 -35.18
C GLU F 91 10.29 15.24 -35.19
N GLY F 92 9.62 16.14 -34.50
CA GLY F 92 8.16 16.24 -34.54
C GLY F 92 7.38 15.26 -33.68
N ILE F 93 7.96 14.75 -32.60
CA ILE F 93 7.26 13.73 -31.79
C ILE F 93 6.84 14.23 -30.40
N CYS F 94 7.59 15.15 -29.80
CA CYS F 94 7.31 15.60 -28.42
C CYS F 94 6.06 16.47 -28.32
N GLY F 95 5.89 17.35 -29.30
CA GLY F 95 4.71 18.23 -29.42
C GLY F 95 4.90 19.63 -28.82
N SER F 96 6.09 19.95 -28.34
CA SER F 96 6.24 21.18 -27.55
C SER F 96 6.42 22.48 -28.36
N CYS F 97 6.97 22.40 -29.57
CA CYS F 97 7.26 23.61 -30.31
C CYS F 97 6.11 24.08 -31.22
N ALA F 98 4.88 23.92 -30.74
CA ALA F 98 3.71 24.26 -31.55
C ALA F 98 3.47 25.76 -31.54
N MET F 99 3.22 26.33 -32.71
CA MET F 99 3.06 27.78 -32.85
C MET F 99 2.45 28.09 -34.22
N ASN F 100 2.18 29.36 -34.49
CA ASN F 100 1.56 29.75 -35.77
C ASN F 100 2.59 30.33 -36.71
N ILE F 101 3.00 29.54 -37.71
CA ILE F 101 4.00 29.99 -38.69
C ILE F 101 3.35 30.24 -40.06
N ALA F 102 3.65 31.41 -40.65
CA ALA F 102 3.06 31.79 -41.94
C ALA F 102 1.55 31.64 -41.96
N GLY F 103 0.92 31.97 -40.84
CA GLY F 103 -0.55 31.93 -40.72
C GLY F 103 -1.16 30.61 -40.28
N GLU F 104 -0.33 29.58 -40.10
CA GLU F 104 -0.85 28.24 -39.82
C GLU F 104 -0.24 27.60 -38.58
N ASN F 105 -1.05 26.87 -37.79
CA ASN F 105 -0.53 26.17 -36.60
C ASN F 105 0.21 24.94 -37.03
N THR F 106 1.40 24.75 -36.47
CA THR F 106 2.28 23.65 -36.88
C THR F 106 3.45 23.51 -35.88
N LEU F 107 4.29 22.51 -36.10
CA LEU F 107 5.46 22.33 -35.25
C LEU F 107 6.64 22.93 -35.98
N ALA F 108 7.38 23.80 -35.31
CA ALA F 108 8.48 24.50 -35.94
C ALA F 108 9.63 23.55 -36.29
N CYS F 109 9.74 22.44 -35.55
CA CYS F 109 10.85 21.51 -35.74
C CYS F 109 10.72 20.75 -37.04
N ILE F 110 9.49 20.54 -37.52
CA ILE F 110 9.27 19.89 -38.83
C ILE F 110 8.65 20.79 -39.90
N CYS F 111 8.78 22.10 -39.76
CA CYS F 111 8.25 23.01 -40.76
C CYS F 111 9.40 23.64 -41.50
N ASN F 112 9.38 23.55 -42.82
CA ASN F 112 10.45 24.10 -43.65
C ASN F 112 10.48 25.63 -43.71
N ILE F 113 11.67 26.19 -43.52
CA ILE F 113 11.88 27.61 -43.73
C ILE F 113 11.53 27.89 -45.17
N ASP F 114 10.74 28.94 -45.41
CA ASP F 114 10.45 29.35 -46.79
C ASP F 114 11.67 30.08 -47.35
N GLN F 115 12.34 29.44 -48.30
CA GLN F 115 13.66 29.92 -48.76
C GLN F 115 13.54 31.14 -49.67
N ASN F 116 12.32 31.43 -50.11
CA ASN F 116 12.02 32.67 -50.80
C ASN F 116 12.23 33.89 -49.89
N THR F 117 13.33 34.62 -50.06
CA THR F 117 13.67 35.70 -49.11
C THR F 117 13.04 37.07 -49.39
N SER F 118 12.30 37.17 -50.48
CA SER F 118 11.43 38.33 -50.72
C SER F 118 10.24 38.32 -49.76
N LYS F 119 9.64 37.14 -49.58
CA LYS F 119 8.58 36.94 -48.60
C LYS F 119 9.20 36.93 -47.21
N THR F 120 8.42 37.39 -46.21
CA THR F 120 8.87 37.43 -44.82
C THR F 120 7.93 36.59 -43.90
N THR F 121 8.48 35.56 -43.24
CA THR F 121 7.70 34.63 -42.39
C THR F 121 7.30 35.25 -41.04
N LYS F 122 5.99 35.35 -40.80
CA LYS F 122 5.46 35.78 -39.51
C LYS F 122 5.24 34.58 -38.59
N ILE F 123 5.76 34.68 -37.37
CA ILE F 123 5.64 33.64 -36.36
C ILE F 123 4.92 34.17 -35.10
N TYR F 124 3.78 33.57 -34.79
CA TYR F 124 2.98 33.91 -33.62
C TYR F 124 2.82 32.71 -32.67
N PRO F 125 2.43 32.96 -31.40
CA PRO F 125 2.10 31.87 -30.48
C PRO F 125 0.82 31.16 -30.93
N LEU F 126 0.45 30.09 -30.25
CA LEU F 126 -0.80 29.39 -30.57
C LEU F 126 -1.95 30.36 -30.41
N PRO F 127 -2.82 30.43 -31.42
CA PRO F 127 -3.85 31.43 -31.36
C PRO F 127 -4.73 31.37 -30.12
N HIS F 128 -5.07 32.55 -29.64
CA HIS F 128 -6.08 32.73 -28.61
C HIS F 128 -5.73 32.11 -27.26
N MET F 129 -4.46 31.81 -27.02
CA MET F 129 -4.05 31.38 -25.70
C MET F 129 -3.43 32.55 -24.97
N PHE F 130 -3.73 32.64 -23.68
CA PHE F 130 -3.05 33.59 -22.81
C PHE F 130 -1.57 33.29 -22.89
N VAL F 131 -0.77 34.30 -23.22
CA VAL F 131 0.66 34.09 -23.41
C VAL F 131 1.42 34.48 -22.15
N ILE F 132 2.42 33.68 -21.83
CA ILE F 132 3.29 33.94 -20.74
C ILE F 132 4.46 34.80 -21.18
N LYS F 133 5.06 34.49 -22.31
CA LYS F 133 6.19 35.24 -22.75
C LYS F 133 6.50 34.85 -24.16
N ASP F 134 6.73 35.82 -25.00
CA ASP F 134 7.08 35.55 -26.37
C ASP F 134 6.20 34.50 -26.96
N LEU F 135 6.74 33.34 -27.29
CA LEU F 135 5.95 32.33 -27.97
C LEU F 135 5.53 31.18 -27.10
N VAL F 136 5.50 31.42 -25.80
CA VAL F 136 5.09 30.44 -24.81
C VAL F 136 3.70 30.74 -24.28
N PRO F 137 2.72 29.95 -24.65
CA PRO F 137 1.38 30.12 -24.09
C PRO F 137 1.11 29.32 -22.82
N ASP F 138 0.11 29.74 -22.04
CA ASP F 138 -0.33 28.97 -20.89
C ASP F 138 -1.19 27.84 -21.41
N MET F 139 -0.84 26.64 -20.99
CA MET F 139 -1.26 25.42 -21.65
C MET F 139 -2.08 24.56 -20.71
N ASN F 140 -2.40 25.09 -19.54
CA ASN F 140 -2.90 24.28 -18.45
C ASN F 140 -4.38 23.95 -18.53
N LEU F 141 -5.15 24.72 -19.29
CA LEU F 141 -6.55 24.37 -19.48
C LEU F 141 -6.58 23.16 -20.38
N PHE F 142 -5.77 23.22 -21.43
CA PHE F 142 -5.58 22.12 -22.35
C PHE F 142 -5.29 20.83 -21.58
N TYR F 143 -4.42 20.90 -20.59
CA TYR F 143 -4.02 19.71 -19.85
C TYR F 143 -5.11 19.24 -18.88
N ALA F 144 -5.79 20.18 -18.24
CA ALA F 144 -6.93 19.85 -17.40
C ALA F 144 -8.01 19.11 -18.20
N GLN F 145 -8.37 19.68 -19.35
CA GLN F 145 -9.45 19.14 -20.19
C GLN F 145 -9.18 17.69 -20.61
N TYR F 146 -7.92 17.43 -20.98
CA TYR F 146 -7.46 16.07 -21.30
C TYR F 146 -7.56 15.16 -20.09
N ALA F 147 -7.12 15.65 -18.93
CA ALA F 147 -7.33 14.86 -17.70
C ALA F 147 -8.81 14.51 -17.51
N SER F 148 -9.70 15.39 -17.99
CA SER F 148 -11.14 15.26 -17.75
C SER F 148 -11.82 14.08 -18.47
N ILE F 149 -11.19 13.57 -19.53
CA ILE F 149 -11.70 12.41 -20.24
C ILE F 149 -11.31 11.08 -19.55
N GLN F 150 -10.49 11.14 -18.51
CA GLN F 150 -10.00 9.95 -17.82
C GLN F 150 -9.21 9.03 -18.75
N PRO F 151 -8.02 9.49 -19.20
CA PRO F 151 -7.29 8.85 -20.28
C PRO F 151 -6.48 7.62 -19.86
N TRP F 152 -7.10 6.75 -19.06
CA TRP F 152 -6.51 5.47 -18.69
C TRP F 152 -7.49 4.37 -19.05
N LEU F 153 -7.04 3.12 -19.09
CA LEU F 153 -7.95 2.01 -19.41
C LEU F 153 -8.82 1.69 -18.19
N GLN F 154 -10.11 1.44 -18.45
CA GLN F 154 -11.10 1.17 -17.40
C GLN F 154 -11.85 -0.14 -17.64
N LYS F 155 -12.05 -0.90 -16.59
CA LYS F 155 -12.73 -2.20 -16.70
C LYS F 155 -13.82 -2.40 -15.63
N LYS F 156 -14.99 -2.94 -16.03
CA LYS F 156 -16.06 -3.18 -15.07
C LYS F 156 -15.78 -4.44 -14.23
N THR F 157 -15.11 -5.44 -14.82
CA THR F 157 -14.71 -6.68 -14.14
C THR F 157 -13.25 -6.62 -13.72
N LYS F 158 -13.00 -6.35 -12.43
CA LYS F 158 -11.63 -6.05 -11.96
C LYS F 158 -10.60 -7.12 -12.33
N ILE F 159 -9.61 -6.71 -13.11
CA ILE F 159 -8.58 -7.63 -13.61
C ILE F 159 -7.44 -7.69 -12.56
N ASN F 160 -6.58 -8.69 -12.71
CA ASN F 160 -5.39 -8.81 -11.88
C ASN F 160 -4.17 -8.29 -12.67
N LEU F 161 -3.50 -7.30 -12.10
CA LEU F 161 -2.72 -6.37 -12.90
C LEU F 161 -1.56 -6.96 -13.68
N GLY F 162 -0.68 -7.68 -13.02
CA GLY F 162 0.41 -8.31 -13.75
C GLY F 162 -0.06 -9.40 -14.71
N GLU F 163 -1.05 -10.15 -14.26
CA GLU F 163 -1.25 -11.56 -14.62
C GLU F 163 -1.23 -11.91 -16.09
N LYS F 164 -1.95 -11.17 -16.93
CA LYS F 164 -2.06 -11.54 -18.34
C LYS F 164 -2.57 -10.47 -19.30
N GLN F 165 -2.30 -10.70 -20.56
CA GLN F 165 -2.72 -9.82 -21.62
C GLN F 165 -4.21 -9.91 -21.86
N GLN F 166 -4.85 -8.75 -21.95
CA GLN F 166 -6.19 -8.66 -22.50
C GLN F 166 -6.16 -8.91 -23.99
N TYR F 167 -7.05 -9.78 -24.47
CA TYR F 167 -7.18 -10.06 -25.89
C TYR F 167 -7.62 -8.81 -26.68
N GLN F 168 -7.13 -8.68 -27.91
CA GLN F 168 -7.68 -7.72 -28.83
C GLN F 168 -7.28 -8.09 -30.25
N SER F 169 -8.25 -8.14 -31.15
CA SER F 169 -7.98 -8.52 -32.52
C SER F 169 -7.16 -7.42 -33.24
N ILE F 170 -6.37 -7.83 -34.21
CA ILE F 170 -5.67 -6.89 -35.07
C ILE F 170 -6.61 -5.82 -35.59
N LYS F 171 -7.80 -6.23 -36.00
CA LYS F 171 -8.77 -5.30 -36.63
C LYS F 171 -9.25 -4.25 -35.63
N GLU F 172 -9.40 -4.71 -34.37
CA GLU F 172 -9.98 -3.90 -33.31
C GLU F 172 -8.99 -2.85 -32.86
N GLN F 173 -7.72 -3.23 -32.75
CA GLN F 173 -6.67 -2.26 -32.39
C GLN F 173 -6.30 -1.36 -33.58
N GLU F 174 -6.45 -1.83 -34.82
CA GLU F 174 -6.33 -0.94 -35.99
C GLU F 174 -7.36 0.21 -35.98
N LYS F 175 -8.36 0.15 -35.08
CA LYS F 175 -9.30 1.28 -34.88
C LYS F 175 -8.62 2.43 -34.16
N LEU F 176 -7.72 2.08 -33.26
CA LEU F 176 -6.84 3.04 -32.63
C LEU F 176 -5.90 3.75 -33.62
N ASP F 177 -5.76 3.25 -34.85
CA ASP F 177 -4.89 3.90 -35.82
C ASP F 177 -5.47 5.24 -36.29
N GLY F 178 -4.63 6.27 -36.29
CA GLY F 178 -5.06 7.65 -36.52
C GLY F 178 -5.46 8.40 -35.25
N LEU F 179 -5.59 7.67 -34.15
CA LEU F 179 -6.02 8.21 -32.87
C LEU F 179 -4.88 8.31 -31.81
N TYR F 180 -4.11 7.24 -31.67
CA TYR F 180 -3.10 7.17 -30.61
C TYR F 180 -1.85 7.99 -30.93
N GLU F 181 -1.63 8.30 -32.21
CA GLU F 181 -0.42 9.02 -32.63
C GLU F 181 -0.37 10.48 -32.19
N CYS F 182 -1.46 10.97 -31.61
CA CYS F 182 -1.53 12.35 -31.15
C CYS F 182 -0.40 12.69 -30.19
N ILE F 183 0.26 13.82 -30.44
CA ILE F 183 1.40 14.25 -29.62
C ILE F 183 1.00 15.34 -28.63
N LEU F 184 -0.30 15.59 -28.54
CA LEU F 184 -0.84 16.57 -27.62
C LEU F 184 -0.18 17.94 -27.78
N CYS F 185 -0.08 18.43 -29.03
CA CYS F 185 0.61 19.68 -29.34
C CYS F 185 -0.29 20.89 -29.37
N ALA F 186 -1.61 20.67 -29.42
CA ALA F 186 -2.63 21.73 -29.44
C ALA F 186 -2.76 22.57 -30.72
N CYS F 187 -2.09 22.21 -31.81
CA CYS F 187 -2.24 22.99 -33.06
C CYS F 187 -3.67 23.04 -33.54
N CYS F 188 -4.41 21.96 -33.29
CA CYS F 188 -5.76 21.79 -33.82
C CYS F 188 -6.77 22.62 -33.03
N SER F 189 -6.79 22.45 -31.72
CA SER F 189 -7.70 23.24 -30.88
C SER F 189 -7.40 24.75 -30.95
N ALA F 190 -6.11 25.10 -31.12
CA ALA F 190 -5.70 26.50 -31.25
C ALA F 190 -6.00 27.07 -32.63
N SER F 191 -6.63 26.27 -33.49
CA SER F 191 -7.09 26.75 -34.79
C SER F 191 -8.62 26.70 -34.89
N CYS F 192 -9.28 26.11 -33.89
CA CYS F 192 -10.72 25.93 -33.90
C CYS F 192 -11.46 27.12 -33.29
N PRO F 193 -12.13 27.93 -34.14
CA PRO F 193 -12.82 29.10 -33.65
C PRO F 193 -13.87 28.83 -32.58
N SER F 194 -14.51 27.67 -32.67
CA SER F 194 -15.41 27.23 -31.61
C SER F 194 -14.68 27.23 -30.26
N TYR F 195 -13.42 26.81 -30.26
CA TYR F 195 -12.61 26.69 -29.04
C TYR F 195 -11.99 28.02 -28.65
N TRP F 196 -11.76 28.91 -29.62
CA TRP F 196 -11.34 30.28 -29.37
C TRP F 196 -12.32 31.07 -28.49
N TRP F 197 -13.61 30.89 -28.75
CA TRP F 197 -14.65 31.63 -28.04
C TRP F 197 -15.07 30.94 -26.74
N ASN F 198 -15.13 29.61 -26.71
CA ASN F 198 -15.56 28.93 -25.48
C ASN F 198 -14.71 27.75 -25.07
N ALA F 199 -13.39 27.98 -24.99
CA ALA F 199 -12.48 26.99 -24.43
C ALA F 199 -12.95 26.51 -23.05
N ASP F 200 -13.67 27.33 -22.30
CA ASP F 200 -14.03 26.93 -20.94
C ASP F 200 -15.09 25.82 -20.96
N LYS F 201 -15.83 25.70 -22.06
CA LYS F 201 -16.93 24.74 -22.14
C LYS F 201 -16.82 23.71 -23.28
N TYR F 202 -16.37 24.14 -24.46
CA TYR F 202 -16.01 23.19 -25.54
C TYR F 202 -14.67 22.55 -25.21
N LEU F 203 -14.57 21.23 -25.29
CA LEU F 203 -13.31 20.54 -25.05
C LEU F 203 -12.29 20.73 -26.20
N GLY F 204 -12.79 21.06 -27.38
CA GLY F 204 -11.94 21.21 -28.54
C GLY F 204 -11.48 19.89 -29.15
N PRO F 205 -10.95 19.94 -30.38
CA PRO F 205 -10.65 18.74 -31.15
C PRO F 205 -9.67 17.76 -30.49
N ALA F 206 -8.49 18.23 -30.09
CA ALA F 206 -7.49 17.34 -29.52
C ALA F 206 -8.09 16.48 -28.41
N VAL F 207 -8.77 17.11 -27.46
CA VAL F 207 -9.35 16.35 -26.34
C VAL F 207 -10.51 15.42 -26.79
N LEU F 208 -11.35 15.88 -27.71
CA LEU F 208 -12.46 15.05 -28.18
C LEU F 208 -11.94 13.78 -28.87
N MET F 209 -10.94 13.92 -29.72
CA MET F 209 -10.35 12.76 -30.39
C MET F 209 -9.73 11.80 -29.39
N GLN F 210 -9.16 12.29 -28.30
CA GLN F 210 -8.64 11.37 -27.28
C GLN F 210 -9.78 10.76 -26.48
N ALA F 211 -10.88 11.48 -26.34
CA ALA F 211 -12.05 10.90 -25.71
C ALA F 211 -12.51 9.74 -26.58
N TYR F 212 -12.49 9.97 -27.90
CA TYR F 212 -12.88 8.94 -28.86
C TYR F 212 -11.94 7.74 -28.87
N ARG F 213 -10.64 8.01 -28.87
CA ARG F 213 -9.61 6.97 -28.76
C ARG F 213 -9.91 5.98 -27.65
N TRP F 214 -10.45 6.46 -26.53
CA TRP F 214 -10.77 5.58 -25.40
C TRP F 214 -12.17 4.97 -25.52
N ILE F 215 -13.05 5.64 -26.25
CA ILE F 215 -14.40 5.12 -26.46
C ILE F 215 -14.37 3.85 -27.32
N ILE F 216 -13.75 3.89 -28.51
CA ILE F 216 -13.68 2.69 -29.39
C ILE F 216 -12.57 1.70 -29.08
N ASP F 217 -11.92 1.80 -27.93
CA ASP F 217 -10.93 0.78 -27.54
C ASP F 217 -11.70 -0.44 -27.10
N SER F 218 -11.66 -1.48 -27.94
CA SER F 218 -12.40 -2.74 -27.67
C SER F 218 -12.29 -3.18 -26.21
N ARG F 219 -11.16 -2.89 -25.58
CA ARG F 219 -10.84 -3.39 -24.26
C ARG F 219 -11.37 -2.53 -23.14
N ASP F 220 -11.95 -1.37 -23.48
CA ASP F 220 -12.41 -0.44 -22.45
C ASP F 220 -13.90 -0.61 -22.22
N ASP F 221 -14.28 -0.93 -20.99
CA ASP F 221 -15.70 -1.19 -20.67
C ASP F 221 -16.58 0.04 -20.39
N SER F 222 -16.04 1.25 -20.53
CA SER F 222 -16.71 2.43 -19.99
C SER F 222 -17.24 3.41 -21.02
N ALA F 223 -17.56 2.94 -22.21
CA ALA F 223 -17.99 3.83 -23.27
C ALA F 223 -19.21 4.66 -22.90
N ALA F 224 -20.09 4.09 -22.07
CA ALA F 224 -21.31 4.80 -21.65
C ALA F 224 -20.97 5.97 -20.73
N GLU F 225 -20.20 5.72 -19.68
CA GLU F 225 -19.82 6.80 -18.75
C GLU F 225 -19.04 7.91 -19.48
N ARG F 226 -18.21 7.50 -20.42
CA ARG F 226 -17.36 8.38 -21.21
C ARG F 226 -18.18 9.27 -22.09
N LEU F 227 -19.17 8.69 -22.76
CA LEU F 227 -20.07 9.47 -23.60
C LEU F 227 -20.94 10.39 -22.76
N ALA F 228 -21.17 10.01 -21.50
CA ALA F 228 -22.03 10.78 -20.60
C ALA F 228 -21.35 12.07 -20.15
N ARG F 229 -20.04 12.02 -19.93
CA ARG F 229 -19.25 13.21 -19.61
C ARG F 229 -19.33 14.30 -20.66
N MET F 230 -19.88 13.99 -21.84
CA MET F 230 -20.12 15.03 -22.85
C MET F 230 -21.51 15.01 -23.49
N GLN F 231 -22.54 14.75 -22.67
CA GLN F 231 -23.95 14.81 -23.10
C GLN F 231 -24.46 16.24 -23.34
N ASP F 232 -23.89 17.23 -22.66
CA ASP F 232 -24.40 18.60 -22.72
C ASP F 232 -24.24 19.24 -24.10
N GLY F 233 -24.67 20.50 -24.21
CA GLY F 233 -24.72 21.17 -25.50
C GLY F 233 -23.42 21.85 -25.87
N PHE F 234 -22.40 21.67 -25.04
CA PHE F 234 -21.13 22.34 -25.24
C PHE F 234 -19.94 21.41 -25.50
N SER F 235 -19.64 20.51 -24.56
CA SER F 235 -18.38 19.73 -24.55
C SER F 235 -17.96 19.18 -25.89
N ALA F 236 -18.86 18.46 -26.57
CA ALA F 236 -18.58 18.06 -27.94
C ALA F 236 -19.51 18.79 -28.92
N PHE F 237 -20.75 19.04 -28.53
CA PHE F 237 -21.72 19.56 -29.47
C PHE F 237 -21.49 21.00 -29.93
N LYS F 238 -20.43 21.65 -29.44
CA LYS F 238 -20.09 22.93 -30.03
C LYS F 238 -19.15 22.86 -31.23
N CYS F 239 -18.87 21.65 -31.72
CA CYS F 239 -18.16 21.52 -32.99
C CYS F 239 -19.10 21.87 -34.12
N HIS F 240 -18.90 23.04 -34.72
CA HIS F 240 -19.62 23.46 -35.90
C HIS F 240 -18.92 23.03 -37.19
N THR F 241 -18.24 21.87 -37.17
CA THR F 241 -17.64 21.31 -38.38
C THR F 241 -16.88 22.36 -39.24
N ILE F 242 -16.01 23.12 -38.60
CA ILE F 242 -15.26 24.16 -39.30
C ILE F 242 -14.09 23.57 -40.07
N MET F 243 -13.61 22.40 -39.62
CA MET F 243 -12.59 21.61 -40.33
C MET F 243 -11.16 22.21 -40.36
N ASN F 244 -10.87 23.18 -39.49
CA ASN F 244 -9.49 23.64 -39.38
C ASN F 244 -8.59 22.58 -38.73
N CYS F 245 -9.11 21.87 -37.73
CA CYS F 245 -8.32 20.89 -36.97
C CYS F 245 -7.62 19.89 -37.88
N THR F 246 -8.45 19.13 -38.60
CA THR F 246 -7.98 18.16 -39.58
C THR F 246 -7.10 18.81 -40.63
N LYS F 247 -7.43 20.02 -41.02
CA LYS F 247 -6.62 20.74 -41.99
C LYS F 247 -5.24 21.06 -41.44
N THR F 248 -5.13 21.40 -40.16
CA THR F 248 -3.88 21.94 -39.57
C THR F 248 -2.96 20.90 -38.92
N CYS F 249 -3.47 19.71 -38.65
CA CYS F 249 -2.74 18.76 -37.81
C CYS F 249 -1.40 18.35 -38.42
N PRO F 250 -0.29 18.66 -37.75
CA PRO F 250 1.02 18.34 -38.31
C PRO F 250 1.38 16.83 -38.30
N LYS F 251 0.49 16.00 -37.75
CA LYS F 251 0.65 14.57 -37.81
C LYS F 251 -0.35 13.97 -38.80
N HIS F 252 -1.01 14.82 -39.56
CA HIS F 252 -1.97 14.37 -40.56
C HIS F 252 -3.08 13.47 -39.94
N LEU F 253 -3.51 13.77 -38.72
CA LEU F 253 -4.62 13.05 -38.10
C LEU F 253 -5.93 13.78 -38.35
N ASN F 254 -7.04 13.21 -37.88
CA ASN F 254 -8.37 13.71 -38.26
C ASN F 254 -9.31 13.83 -37.07
N PRO F 255 -9.15 14.90 -36.28
CA PRO F 255 -10.03 15.13 -35.16
C PRO F 255 -11.48 15.35 -35.57
N ALA F 256 -11.70 15.92 -36.76
CA ALA F 256 -13.04 16.20 -37.24
C ALA F 256 -13.84 14.93 -37.42
N ARG F 257 -13.21 13.91 -38.00
CA ARG F 257 -13.88 12.61 -38.17
C ARG F 257 -14.16 11.97 -36.81
N ALA F 258 -13.25 12.13 -35.84
CA ALA F 258 -13.43 11.50 -34.53
C ALA F 258 -14.59 12.11 -33.78
N ILE F 259 -14.78 13.40 -33.98
CA ILE F 259 -15.88 14.15 -33.37
C ILE F 259 -17.17 13.68 -34.00
N GLY F 260 -17.20 13.66 -35.32
CA GLY F 260 -18.35 13.16 -36.06
C GLY F 260 -18.83 11.84 -35.49
N GLU F 261 -17.88 10.94 -35.21
CA GLU F 261 -18.19 9.63 -34.68
C GLU F 261 -18.73 9.72 -33.25
N ILE F 262 -18.19 10.65 -32.48
CA ILE F 262 -18.68 10.95 -31.14
C ILE F 262 -20.12 11.46 -31.21
N LYS F 263 -20.40 12.25 -32.24
CA LYS F 263 -21.71 12.82 -32.44
C LYS F 263 -22.74 11.72 -32.72
N MET F 264 -22.43 10.85 -33.69
CA MET F 264 -23.27 9.67 -33.97
C MET F 264 -23.47 8.86 -32.70
N LEU F 265 -22.44 8.72 -31.89
CA LEU F 265 -22.56 7.95 -30.65
C LEU F 265 -23.45 8.64 -29.61
N LEU F 266 -23.31 9.95 -29.48
CA LEU F 266 -24.12 10.69 -28.51
C LEU F 266 -25.58 10.70 -28.93
N THR F 267 -25.82 10.88 -30.23
CA THR F 267 -27.19 10.84 -30.77
C THR F 267 -27.74 9.42 -30.98
N LYS F 268 -27.03 8.43 -30.44
CA LYS F 268 -27.43 7.02 -30.51
C LYS F 268 -27.64 6.50 -31.94
N MET F 269 -27.30 7.30 -32.96
CA MET F 269 -27.35 6.87 -34.36
C MET F 269 -26.39 5.71 -34.63
N LYS F 270 -25.44 5.48 -33.72
CA LYS F 270 -24.53 4.34 -33.77
C LYS F 270 -24.29 3.83 -32.36
N THR F 271 -23.73 2.63 -32.28
CA THR F 271 -23.19 2.15 -31.01
C THR F 271 -21.84 1.46 -31.20
N LYS F 272 -21.07 1.45 -30.13
CA LYS F 272 -19.79 0.81 -30.15
C LYS F 272 -20.14 -0.65 -30.24
N PRO F 273 -19.54 -1.38 -31.20
CA PRO F 273 -19.74 -2.83 -31.20
C PRO F 273 -19.39 -3.46 -29.86
N ALA F 274 -19.56 -4.76 -29.75
CA ALA F 274 -19.08 -5.48 -28.57
C ALA F 274 -17.66 -5.97 -28.85
N PRO F 275 -16.89 -6.24 -27.78
CA PRO F 275 -15.53 -6.79 -27.96
C PRO F 275 -15.56 -8.20 -28.57
N LEU F 276 -14.91 -8.41 -29.72
CA LEU F 276 -14.78 -9.76 -30.28
C LEU F 276 -14.22 -10.64 -29.17
N PRO F 277 -14.77 -11.87 -29.02
CA PRO F 277 -14.69 -12.59 -27.75
C PRO F 277 -13.37 -13.31 -27.56
N THR F 278 -12.89 -13.31 -26.32
CA THR F 278 -11.52 -13.76 -26.06
C THR F 278 -11.46 -15.28 -26.22
N PRO F 279 -10.80 -15.79 -27.28
CA PRO F 279 -10.73 -17.25 -27.59
C PRO F 279 -10.38 -18.12 -26.39
N ALA F 280 -10.94 -19.32 -26.32
CA ALA F 280 -10.87 -20.14 -25.10
C ALA F 280 -9.46 -20.64 -24.76
N ASN F 281 -8.60 -20.73 -25.77
CA ASN F 281 -7.22 -21.21 -25.61
C ASN F 281 -6.20 -20.10 -25.31
N PHE F 282 -6.37 -18.94 -25.94
CA PHE F 282 -5.61 -17.71 -25.64
C PHE F 282 -5.28 -17.59 -24.16
N GLU G 34 -26.69 23.55 -15.53
CA GLU G 34 -25.46 23.41 -14.69
C GLU G 34 -24.30 22.78 -15.51
N LYS G 35 -23.08 22.93 -14.99
CA LYS G 35 -21.86 22.59 -15.70
C LYS G 35 -21.20 21.33 -15.19
N THR G 36 -20.42 20.71 -16.05
CA THR G 36 -19.54 19.62 -15.70
C THR G 36 -18.39 20.21 -14.85
N PRO G 37 -17.77 19.38 -14.01
CA PRO G 37 -16.64 19.84 -13.20
C PRO G 37 -15.51 20.55 -13.96
N ILE G 38 -15.21 20.09 -15.17
CA ILE G 38 -14.11 20.65 -15.99
C ILE G 38 -14.52 22.01 -16.52
N GLN G 39 -15.81 22.14 -16.82
CA GLN G 39 -16.38 23.42 -17.16
C GLN G 39 -16.31 24.44 -15.99
N VAL G 40 -16.52 23.98 -14.76
CA VAL G 40 -16.37 24.87 -13.60
C VAL G 40 -14.92 25.31 -13.61
N TRP G 41 -14.04 24.32 -13.50
CA TRP G 41 -12.60 24.51 -13.54
C TRP G 41 -12.16 25.49 -14.62
N GLY G 42 -12.64 25.25 -15.84
CA GLY G 42 -12.31 26.12 -16.98
C GLY G 42 -12.58 27.59 -16.71
N TRP G 43 -13.71 27.88 -16.08
CA TRP G 43 -14.06 29.24 -15.77
C TRP G 43 -13.10 29.81 -14.73
N ASP G 44 -12.86 29.08 -13.65
CA ASP G 44 -11.91 29.54 -12.65
C ASP G 44 -10.58 29.83 -13.35
N TYR G 45 -10.22 29.00 -14.34
CA TYR G 45 -8.99 29.20 -15.12
C TYR G 45 -9.00 30.53 -15.87
N LEU G 46 -10.08 30.79 -16.60
CA LEU G 46 -10.20 32.05 -17.31
C LEU G 46 -10.03 33.24 -16.37
N MET G 47 -10.52 33.12 -15.13
CA MET G 47 -10.47 34.23 -14.18
C MET G 47 -9.06 34.42 -13.63
N ARG G 48 -8.37 33.33 -13.34
CA ARG G 48 -6.99 33.44 -12.92
C ARG G 48 -6.17 34.07 -14.03
N GLN G 49 -6.43 33.66 -15.27
CA GLN G 49 -5.69 34.21 -16.40
C GLN G 49 -6.02 35.68 -16.61
N ARG G 50 -7.25 36.09 -16.32
CA ARG G 50 -7.61 37.52 -16.39
C ARG G 50 -6.86 38.32 -15.33
N ALA G 51 -6.92 37.88 -14.07
CA ALA G 51 -6.29 38.60 -12.97
C ALA G 51 -4.79 38.79 -13.15
N LEU G 52 -4.13 37.86 -13.83
CA LEU G 52 -2.72 38.04 -14.20
C LEU G 52 -2.57 39.04 -15.36
N LYS G 53 -3.68 39.42 -15.98
CA LYS G 53 -3.67 40.36 -17.10
C LYS G 53 -2.68 39.95 -18.21
N ARG G 54 -2.67 38.67 -18.59
CA ARG G 54 -1.87 38.22 -19.73
C ARG G 54 -2.59 38.56 -21.01
N PRO G 55 -1.86 38.78 -22.11
CA PRO G 55 -2.51 38.98 -23.41
C PRO G 55 -3.04 37.71 -24.04
N ILE G 56 -4.17 37.80 -24.71
CA ILE G 56 -4.64 36.67 -25.50
C ILE G 56 -3.90 36.74 -26.81
N ALA G 57 -3.34 35.63 -27.24
CA ALA G 57 -2.58 35.60 -28.49
C ALA G 57 -3.49 35.83 -29.69
N PRO G 58 -2.99 36.57 -30.72
CA PRO G 58 -3.82 36.87 -31.91
C PRO G 58 -4.30 35.65 -32.67
N HIS G 59 -5.44 35.84 -33.35
CA HIS G 59 -6.19 34.78 -34.03
C HIS G 59 -6.78 35.24 -35.36
N LEU G 60 -7.91 35.95 -35.33
CA LEU G 60 -8.59 36.40 -36.57
C LEU G 60 -7.62 37.16 -37.45
N THR G 61 -6.94 38.12 -36.83
CA THR G 61 -6.04 39.02 -37.54
C THR G 61 -4.72 38.37 -37.98
N ILE G 62 -4.47 37.09 -37.65
CA ILE G 62 -3.24 36.44 -38.14
C ILE G 62 -3.39 35.05 -38.80
N TYR G 63 -4.57 34.43 -38.69
CA TYR G 63 -4.70 33.07 -39.17
C TYR G 63 -4.91 33.06 -40.67
N LYS G 64 -4.30 32.09 -41.34
CA LYS G 64 -4.38 31.96 -42.80
C LYS G 64 -5.83 31.87 -43.31
N PRO G 65 -6.19 32.71 -44.29
CA PRO G 65 -7.45 32.44 -45.01
C PRO G 65 -7.42 31.05 -45.62
N GLN G 66 -8.44 30.25 -45.36
CA GLN G 66 -8.52 28.89 -45.87
C GLN G 66 -9.97 28.55 -46.26
N MET G 67 -10.15 27.54 -47.11
CA MET G 67 -11.48 27.17 -47.60
C MET G 67 -12.31 26.47 -46.54
N THR G 68 -11.63 25.86 -45.58
CA THR G 68 -12.32 25.21 -44.48
C THR G 68 -13.29 26.18 -43.76
N TRP G 69 -12.80 27.38 -43.44
CA TRP G 69 -13.55 28.35 -42.62
C TRP G 69 -14.03 29.60 -43.36
N MET G 70 -13.43 29.92 -44.52
CA MET G 70 -14.01 30.91 -45.42
C MET G 70 -15.44 30.51 -45.81
N VAL G 71 -15.69 29.21 -45.90
CA VAL G 71 -17.01 28.69 -46.24
C VAL G 71 -17.88 28.53 -44.98
N SER G 72 -17.34 27.99 -43.89
CA SER G 72 -18.09 27.90 -42.61
C SER G 72 -18.50 29.30 -42.14
N GLY G 73 -17.65 30.28 -42.46
CA GLY G 73 -18.01 31.66 -42.26
C GLY G 73 -19.19 32.06 -43.13
N LEU G 74 -19.09 31.76 -44.42
CA LEU G 74 -20.15 32.08 -45.37
C LEU G 74 -21.45 31.37 -45.03
N HIS G 75 -21.35 30.17 -44.45
CA HIS G 75 -22.52 29.42 -44.01
C HIS G 75 -23.26 30.14 -42.89
N ARG G 76 -22.51 30.63 -41.90
CA ARG G 76 -23.07 31.41 -40.79
C ARG G 76 -23.58 32.78 -41.25
N VAL G 77 -22.75 33.51 -42.01
CA VAL G 77 -23.13 34.83 -42.53
C VAL G 77 -24.47 34.75 -43.27
N THR G 78 -24.64 33.73 -44.11
CA THR G 78 -25.85 33.63 -44.93
C THR G 78 -27.08 33.32 -44.09
N GLY G 79 -26.95 32.35 -43.19
CA GLY G 79 -28.04 31.98 -42.30
C GLY G 79 -28.51 33.14 -41.44
N CYS G 80 -27.58 33.79 -40.76
CA CYS G 80 -27.92 34.95 -39.97
C CYS G 80 -28.59 36.05 -40.81
N ALA G 81 -28.02 36.33 -41.99
CA ALA G 81 -28.52 37.43 -42.83
C ALA G 81 -29.94 37.15 -43.35
N MET G 82 -30.22 35.89 -43.69
CA MET G 82 -31.58 35.48 -44.06
C MET G 82 -32.50 35.56 -42.84
N ALA G 83 -32.04 35.08 -41.70
CA ALA G 83 -32.85 35.13 -40.48
C ALA G 83 -33.22 36.58 -40.25
N GLY G 84 -32.22 37.45 -40.18
CA GLY G 84 -32.41 38.88 -40.06
C GLY G 84 -33.45 39.41 -41.02
N THR G 85 -33.35 39.01 -42.29
CA THR G 85 -34.27 39.48 -43.32
C THR G 85 -35.73 39.19 -42.95
N LEU G 86 -36.02 37.97 -42.52
CA LEU G 86 -37.37 37.55 -42.16
C LEU G 86 -37.93 38.31 -40.95
N LEU G 87 -37.07 38.57 -39.96
CA LEU G 87 -37.46 39.43 -38.86
C LEU G 87 -37.72 40.85 -39.37
N ILE G 88 -36.79 41.38 -40.19
CA ILE G 88 -36.99 42.70 -40.81
C ILE G 88 -38.25 42.71 -41.69
N GLY G 89 -38.32 41.82 -42.68
CA GLY G 89 -39.50 41.70 -43.53
C GLY G 89 -40.79 41.48 -42.74
N GLY G 90 -40.92 40.31 -42.13
CA GLY G 90 -42.15 39.92 -41.42
C GLY G 90 -42.67 41.02 -40.53
N VAL G 91 -41.90 41.36 -39.50
CA VAL G 91 -42.27 42.37 -38.50
C VAL G 91 -42.27 43.77 -39.11
N GLY G 92 -41.36 44.02 -40.04
CA GLY G 92 -41.25 45.33 -40.67
C GLY G 92 -42.49 45.70 -41.47
N PHE G 93 -43.06 44.73 -42.19
CA PHE G 93 -44.27 45.00 -42.97
C PHE G 93 -45.50 44.91 -42.09
N SER G 94 -45.63 43.86 -41.29
CA SER G 94 -46.80 43.73 -40.43
C SER G 94 -47.05 44.93 -39.48
N VAL G 95 -46.01 45.70 -39.17
CA VAL G 95 -46.15 46.78 -38.18
C VAL G 95 -46.30 48.18 -38.81
N LEU G 96 -46.03 48.28 -40.10
CA LEU G 96 -46.12 49.53 -40.83
C LEU G 96 -47.12 49.40 -41.95
N PRO G 97 -47.79 50.49 -42.29
CA PRO G 97 -48.61 50.54 -43.49
C PRO G 97 -47.94 49.71 -44.53
N LEU G 98 -48.34 48.45 -44.55
CA LEU G 98 -47.53 47.36 -45.04
C LEU G 98 -47.65 47.15 -46.52
N ASP G 99 -48.51 46.22 -46.90
CA ASP G 99 -48.74 45.98 -48.31
C ASP G 99 -47.45 45.78 -49.01
N PHE G 100 -47.14 44.54 -49.29
CA PHE G 100 -46.06 44.26 -50.15
C PHE G 100 -46.42 44.91 -51.46
N THR G 101 -47.64 44.62 -51.90
CA THR G 101 -48.04 45.01 -53.26
C THR G 101 -47.52 46.39 -53.68
N THR G 102 -47.69 47.38 -52.82
CA THR G 102 -47.22 48.74 -53.12
C THR G 102 -45.68 48.85 -53.01
N PHE G 103 -45.04 47.90 -52.30
CA PHE G 103 -43.57 47.86 -52.26
C PHE G 103 -43.00 47.46 -53.63
N VAL G 104 -43.67 46.53 -54.30
CA VAL G 104 -43.26 46.09 -55.64
C VAL G 104 -43.45 47.20 -56.68
N GLU G 105 -44.60 47.88 -56.61
CA GLU G 105 -44.90 48.97 -57.54
C GLU G 105 -43.89 50.12 -57.37
N PHE G 106 -43.55 50.45 -56.12
CA PHE G 106 -42.58 51.50 -55.82
C PHE G 106 -41.23 51.24 -56.50
N ILE G 107 -40.90 49.97 -56.76
CA ILE G 107 -39.68 49.64 -57.50
C ILE G 107 -39.89 49.82 -59.02
N ARG G 108 -41.12 49.62 -59.49
CA ARG G 108 -41.47 49.97 -60.88
C ARG G 108 -41.73 51.46 -61.05
N GLY G 109 -42.20 52.13 -59.98
CA GLY G 109 -42.25 53.59 -59.93
C GLY G 109 -40.88 54.19 -60.15
N LEU G 110 -39.83 53.41 -59.88
CA LEU G 110 -38.45 53.74 -60.23
C LEU G 110 -38.08 53.15 -61.60
N GLY G 111 -38.47 51.89 -61.85
CA GLY G 111 -38.22 51.21 -63.13
C GLY G 111 -36.76 50.87 -63.36
N ILE G 112 -36.41 49.58 -63.34
CA ILE G 112 -35.00 49.14 -63.35
C ILE G 112 -34.67 48.19 -64.55
N PRO G 113 -33.42 48.23 -65.07
CA PRO G 113 -33.03 47.54 -66.33
C PRO G 113 -32.90 45.99 -66.30
N TRP G 114 -32.03 45.43 -67.15
CA TRP G 114 -31.71 43.99 -67.16
C TRP G 114 -30.43 43.67 -66.40
N VAL G 115 -29.37 44.45 -66.63
CA VAL G 115 -28.05 44.22 -66.03
C VAL G 115 -28.11 44.33 -64.51
N ILE G 116 -28.83 45.32 -63.99
CA ILE G 116 -28.96 45.51 -62.54
C ILE G 116 -30.43 45.34 -62.13
N LEU G 117 -30.94 44.12 -62.28
CA LEU G 117 -32.25 43.75 -61.74
C LEU G 117 -32.29 42.27 -61.40
N ASP G 118 -31.95 41.43 -62.38
CA ASP G 118 -31.77 39.99 -62.15
C ASP G 118 -30.48 39.71 -61.37
N THR G 119 -29.66 40.74 -61.19
CA THR G 119 -28.62 40.73 -60.17
C THR G 119 -29.26 40.59 -58.79
N PHE G 120 -30.13 41.54 -58.46
CA PHE G 120 -30.78 41.58 -57.14
C PHE G 120 -31.55 40.30 -56.82
N LYS G 121 -31.92 39.53 -57.84
CA LYS G 121 -32.49 38.21 -57.64
C LYS G 121 -31.39 37.19 -57.33
N PHE G 122 -30.38 37.13 -58.18
CA PHE G 122 -29.21 36.27 -57.98
C PHE G 122 -28.72 36.41 -56.54
N ILE G 123 -28.58 37.66 -56.10
CA ILE G 123 -28.11 38.00 -54.74
C ILE G 123 -29.05 37.46 -53.65
N ILE G 124 -30.35 37.39 -53.93
CA ILE G 124 -31.31 36.86 -52.97
C ILE G 124 -31.33 35.32 -52.98
N ALA G 125 -30.99 34.74 -54.13
CA ALA G 125 -31.05 33.28 -54.32
C ALA G 125 -29.80 32.52 -53.83
N PHE G 126 -28.61 33.08 -54.11
CA PHE G 126 -27.34 32.40 -53.82
C PHE G 126 -27.17 32.01 -52.34
N PRO G 127 -27.59 32.86 -51.40
CA PRO G 127 -27.57 32.50 -49.98
C PRO G 127 -28.50 31.34 -49.62
N ILE G 128 -29.56 31.15 -50.37
CA ILE G 128 -30.50 30.07 -50.06
C ILE G 128 -29.98 28.76 -50.63
N ALA G 129 -29.43 28.86 -51.85
CA ALA G 129 -28.86 27.72 -52.53
C ALA G 129 -27.55 27.26 -51.88
N PHE G 130 -26.60 28.18 -51.69
CA PHE G 130 -25.33 27.84 -51.04
C PHE G 130 -25.52 27.26 -49.65
N HIS G 131 -26.33 27.93 -48.84
CA HIS G 131 -26.52 27.53 -47.45
C HIS G 131 -27.20 26.17 -47.37
N THR G 132 -28.19 25.95 -48.21
CA THR G 132 -28.95 24.70 -48.24
C THR G 132 -28.06 23.54 -48.68
N LEU G 133 -27.19 23.79 -49.66
CA LEU G 133 -26.26 22.78 -50.14
C LEU G 133 -25.20 22.51 -49.08
N ASN G 134 -24.65 23.58 -48.49
CA ASN G 134 -23.63 23.41 -47.47
C ASN G 134 -24.22 22.75 -46.25
N GLY G 135 -25.49 23.01 -45.98
CA GLY G 135 -26.22 22.32 -44.94
C GLY G 135 -26.17 20.81 -45.05
N ILE G 136 -26.26 20.26 -46.27
CA ILE G 136 -26.21 18.80 -46.48
C ILE G 136 -24.78 18.33 -46.23
N ARG G 137 -23.82 19.10 -46.77
CA ARG G 137 -22.39 18.85 -46.55
C ARG G 137 -22.07 18.75 -45.08
N PHE G 138 -22.56 19.74 -44.32
CA PHE G 138 -22.31 19.83 -42.88
C PHE G 138 -23.00 18.75 -42.07
N ILE G 139 -24.16 18.27 -42.52
CA ILE G 139 -24.75 17.11 -41.85
C ILE G 139 -23.87 15.92 -42.18
N GLY G 140 -23.34 15.92 -43.41
CA GLY G 140 -22.34 14.95 -43.83
C GLY G 140 -21.19 14.93 -42.83
N PHE G 141 -20.56 16.10 -42.65
CA PHE G 141 -19.50 16.24 -41.63
C PHE G 141 -19.95 15.77 -40.24
N ASP G 142 -21.12 16.22 -39.78
CA ASP G 142 -21.62 15.84 -38.45
C ASP G 142 -21.74 14.32 -38.34
N MET G 143 -21.78 13.64 -39.49
CA MET G 143 -21.95 12.19 -39.56
C MET G 143 -20.62 11.44 -39.82
N ALA G 144 -19.51 12.17 -39.88
CA ALA G 144 -18.20 11.60 -40.20
C ALA G 144 -17.98 11.36 -41.72
N LYS G 145 -18.95 11.77 -42.54
CA LYS G 145 -18.84 11.62 -43.98
C LYS G 145 -17.98 12.72 -44.59
N GLY G 146 -17.00 12.32 -45.39
CA GLY G 146 -16.24 13.26 -46.24
C GLY G 146 -15.28 14.15 -45.48
N THR G 147 -14.79 13.64 -44.35
CA THR G 147 -13.95 14.41 -43.41
C THR G 147 -12.45 14.46 -43.79
N ASP G 148 -12.01 13.63 -44.72
CA ASP G 148 -10.63 13.68 -45.23
C ASP G 148 -10.42 14.96 -46.04
N ILE G 149 -9.22 15.49 -46.05
CA ILE G 149 -8.94 16.81 -46.65
C ILE G 149 -9.38 16.95 -48.12
N PRO G 150 -9.16 15.91 -48.95
CA PRO G 150 -9.57 16.05 -50.34
C PRO G 150 -11.09 16.15 -50.50
N SER G 151 -11.85 15.43 -49.67
CA SER G 151 -13.31 15.57 -49.64
C SER G 151 -13.76 16.95 -49.10
N ILE G 152 -13.12 17.41 -48.04
CA ILE G 152 -13.36 18.76 -47.51
C ILE G 152 -13.19 19.80 -48.61
N TYR G 153 -12.18 19.62 -49.47
CA TYR G 153 -11.87 20.61 -50.51
C TYR G 153 -12.75 20.47 -51.75
N ARG G 154 -12.96 19.25 -52.22
CA ARG G 154 -13.85 19.04 -53.38
C ARG G 154 -15.27 19.40 -53.00
N GLY G 155 -15.73 18.90 -51.85
CA GLY G 155 -17.05 19.21 -51.32
C GLY G 155 -17.34 20.70 -51.22
N ALA G 156 -16.33 21.46 -50.83
CA ALA G 156 -16.43 22.92 -50.75
C ALA G 156 -16.65 23.49 -52.14
N TYR G 157 -15.70 23.27 -53.06
CA TYR G 157 -15.82 23.76 -54.45
C TYR G 157 -17.11 23.32 -55.14
N LEU G 158 -17.59 22.12 -54.82
CA LEU G 158 -18.87 21.63 -55.35
C LEU G 158 -19.99 22.59 -54.95
N VAL G 159 -20.24 22.66 -53.65
CA VAL G 159 -21.26 23.54 -53.06
C VAL G 159 -21.21 24.99 -53.58
N LEU G 160 -20.02 25.60 -53.65
CA LEU G 160 -19.90 26.94 -54.24
C LEU G 160 -20.39 26.99 -55.69
N GLY G 161 -20.16 25.93 -56.45
CA GLY G 161 -20.47 25.90 -57.88
C GLY G 161 -21.88 25.44 -58.17
N LEU G 162 -22.30 24.37 -57.52
CA LEU G 162 -23.65 23.85 -57.66
C LEU G 162 -24.67 24.90 -57.22
N ALA G 163 -24.32 25.71 -56.22
CA ALA G 163 -25.19 26.82 -55.79
C ALA G 163 -25.20 27.96 -56.80
N ALA G 164 -24.07 28.21 -57.45
CA ALA G 164 -23.98 29.24 -58.52
C ALA G 164 -24.77 28.85 -59.79
N LEU G 165 -24.63 27.58 -60.23
CA LEU G 165 -25.45 27.06 -61.33
C LEU G 165 -26.96 27.19 -61.04
N ILE G 166 -27.37 26.83 -59.82
CA ILE G 166 -28.78 26.86 -59.43
C ILE G 166 -29.31 28.29 -59.24
N SER G 167 -28.47 29.19 -58.75
CA SER G 167 -28.87 30.60 -58.61
C SER G 167 -28.94 31.34 -59.93
N LEU G 168 -28.13 30.93 -60.91
CA LEU G 168 -28.14 31.50 -62.26
C LEU G 168 -29.17 30.79 -63.16
N ALA G 169 -29.60 29.59 -62.76
CA ALA G 169 -30.66 28.88 -63.47
C ALA G 169 -32.02 29.50 -63.16
N VAL G 170 -32.35 29.57 -61.87
CA VAL G 170 -33.70 29.98 -61.44
C VAL G 170 -33.99 31.47 -61.71
N VAL G 171 -32.97 32.24 -62.08
CA VAL G 171 -33.14 33.64 -62.52
C VAL G 171 -33.28 33.71 -64.05
N VAL G 172 -32.25 33.26 -64.74
CA VAL G 172 -32.20 33.27 -66.21
C VAL G 172 -32.89 32.00 -66.71
N TYR G 173 -34.21 31.97 -66.57
CA TYR G 173 -35.06 30.85 -66.98
C TYR G 173 -36.53 31.32 -67.10
N PRO G 174 -37.08 31.95 -66.05
CA PRO G 174 -38.27 32.78 -66.30
C PRO G 174 -37.99 34.00 -67.21
N ARG G 175 -36.84 34.64 -67.06
CA ARG G 175 -36.49 35.85 -67.84
C ARG G 175 -35.64 35.57 -69.09
N TRP G 176 -35.15 34.34 -69.26
CA TRP G 176 -34.63 33.85 -70.55
C TRP G 176 -35.77 33.15 -71.30
N GLU G 177 -36.95 33.11 -70.66
CA GLU G 177 -38.22 32.83 -71.32
C GLU G 177 -38.98 34.16 -71.54
N ARG G 178 -38.39 35.28 -71.09
CA ARG G 178 -38.92 36.64 -71.30
C ARG G 178 -38.03 37.50 -72.24
N HIS G 179 -36.76 37.10 -72.42
CA HIS G 179 -35.96 37.59 -73.54
C HIS G 179 -36.40 36.88 -74.84
N LYS G 180 -37.10 35.74 -74.68
CA LYS G 180 -37.88 35.14 -75.77
C LYS G 180 -39.40 35.12 -75.43
N LYS G 181 -39.83 36.13 -74.67
CA LYS G 181 -41.20 36.64 -74.69
C LYS G 181 -41.14 38.12 -75.18
N ALA G 182 -40.02 38.47 -75.81
CA ALA G 182 -39.84 39.78 -76.48
C ALA G 182 -39.09 39.69 -77.84
N THR G 183 -38.67 38.49 -78.27
CA THR G 183 -38.00 38.27 -79.57
C THR G 183 -37.60 36.78 -79.88
N LEU G 184 -38.40 36.09 -80.72
CA LEU G 184 -38.12 34.71 -81.21
C LEU G 184 -39.07 34.42 -82.40
N PRO G 185 -38.54 33.89 -83.54
CA PRO G 185 -39.09 34.11 -84.88
C PRO G 185 -40.03 35.31 -85.10
N THR G 186 -41.10 35.44 -84.31
CA THR G 186 -41.82 36.72 -84.18
C THR G 186 -41.05 37.64 -83.22
N THR H 28 15.98 35.30 0.19
CA THR H 28 16.62 34.22 1.00
C THR H 28 15.57 33.23 1.50
N SER H 29 16.05 32.18 2.15
CA SER H 29 15.18 31.16 2.75
C SER H 29 14.54 31.64 4.08
N ALA H 30 13.66 32.63 3.97
CA ALA H 30 12.81 33.13 5.06
C ALA H 30 11.44 33.41 4.42
N ALA H 31 10.62 32.35 4.43
CA ALA H 31 9.84 31.99 3.26
C ALA H 31 8.49 31.37 3.58
N VAL H 32 7.48 31.80 2.82
CA VAL H 32 6.09 31.38 3.02
C VAL H 32 5.91 29.89 2.65
N THR H 33 4.83 29.26 3.12
CA THR H 33 4.53 27.87 2.70
C THR H 33 3.60 27.83 1.47
N GLY H 34 3.88 26.87 0.58
CA GLY H 34 3.23 26.80 -0.72
C GLY H 34 1.95 26.00 -0.76
N ALA H 35 1.15 26.31 -1.78
CA ALA H 35 -0.02 25.53 -2.11
C ALA H 35 0.29 24.71 -3.37
N ALA H 36 -0.39 23.56 -3.46
CA ALA H 36 -0.36 22.75 -4.68
C ALA H 36 -0.92 23.61 -5.81
N PRO H 37 -0.28 23.56 -6.99
CA PRO H 37 -0.81 24.35 -8.09
C PRO H 37 -2.18 23.83 -8.52
N PRO H 38 -2.99 24.71 -9.12
CA PRO H 38 -4.33 24.29 -9.51
C PRO H 38 -4.30 23.13 -10.52
N GLN H 39 -4.95 22.03 -10.16
CA GLN H 39 -4.88 20.78 -10.93
C GLN H 39 -6.23 20.06 -10.86
N PHE H 40 -6.69 19.56 -12.00
CA PHE H 40 -7.99 18.92 -12.09
C PHE H 40 -7.87 17.44 -11.76
N ASP H 41 -8.29 17.08 -10.54
CA ASP H 41 -8.39 15.68 -10.13
C ASP H 41 -9.65 15.08 -10.74
N PRO H 42 -9.51 14.22 -11.76
CA PRO H 42 -10.71 13.70 -12.39
C PRO H 42 -11.40 12.58 -11.58
N ILE H 43 -10.82 12.17 -10.45
CA ILE H 43 -11.48 11.21 -9.55
C ILE H 43 -12.24 11.96 -8.46
N ALA H 44 -11.65 13.05 -7.97
CA ALA H 44 -12.33 13.98 -7.05
C ALA H 44 -13.62 14.52 -7.69
N ALA H 45 -13.52 14.93 -8.95
CA ALA H 45 -14.68 15.40 -9.72
C ALA H 45 -15.73 14.32 -10.00
N GLU H 46 -15.32 13.05 -9.94
CA GLU H 46 -16.22 11.91 -10.22
C GLU H 46 -17.26 11.72 -9.12
N LYS H 47 -16.85 11.87 -7.86
CA LYS H 47 -17.71 11.61 -6.71
C LYS H 47 -18.56 12.86 -6.42
N GLY H 48 -19.54 13.08 -7.29
CA GLY H 48 -20.25 14.36 -7.37
C GLY H 48 -20.82 14.67 -8.75
N PHE H 49 -20.29 14.02 -9.79
CA PHE H 49 -20.86 14.12 -11.15
C PHE H 49 -21.90 13.01 -11.38
N LYS H 50 -23.07 13.18 -10.78
CA LYS H 50 -24.25 12.40 -11.15
C LYS H 50 -24.72 12.78 -12.57
N PRO H 51 -25.05 14.06 -12.78
CA PRO H 51 -25.89 14.56 -13.88
C PRO H 51 -25.95 13.76 -15.21
N LEU H 52 -27.16 13.33 -15.55
CA LEU H 52 -27.51 12.90 -16.90
C LEU H 52 -28.39 14.01 -17.48
N HIS H 53 -28.08 14.45 -18.70
CA HIS H 53 -28.87 15.49 -19.39
C HIS H 53 -28.56 15.51 -20.89
N SER H 54 -29.07 14.52 -21.62
CA SER H 54 -28.69 14.29 -23.02
C SER H 54 -29.14 15.38 -23.99
N HIS H 55 -28.18 16.19 -24.47
CA HIS H 55 -28.42 17.11 -25.56
C HIS H 55 -28.42 16.36 -26.89
N GLY H 56 -28.07 15.08 -26.84
CA GLY H 56 -27.94 14.26 -28.04
C GLY H 56 -29.21 14.18 -28.85
N THR H 57 -30.32 13.86 -28.19
CA THR H 57 -31.62 13.77 -28.87
C THR H 57 -32.07 15.11 -29.48
N LEU H 58 -31.72 16.22 -28.83
CA LEU H 58 -32.01 17.55 -29.36
C LEU H 58 -31.14 17.89 -30.58
N PHE H 59 -29.89 17.45 -30.56
CA PHE H 59 -29.00 17.62 -31.73
C PHE H 59 -29.48 16.78 -32.90
N LYS H 60 -30.04 15.61 -32.60
CA LYS H 60 -30.59 14.72 -33.62
C LYS H 60 -31.77 15.35 -34.33
N ILE H 61 -32.76 15.82 -33.56
CA ILE H 61 -33.97 16.39 -34.19
C ILE H 61 -33.57 17.65 -34.97
N GLU H 62 -32.65 18.44 -34.42
CA GLU H 62 -32.13 19.58 -35.15
C GLU H 62 -31.73 19.18 -36.57
N ARG H 63 -31.00 18.08 -36.72
CA ARG H 63 -30.47 17.71 -38.05
C ARG H 63 -31.52 17.10 -38.98
N TYR H 64 -32.33 16.16 -38.44
CA TYR H 64 -33.44 15.64 -39.23
C TYR H 64 -34.31 16.79 -39.76
N PHE H 65 -34.56 17.78 -38.91
CA PHE H 65 -35.43 18.88 -39.27
C PHE H 65 -34.87 19.71 -40.43
N ALA H 66 -33.55 19.84 -40.48
CA ALA H 66 -32.89 20.51 -41.61
C ALA H 66 -32.96 19.64 -42.84
N ALA H 67 -32.82 18.33 -42.62
CA ALA H 67 -32.96 17.35 -43.69
C ALA H 67 -34.37 17.39 -44.29
N ALA H 68 -35.38 17.46 -43.43
CA ALA H 68 -36.77 17.60 -43.86
C ALA H 68 -36.95 18.82 -44.77
N MET H 69 -36.28 19.90 -44.44
CA MET H 69 -36.42 21.13 -45.20
C MET H 69 -35.77 21.09 -46.59
N VAL H 70 -35.01 20.04 -46.90
CA VAL H 70 -34.40 19.94 -48.23
C VAL H 70 -35.45 19.81 -49.33
N PRO H 71 -36.33 18.78 -49.27
CA PRO H 71 -37.39 18.71 -50.27
C PRO H 71 -38.44 19.84 -50.15
N LEU H 72 -38.55 20.43 -48.96
CA LEU H 72 -39.51 21.51 -48.71
C LEU H 72 -39.27 22.73 -49.59
N ILE H 73 -38.02 23.04 -49.86
CA ILE H 73 -37.67 24.23 -50.64
C ILE H 73 -38.01 24.14 -52.13
N PRO H 74 -37.68 23.01 -52.78
CA PRO H 74 -38.19 22.81 -54.15
C PRO H 74 -39.71 22.68 -54.20
N ALA H 75 -40.29 21.92 -53.26
CA ALA H 75 -41.75 21.82 -53.13
C ALA H 75 -42.39 23.20 -53.24
N ALA H 76 -41.87 24.15 -52.45
CA ALA H 76 -42.43 25.51 -52.38
C ALA H 76 -42.11 26.38 -53.61
N TYR H 77 -41.36 25.84 -54.57
CA TYR H 77 -41.21 26.47 -55.88
C TYR H 77 -42.48 26.27 -56.67
N PHE H 78 -43.00 25.04 -56.61
CA PHE H 78 -44.15 24.63 -57.41
C PHE H 78 -45.47 24.93 -56.71
N ILE H 79 -45.69 24.31 -55.55
CA ILE H 79 -46.96 24.43 -54.82
C ILE H 79 -46.91 25.61 -53.84
N HIS H 80 -47.97 26.42 -53.83
CA HIS H 80 -48.10 27.61 -52.96
C HIS H 80 -49.37 27.54 -52.08
N GLY H 81 -49.68 28.64 -51.40
CA GLY H 81 -50.95 28.77 -50.70
C GLY H 81 -50.83 29.01 -49.21
N ARG H 82 -51.99 29.04 -48.55
CA ARG H 82 -52.06 29.20 -47.10
C ARG H 82 -51.24 28.12 -46.38
N GLU H 83 -51.48 26.88 -46.77
CA GLU H 83 -50.91 25.70 -46.09
C GLU H 83 -49.39 25.53 -46.29
N MET H 84 -48.87 25.90 -47.46
CA MET H 84 -47.43 25.92 -47.67
C MET H 84 -46.86 27.10 -46.90
N ASP H 85 -47.39 28.30 -47.17
CA ASP H 85 -47.02 29.51 -46.42
C ASP H 85 -46.97 29.25 -44.91
N LEU H 86 -47.81 28.34 -44.44
CA LEU H 86 -47.84 27.95 -43.03
C LEU H 86 -46.61 27.10 -42.66
N CYS H 87 -46.44 25.98 -43.38
CA CYS H 87 -45.29 25.08 -43.20
C CYS H 87 -43.95 25.80 -43.17
N LEU H 88 -43.69 26.59 -44.20
CA LEU H 88 -42.47 27.39 -44.27
C LEU H 88 -42.25 28.21 -42.99
N ALA H 89 -43.27 28.91 -42.52
CA ALA H 89 -43.10 29.87 -41.42
C ALA H 89 -42.83 29.20 -40.07
N LEU H 90 -43.46 28.03 -39.83
CA LEU H 90 -43.16 27.23 -38.64
C LEU H 90 -41.80 26.57 -38.74
N ALA H 91 -41.47 26.06 -39.93
CA ALA H 91 -40.19 25.38 -40.11
C ALA H 91 -39.07 26.40 -40.03
N LEU H 92 -39.16 27.47 -40.80
CA LEU H 92 -38.13 28.52 -40.79
C LEU H 92 -37.91 29.11 -39.39
N THR H 93 -39.00 29.27 -38.65
CA THR H 93 -38.93 29.78 -37.27
C THR H 93 -38.12 28.81 -36.41
N LEU H 94 -38.51 27.54 -36.46
CA LEU H 94 -37.89 26.52 -35.62
C LEU H 94 -36.40 26.29 -35.93
N HIS H 95 -36.01 26.47 -37.19
CA HIS H 95 -34.64 26.24 -37.61
C HIS H 95 -33.78 27.41 -37.18
N VAL H 96 -34.25 28.61 -37.47
CA VAL H 96 -33.56 29.84 -37.12
C VAL H 96 -33.46 29.97 -35.60
N HIS H 97 -34.51 29.58 -34.90
CA HIS H 97 -34.48 29.59 -33.46
C HIS H 97 -33.21 28.89 -32.97
N TRP H 98 -33.04 27.64 -33.41
CA TRP H 98 -31.92 26.80 -33.00
C TRP H 98 -30.60 27.38 -33.51
N GLY H 99 -30.61 27.77 -34.77
CA GLY H 99 -29.49 28.40 -35.39
C GLY H 99 -28.95 29.58 -34.59
N VAL H 100 -29.80 30.59 -34.34
CA VAL H 100 -29.31 31.82 -33.68
C VAL H 100 -29.00 31.59 -32.20
N TRP H 101 -29.64 30.59 -31.59
CA TRP H 101 -29.29 30.16 -30.26
C TRP H 101 -27.82 29.79 -30.26
N GLY H 102 -27.44 28.95 -31.22
CA GLY H 102 -26.06 28.54 -31.38
C GLY H 102 -25.15 29.73 -31.48
N VAL H 103 -25.47 30.62 -32.43
CA VAL H 103 -24.65 31.80 -32.69
C VAL H 103 -24.58 32.70 -31.43
N VAL H 104 -25.73 32.94 -30.80
CA VAL H 104 -25.77 33.74 -29.57
C VAL H 104 -24.91 33.13 -28.45
N ASN H 105 -24.88 31.81 -28.36
CA ASN H 105 -23.98 31.14 -27.41
C ASN H 105 -22.47 31.19 -27.76
N ASP H 106 -22.13 31.39 -29.02
CA ASP H 106 -20.74 31.62 -29.39
C ASP H 106 -20.33 33.06 -28.99
N TYR H 107 -21.08 34.06 -29.41
CA TYR H 107 -20.64 35.45 -29.23
C TYR H 107 -21.10 36.11 -27.92
N GLY H 108 -22.09 35.52 -27.24
CA GLY H 108 -22.65 36.10 -26.01
C GLY H 108 -22.03 35.54 -24.76
N ARG H 109 -20.71 35.60 -24.65
CA ARG H 109 -19.95 34.95 -23.59
C ARG H 109 -19.89 35.74 -22.32
N PRO H 110 -20.15 35.09 -21.18
CA PRO H 110 -19.96 35.78 -19.90
C PRO H 110 -18.59 36.48 -19.83
N PHE H 111 -17.54 35.74 -20.19
CA PHE H 111 -16.17 36.26 -20.12
C PHE H 111 -16.02 37.66 -20.73
N VAL H 112 -16.64 37.86 -21.89
CA VAL H 112 -16.51 39.11 -22.65
C VAL H 112 -17.67 40.10 -22.39
N LEU H 113 -18.81 39.64 -21.86
CA LEU H 113 -19.95 40.52 -21.59
C LEU H 113 -20.35 40.64 -20.12
N GLY H 114 -19.81 39.78 -19.27
CA GLY H 114 -20.30 39.68 -17.89
C GLY H 114 -21.61 38.94 -17.81
N ASP H 115 -21.88 38.32 -16.66
CA ASP H 115 -23.04 37.41 -16.49
C ASP H 115 -24.45 37.90 -16.88
N THR H 116 -24.86 39.04 -16.35
CA THR H 116 -26.23 39.52 -16.58
C THR H 116 -26.43 40.03 -18.01
N LEU H 117 -25.42 40.68 -18.58
CA LEU H 117 -25.48 41.08 -20.00
C LEU H 117 -25.39 39.85 -20.95
N ALA H 118 -24.77 38.77 -20.48
CA ALA H 118 -24.76 37.51 -21.22
C ALA H 118 -26.10 36.75 -21.10
N ALA H 119 -26.81 36.92 -19.99
CA ALA H 119 -28.16 36.37 -19.84
C ALA H 119 -29.17 37.04 -20.76
N ALA H 120 -29.15 38.37 -20.82
CA ALA H 120 -30.09 39.12 -21.65
C ALA H 120 -29.91 38.85 -23.15
N VAL H 121 -28.69 38.52 -23.58
CA VAL H 121 -28.47 38.18 -24.99
C VAL H 121 -29.14 36.82 -25.28
N ARG H 122 -29.20 35.95 -24.27
CA ARG H 122 -29.91 34.66 -24.33
C ARG H 122 -31.45 34.80 -24.39
N VAL H 123 -32.01 35.57 -23.46
CA VAL H 123 -33.40 36.00 -23.58
C VAL H 123 -33.58 36.61 -24.97
N GLY H 124 -32.62 37.44 -25.37
CA GLY H 124 -32.66 38.14 -26.65
C GLY H 124 -32.99 37.20 -27.78
N ALA H 125 -32.33 36.04 -27.78
CA ALA H 125 -32.55 35.04 -28.82
C ALA H 125 -33.98 34.47 -28.81
N TYR H 126 -34.61 34.37 -27.63
CA TYR H 126 -35.99 33.89 -27.54
C TYR H 126 -37.02 34.95 -27.97
N ILE H 127 -36.73 36.21 -27.66
CA ILE H 127 -37.51 37.37 -28.15
C ILE H 127 -37.52 37.33 -29.67
N PHE H 128 -36.32 37.16 -30.25
CA PHE H 128 -36.15 37.06 -31.70
C PHE H 128 -37.06 35.97 -32.29
N THR H 129 -36.96 34.76 -31.76
CA THR H 129 -37.78 33.65 -32.25
C THR H 129 -39.27 33.96 -32.12
N ALA H 130 -39.65 34.59 -31.03
CA ALA H 130 -41.04 34.99 -30.83
C ALA H 130 -41.49 36.02 -31.89
N CYS H 131 -40.74 37.11 -31.98
CA CYS H 131 -41.05 38.17 -32.94
C CYS H 131 -40.98 37.71 -34.37
N LEU H 132 -40.19 36.65 -34.63
CA LEU H 132 -40.13 36.11 -35.98
C LEU H 132 -41.44 35.45 -36.32
N LEU H 133 -41.98 34.65 -35.40
CA LEU H 133 -43.24 33.91 -35.66
C LEU H 133 -44.44 34.83 -35.91
N ALA H 134 -44.68 35.74 -34.97
CA ALA H 134 -45.70 36.77 -35.14
C ALA H 134 -45.49 37.57 -36.42
N GLY H 135 -44.25 37.96 -36.69
CA GLY H 135 -43.90 38.70 -37.91
C GLY H 135 -44.29 37.97 -39.20
N LEU H 136 -44.21 36.65 -39.17
CA LEU H 136 -44.52 35.83 -40.35
C LEU H 136 -45.99 35.45 -40.36
N LEU H 137 -46.47 34.87 -39.27
CA LEU H 137 -47.89 34.54 -39.14
C LEU H 137 -48.72 35.70 -39.68
N TYR H 138 -48.50 36.89 -39.13
CA TYR H 138 -49.21 38.10 -39.56
C TYR H 138 -49.06 38.34 -41.08
N PHE H 139 -47.84 38.28 -41.58
CA PHE H 139 -47.60 38.57 -43.00
C PHE H 139 -48.26 37.54 -43.92
N ASN H 140 -48.38 36.30 -43.47
CA ASN H 140 -49.14 35.31 -44.20
C ASN H 140 -50.62 35.67 -44.18
N GLU H 141 -51.09 36.03 -42.99
CA GLU H 141 -52.52 36.17 -42.72
C GLU H 141 -53.11 37.56 -43.02
N HIS H 142 -52.28 38.55 -43.38
CA HIS H 142 -52.75 39.93 -43.63
C HIS H 142 -51.95 40.67 -44.70
N ASP H 143 -51.33 39.93 -45.61
CA ASP H 143 -50.58 40.50 -46.70
C ASP H 143 -50.41 39.38 -47.71
N VAL H 144 -49.66 39.64 -48.76
CA VAL H 144 -49.68 38.77 -49.94
C VAL H 144 -49.29 37.30 -49.71
N GLY H 145 -48.70 36.97 -48.55
CA GLY H 145 -48.21 35.61 -48.24
C GLY H 145 -46.75 35.44 -48.61
N LEU H 146 -46.12 34.34 -48.19
CA LEU H 146 -44.70 34.12 -48.48
C LEU H 146 -44.40 33.68 -49.92
N THR H 147 -45.05 32.59 -50.32
CA THR H 147 -44.81 31.98 -51.64
C THR H 147 -45.17 32.92 -52.80
N ARG H 148 -46.25 33.68 -52.62
CA ARG H 148 -46.63 34.71 -53.58
C ARG H 148 -45.71 35.95 -53.46
N ALA H 149 -45.31 36.31 -52.23
CA ALA H 149 -44.37 37.44 -52.02
C ALA H 149 -43.04 37.23 -52.72
N PHE H 150 -42.69 35.97 -52.98
CA PHE H 150 -41.60 35.66 -53.91
C PHE H 150 -42.09 35.76 -55.36
N GLU H 151 -43.20 35.09 -55.70
CA GLU H 151 -43.78 35.22 -57.06
C GLU H 151 -43.64 36.64 -57.63
N MET H 152 -43.93 37.64 -56.79
CA MET H 152 -43.95 39.04 -57.24
C MET H 152 -42.56 39.60 -57.54
N VAL H 153 -41.51 39.01 -56.95
CA VAL H 153 -40.14 39.46 -57.22
C VAL H 153 -39.56 38.80 -58.48
N TRP H 154 -40.04 37.60 -58.82
CA TRP H 154 -39.66 36.95 -60.08
C TRP H 154 -40.44 37.55 -61.26
N GLU H 155 -41.64 38.06 -60.96
CA GLU H 155 -42.44 38.79 -61.95
C GLU H 155 -41.81 40.13 -62.33
N LEU H 156 -40.98 40.68 -61.44
CA LEU H 156 -40.27 41.94 -61.72
C LEU H 156 -39.27 41.80 -62.86
C1 MLI I . -19.32 -21.10 21.13
C2 MLI I . -19.56 -20.36 19.82
C3 MLI I . -19.14 -22.58 20.97
O6 MLI I . -19.96 -19.18 19.90
O7 MLI I . -19.37 -20.93 18.71
O8 MLI I . -20.17 -23.29 20.84
O9 MLI I . -17.96 -23.03 20.97
PA FAD J . -13.65 -9.05 21.58
O1A FAD J . -14.61 -9.21 22.73
O2A FAD J . -12.87 -10.24 21.11
O5B FAD J . -12.67 -7.90 22.05
C5B FAD J . -13.18 -6.62 22.34
C4B FAD J . -12.00 -5.68 22.41
O4B FAD J . -12.47 -4.36 22.62
C3B FAD J . -11.00 -5.96 23.53
O3B FAD J . -9.71 -5.78 22.97
C2B FAD J . -11.32 -4.90 24.55
O2B FAD J . -10.24 -4.50 25.40
C1B FAD J . -11.74 -3.75 23.67
N9A FAD J . -12.55 -2.79 24.46
C8A FAD J . -13.78 -2.98 24.94
N7A FAD J . -14.17 -1.87 25.62
C5A FAD J . -13.17 -0.97 25.55
C6A FAD J . -12.91 0.38 26.03
N6A FAD J . -13.84 1.03 26.77
N1A FAD J . -11.74 0.95 25.73
C2A FAD J . -10.81 0.32 25.01
N3A FAD J . -10.99 -0.92 24.55
C4A FAD J . -12.12 -1.59 24.78
N1 FAD J . -17.52 -17.30 17.84
C2 FAD J . -17.22 -18.20 16.87
O2 FAD J . -17.41 -17.82 15.69
N3 FAD J . -16.74 -19.43 17.13
C4 FAD J . -16.52 -19.83 18.38
O4 FAD J . -16.05 -20.94 18.72
C4X FAD J . -16.82 -18.91 19.47
N5 FAD J . -16.61 -19.28 20.72
C5X FAD J . -16.89 -18.46 21.74
C6 FAD J . -16.64 -18.95 23.02
C7 FAD J . -16.89 -18.16 24.11
C7M FAD J . -16.64 -18.62 25.52
C8 FAD J . -17.45 -16.81 23.84
C8M FAD J . -17.73 -16.01 25.01
C9 FAD J . -17.71 -16.31 22.58
C9A FAD J . -17.45 -17.11 21.49
N10 FAD J . -17.69 -16.70 20.16
C10 FAD J . -17.36 -17.59 19.13
C1' FAD J . -18.15 -15.37 19.79
C2' FAD J . -16.87 -14.63 19.38
O2' FAD J . -15.70 -15.16 20.01
C3' FAD J . -16.86 -13.15 19.71
O3' FAD J . -18.11 -12.51 19.41
C4' FAD J . -15.76 -12.47 18.92
O4' FAD J . -14.52 -13.08 19.29
C5' FAD J . -15.75 -10.98 19.19
O5' FAD J . -14.52 -10.38 18.82
P FAD J . -14.38 -8.79 18.83
O1P FAD J . -13.01 -8.40 18.29
O2P FAD J . -15.64 -8.14 18.25
O3P FAD J . -14.42 -8.36 20.38
FE1 FES K . -7.65 -15.84 35.31
FE2 FES K . -8.10 -15.02 32.79
S1 FES K . -9.17 -14.40 34.60
S2 FES K . -6.85 -16.69 33.40
FE1 SF4 L . 1.70 -19.01 31.33
FE2 SF4 L . 4.55 -19.86 30.77
FE3 SF4 L . 2.50 -20.07 28.55
FE4 SF4 L . 2.43 -21.95 30.90
S1 SF4 L . 3.86 -21.38 29.48
S2 SF4 L . 1.07 -20.57 30.04
S3 SF4 L . 3.08 -20.40 32.18
S4 SF4 L . 3.15 -18.55 29.84
FE1 F3S M . 15.54 -22.97 32.78
FE3 F3S M . 12.87 -23.15 33.62
FE4 F3S M . 14.28 -20.91 34.42
S1 F3S M . 14.15 -24.65 32.69
S2 F3S M . 16.38 -21.45 34.08
S3 F3S M . 13.83 -21.61 32.42
S4 F3S M . 12.76 -22.00 35.49
CHA HEM N . 28.40 -26.05 37.10
CHB HEM N . 28.90 -30.61 35.68
CHC HEM N . 32.24 -31.30 39.15
CHD HEM N . 32.11 -26.57 40.19
C1A HEM N . 28.24 -27.23 36.44
C2A HEM N . 27.34 -27.44 35.37
C3A HEM N . 27.49 -28.73 34.98
C4A HEM N . 28.48 -29.30 35.78
CMA HEM N . 26.73 -29.41 33.86
CAA HEM N . 26.38 -26.42 34.79
CBA HEM N . 25.14 -26.30 35.67
CGA HEM N . 24.51 -24.92 35.62
O1A HEM N . 24.69 -24.22 34.59
O2A HEM N . 23.83 -24.49 36.61
C1B HEM N . 29.85 -31.18 36.53
C2B HEM N . 30.18 -32.56 36.45
C3B HEM N . 31.12 -32.82 37.42
C4B HEM N . 31.34 -31.50 38.10
CMB HEM N . 29.60 -33.57 35.49
CAB HEM N . 31.70 -34.18 37.65
CBB HEM N . 32.60 -34.52 38.57
C1C HEM N . 32.52 -30.06 39.72
C2C HEM N . 33.48 -29.86 40.72
C3C HEM N . 33.47 -28.53 41.05
C4C HEM N . 32.50 -27.89 40.21
CMC HEM N . 34.38 -30.90 41.36
CAC HEM N . 34.43 -28.02 42.05
CBC HEM N . 34.66 -26.76 42.33
C1D HEM N . 31.05 -26.08 39.43
C2D HEM N . 30.60 -24.68 39.53
C3D HEM N . 29.58 -24.54 38.66
C4D HEM N . 29.40 -25.87 38.05
CMD HEM N . 31.15 -23.59 40.41
CAD HEM N . 28.73 -23.33 38.38
CBD HEM N . 27.39 -23.55 39.12
CGD HEM N . 26.23 -22.65 38.70
O1D HEM N . 26.34 -21.81 37.77
O2D HEM N . 25.14 -22.76 39.32
NA HEM N . 28.93 -28.38 36.69
NB HEM N . 30.56 -30.59 37.51
NC HEM N . 31.91 -28.87 39.45
ND HEM N . 30.31 -26.74 38.52
FE HEM N . 30.42 -28.55 38.03
C1 UQ1 O . 19.66 -18.16 42.33
O1 UQ1 O . 20.06 -17.02 42.16
C2 UQ1 O . 19.93 -19.21 41.24
O2 UQ1 O . 20.64 -18.86 40.11
CM2 UQ1 O . 20.09 -19.11 38.80
C3 UQ1 O . 19.49 -20.51 41.44
O3 UQ1 O . 19.74 -21.44 40.49
CM3 UQ1 O . 21.10 -21.83 40.67
C4 UQ1 O . 18.71 -20.91 42.68
O4 UQ1 O . 18.32 -22.07 42.81
C5 UQ1 O . 18.43 -19.86 43.77
CM5 UQ1 O . 17.73 -20.21 44.92
C6 UQ1 O . 18.88 -18.54 43.61
C7 UQ1 O . 18.60 -17.47 44.71
C8 UQ1 O . 19.77 -16.48 44.95
C9 UQ1 O . 20.90 -16.79 45.63
C10 UQ1 O . 21.14 -18.20 46.23
C11 UQ1 O . 21.96 -15.71 45.79
C1 EPH P . 39.88 -39.41 46.68
C2 EPH P . 39.67 -39.40 48.20
C4 EPH P . 40.06 -37.29 45.20
O2 EPH P . 40.49 -38.16 46.30
O4 EPH P . 40.90 -36.51 44.77
C18 EPH P . 38.67 -37.29 44.61
C19 EPH P . 38.00 -35.93 44.78
C20 EPH P . 38.62 -34.81 43.94
C21 EPH P . 37.65 -33.69 43.62
C22 EPH P . 37.18 -32.90 44.85
C23 EPH P . 37.63 -31.43 44.85
C24 EPH P . 36.80 -30.54 45.75
C25 EPH P . 37.08 -30.42 47.06
C26 EPH P . 36.26 -29.53 47.95
C27 EPH P . 35.57 -30.28 49.09
C28 EPH P . 34.30 -29.59 49.53
C29 EPH P . 34.26 -28.71 50.54
C30 EPH P . 32.96 -28.06 50.95
C31 EPH P . 33.12 -27.28 52.24
C37 EPH P . 39.65 -40.80 48.81
O5 EPH P . 40.96 -41.34 48.96
C3 EPH P . 37.21 -39.31 48.34
O1 EPH P . 38.49 -38.65 48.55
O3 EPH P . 36.86 -40.17 49.13
C5 EPH P . 36.33 -38.93 47.18
C6 EPH P . 34.86 -39.24 47.46
C7 EPH P . 34.01 -38.81 46.28
C8 EPH P . 32.75 -39.66 46.08
C9 EPH P . 32.85 -40.54 44.84
C10 EPH P . 32.53 -39.78 43.56
C11 EPH P . 31.08 -39.97 43.09
C12 EPH P . 31.03 -40.28 41.60
C13 EPH P . 29.86 -40.29 40.96
C14 EPH P . 29.84 -40.63 39.49
C15 EPH P . 29.44 -42.07 39.29
C16 EPH P . 29.65 -42.74 38.15
C17 EPH P . 30.32 -42.11 36.95
P1 EPH P . 41.22 -42.76 49.67
O6 EPH P . 42.50 -42.65 50.46
O7 EPH P . 39.97 -43.17 50.39
O8 EPH P . 41.49 -43.80 48.44
C38 EPH P . 40.89 -45.10 48.37
C39 EPH P . 41.41 -46.03 49.46
N1 EPH P . 42.80 -46.37 49.20
C1 MLI Q . 16.14 2.98 -30.46
C2 MLI Q . 16.44 2.16 -29.23
C3 MLI Q . 15.67 2.05 -31.56
O6 MLI Q . 16.26 0.95 -29.30
O7 MLI Q . 16.92 2.70 -28.20
O8 MLI Q . 14.44 1.83 -31.62
O9 MLI Q . 16.49 1.58 -32.38
PA FAD R . 13.41 10.73 -19.96
O1A FAD R . 14.57 11.32 -20.71
O2A FAD R . 12.29 10.07 -20.73
O5B FAD R . 12.78 11.86 -19.04
C5B FAD R . 13.59 12.54 -18.09
C4B FAD R . 12.66 13.34 -17.20
O4B FAD R . 13.45 14.10 -16.29
C3B FAD R . 11.82 14.37 -17.96
O3B FAD R . 10.51 14.35 -17.45
C2B FAD R . 12.41 15.73 -17.64
O2B FAD R . 11.40 16.71 -17.61
C1B FAD R . 12.98 15.46 -16.25
N9A FAD R . 14.07 16.42 -15.90
C8A FAD R . 15.32 16.41 -16.40
N7A FAD R . 16.06 17.41 -15.84
C5A FAD R . 15.27 18.05 -14.96
C6A FAD R . 15.42 19.19 -14.05
N6A FAD R . 16.60 19.84 -13.98
N1A FAD R . 14.35 19.56 -13.30
C2A FAD R . 13.18 18.91 -13.35
N3A FAD R . 12.99 17.87 -14.18
C4A FAD R . 13.97 17.40 -14.98
N1 FAD R . 14.76 2.45 -25.41
C2 FAD R . 14.09 1.30 -25.59
O2 FAD R . 14.18 0.47 -24.66
N3 FAD R . 13.37 1.05 -26.70
C4 FAD R . 13.29 1.94 -27.69
O4 FAD R . 12.63 1.73 -28.73
C4X FAD R . 13.99 3.20 -27.55
N5 FAD R . 13.95 4.11 -28.51
C5X FAD R . 14.59 5.28 -28.38
C6 FAD R . 14.47 6.21 -29.41
C7 FAD R . 15.11 7.41 -29.31
C7M FAD R . 15.04 8.44 -30.41
C8 FAD R . 15.90 7.69 -28.09
C8M FAD R . 16.62 8.96 -28.01
C9 FAD R . 16.03 6.80 -27.06
C9A FAD R . 15.39 5.59 -27.15
N10 FAD R . 15.48 4.62 -26.12
C10 FAD R . 14.75 3.43 -26.32
C1' FAD R . 16.17 4.83 -24.86
C2' FAD R . 15.05 5.18 -23.85
O2' FAD R . 13.99 5.87 -24.52
C3' FAD R . 15.42 6.09 -22.68
O3' FAD R . 16.60 5.64 -22.03
C4' FAD R . 14.30 6.12 -21.63
O4' FAD R . 13.08 6.47 -22.28
C5' FAD R . 14.61 7.11 -20.52
O5' FAD R . 13.46 7.41 -19.75
P FAD R . 13.58 8.28 -18.41
O1P FAD R . 12.28 8.62 -17.68
O2P FAD R . 14.74 7.68 -17.65
O3P FAD R . 14.11 9.72 -18.94
FE1 FES S . 8.90 20.30 -32.37
FE2 FES S . 9.25 18.46 -30.60
S1 FES S . 10.34 20.35 -30.71
S2 FES S . 7.42 18.81 -31.67
FE1 SF4 T . -1.48 18.11 -32.33
FE2 SF4 T . -4.49 18.21 -32.53
FE3 SF4 T . -3.12 15.67 -31.61
FE4 SF4 T . -2.89 16.52 -34.48
S1 SF4 T . -4.46 16.17 -33.15
S2 SF4 T . -1.52 16.08 -32.95
S3 SF4 T . -2.88 18.54 -33.87
S4 SF4 T . -3.11 17.69 -31.03
FE1 F3S U . -15.18 21.23 -35.16
FE3 F3S U . -12.53 21.10 -36.28
FE4 F3S U . -13.27 23.31 -34.75
S1 F3S U . -14.37 20.13 -36.89
S2 F3S U . -15.45 23.37 -34.75
S3 F3S U . -13.23 21.22 -34.18
S4 F3S U . -11.81 23.16 -36.40
CHA HEM V . -27.62 26.57 -39.32
CHB HEM V . -29.01 23.34 -42.61
CHC HEM V . -32.06 26.62 -44.53
CHD HEM V . -30.65 29.86 -41.19
C1A HEM V . -27.76 25.42 -40.05
C2A HEM V . -27.09 24.21 -39.74
C3A HEM V . -27.49 23.29 -40.67
C4A HEM V . -28.39 23.95 -41.54
CMA HEM V . -27.04 21.85 -40.75
CAA HEM V . -26.15 23.98 -38.60
CBA HEM V . -24.80 24.63 -38.92
CGA HEM V . -23.95 24.78 -37.68
O1A HEM V . -24.26 24.22 -36.59
O2A HEM V . -22.92 25.48 -37.78
C1B HEM V . -29.97 23.98 -43.41
C2B HEM V . -30.58 23.31 -44.50
C3B HEM V . -31.45 24.17 -45.08
C4B HEM V . -31.33 25.44 -44.28
CMB HEM V . -30.34 21.88 -44.96
CAB HEM V . -32.27 23.79 -46.26
CBB HEM V . -33.16 24.56 -46.89
C1C HEM V . -31.95 27.78 -43.77
C2C HEM V . -32.69 28.96 -44.02
C3C HEM V . -32.31 29.90 -43.09
C4C HEM V . -31.32 29.29 -42.25
CMC HEM V . -33.73 29.19 -45.09
CAC HEM V . -32.98 31.23 -43.12
CBC HEM V . -32.82 32.20 -42.23
C1D HEM V . -29.70 29.18 -40.43
C2D HEM V . -29.01 29.84 -39.31
C3D HEM V . -28.15 28.94 -38.76
C4D HEM V . -28.35 27.72 -39.58
CMD HEM V . -29.19 31.26 -38.81
CAD HEM V . -27.25 29.29 -37.57
CBD HEM V . -25.98 28.51 -37.16
CGD HEM V . -24.76 28.98 -37.94
O1D HEM V . -23.58 28.84 -37.51
O2D HEM V . -24.92 29.55 -39.05
NA HEM V . -28.55 25.26 -41.15
NB HEM V . -30.44 25.23 -43.31
NC HEM V . -31.10 28.02 -42.72
ND HEM V . -29.28 27.91 -40.56
FE HEM V . -29.83 26.63 -41.84
C1 UQ1 W . -16.81 32.24 -35.76
O1 UQ1 W . -17.03 32.66 -34.62
C2 UQ1 W . -17.42 30.91 -36.22
O2 UQ1 W . -18.21 30.17 -35.37
CM2 UQ1 W . -17.52 29.51 -34.31
C3 UQ1 W . -17.18 30.46 -37.50
O3 UQ1 W . -17.74 29.29 -37.90
CM3 UQ1 W . -19.02 29.60 -38.45
C4 UQ1 W . -16.30 31.23 -38.48
O4 UQ1 W . -16.12 30.77 -39.61
C5 UQ1 W . -15.67 32.57 -38.04
CM5 UQ1 W . -14.88 33.29 -38.94
C6 UQ1 W . -15.92 33.05 -36.74
C7 UQ1 W . -15.33 34.40 -36.24
C8 UQ1 W . -16.08 35.61 -36.86
C9 UQ1 W . -16.47 36.70 -36.13
C10 UQ1 W . -17.23 37.84 -36.85
C11 UQ1 W . -16.20 36.85 -34.62
C1 EPH X . -40.10 29.99 -53.79
C2 EPH X . -39.76 30.99 -54.90
C4 EPH X . -39.92 30.34 -51.24
O2 EPH X . -40.31 30.74 -52.59
O4 EPH X . -40.55 30.81 -50.30
C18 EPH X . -38.77 29.39 -50.95
C19 EPH X . -37.65 30.13 -50.22
C20 EPH X . -37.76 29.95 -48.70
C21 EPH X . -36.64 30.69 -47.95
C22 EPH X . -36.84 32.21 -47.99
C23 EPH X . -36.03 32.97 -46.93
C24 EPH X . -34.87 33.69 -47.56
C25 EPH X . -34.81 35.02 -47.63
C26 EPH X . -33.61 35.67 -48.28
C27 EPH X . -33.45 37.14 -47.85
C28 EPH X . -32.35 37.82 -48.65
C29 EPH X . -31.11 37.93 -48.15
C30 EPH X . -30.04 38.61 -48.96
C31 EPH X . -28.68 38.47 -48.28
C37 EPH X . -40.11 30.45 -56.32
O5 EPH X . -41.39 30.91 -56.79
C3 EPH X . -37.30 30.49 -55.04
O1 EPH X . -38.39 31.44 -54.76
O3 EPH X . -37.16 30.05 -56.17
C5 EPH X . -36.33 30.07 -53.94
C6 EPH X . -34.93 29.72 -54.46
C7 EPH X . -34.38 28.44 -53.83
C8 EPH X . -33.10 27.93 -54.49
C9 EPH X . -33.02 26.40 -54.60
C10 EPH X . -32.30 25.73 -53.42
C11 EPH X . -31.39 24.54 -53.81
C12 EPH X . -31.98 23.21 -53.38
C13 EPH X . -31.35 22.08 -53.67
C14 EPH X . -31.93 20.76 -53.25
C15 EPH X . -31.28 19.61 -54.00
C16 EPH X . -31.73 18.36 -53.93
C17 EPH X . -32.93 17.98 -53.07
P1 EPH X . -41.70 31.24 -58.36
O6 EPH X . -42.57 32.48 -58.42
O7 EPH X . -40.40 31.25 -59.13
O8 EPH X . -42.60 30.03 -58.91
C38 EPH X . -42.39 29.47 -60.21
C39 EPH X . -42.60 30.48 -61.32
N1 EPH X . -44.00 30.50 -61.68
#